data_7ONU
#
_entry.id   7ONU
#
loop_
_entity.id
_entity.type
_entity.pdbx_description
1 polymer '3-hydroxyacyl-CoA dehydrogenase type-2'
2 polymer 'Mitochondrial ribonuclease P catalytic subunit'
3 polymer 'tRNA methyltransferase 10 homolog C'
4 polymer 'Mitochondrial Precursor tRNA-Tyr'
5 non-polymer NICOTINAMIDE-ADENINE-DINUCLEOTIDE
6 non-polymer 'ZINC ION'
7 non-polymer 'MAGNESIUM ION'
#
loop_
_entity_poly.entity_id
_entity_poly.type
_entity_poly.pdbx_seq_one_letter_code
_entity_poly.pdbx_strand_id
1 'polypeptide(L)'
;MAAACRSVKGLVAVITGGASGLGLATAERLVGQGASAVLLDLPNSGGEAQAKKLGNNCVFAPADVTSEKDVQTALALAKG
KFGRVDVAVNCAGIAVASKTYNLKKGQTHTLEDFQRVLDVNLMGTFNVIRLVAGEMGQNEPDQGGQRGVIINTASVAAFE
GQVGQAAYSASKGGIVGMTLPIARDLAPIGIRVMTIAPGLFGTPLLTSLPEKVCNFLASQVPFPSRLGDPAEYAHLVQAI
IENPFLNGEVIRLDGAIRMQP
;
A,B,C,D
2 'polypeptide(L)'
;SNAFSLKTMSPQNTKATNLIAKARYLRKDEGSNKQVYSVPHFFLAGAAKERSQMNSQTEDHALAPVRNTIQLPTQPLNSE
EWDKLKEDLKENTGKTSFESWIISQMAGCHSSIDVAKSLLAWVAAKNNGIVSYDLLVKYLYLCVFHMQTSEVIDVFEIMK
ARYKTLEPRGYSLLIRGLIHSDRWREALLLLEDIKKVITPSKKNYNDCIQGALLHQDVNTAWNLYQELLGHDIVPMLETL
KAFFDFGKDIKDDNYSNKLLDILSYLRNNQLYPGESFAHSIKTWFESVPGKQWKGQFTTVRKSGQCSGCGKTIESIQLSP
EEYECLKGKIMRDVIDGGDQYRKTTPQELKRFENFIKSRPPFDVVIDGLNVAKMFPKVRESQLLLNVVSQLAKRNLRLLV
LGRKHMLRRSSQWSRDEMEEVQKQASCFFADDISEDDPFLLYATLHSGNHCRFITRDLMRDHKACLPDAKTQRLFFKWQQ
GHQLAIVNRFPGSKLTFQRILSYDTVVQTTGDSWHIPYDEDLVERCSCEVPTKWLCLHQKT
;
E
3 'polypeptide(L)'
;SNAMSSKIPAVTYPKNESTPPSEELELDKWKTTMKSSVQEECVSTISSSKDEDPLAATREFIEMWRLLGREVPEHITEEE
LKTLMECVSNTAKKKYLKYLYTKEKVKKARQIKKEMKAAAREEAKNIKLLETTEEDKQKNFLFLRLWDRNMDIAMGWKGA
QAMQFGQPLVFDMAYENYMKRKELQNTVSQLLESEGWNRRNVDPFHIYFCNLKIDGALHRELVKRYQEKWDKLLLTSTEK
SHVDLFPKDSIIYLTADSPNVMTTFRHDKVYVIGSFVDKSMQPGTSLAKAKRLNLATECLPLDKYLQWEIGNKNLTLDQM
IRILLCLKNNGNWQEALQFVPKRKHTGFLEISQHSQEFINRLKKAKT
;
F
4 'polyribonucleotide'
;GAGAAUAGUCAACGGUCGGCGAACAUCAGUGGGGGUGAGGUAAAAUGGCUGAGUGAAGCAUUGGACUGUAAAUCUAAAGA
CAGGGGUUAGGCCUCUUUUUACCAGCUCCGAGGUGAUUUUCAAGCUCG
;
T
#
loop_
_chem_comp.id
_chem_comp.type
_chem_comp.name
_chem_comp.formula
A RNA linking ADENOSINE-5'-MONOPHOSPHATE 'C10 H14 N5 O7 P'
C RNA linking CYTIDINE-5'-MONOPHOSPHATE 'C9 H14 N3 O8 P'
G RNA linking GUANOSINE-5'-MONOPHOSPHATE 'C10 H14 N5 O8 P'
MG non-polymer 'MAGNESIUM ION' 'Mg 2'
NAD non-polymer NICOTINAMIDE-ADENINE-DINUCLEOTIDE 'C21 H27 N7 O14 P2'
U RNA linking URIDINE-5'-MONOPHOSPHATE 'C9 H13 N2 O9 P'
ZN non-polymer 'ZINC ION' 'Zn 2'
#
# COMPACT_ATOMS: atom_id res chain seq x y z
N SER A 7 34.79 5.34 -34.57
CA SER A 7 35.41 6.02 -33.44
C SER A 7 34.84 7.43 -33.28
N VAL A 8 34.85 7.93 -32.05
CA VAL A 8 34.35 9.27 -31.76
C VAL A 8 35.46 10.31 -31.70
N LYS A 9 36.72 9.90 -31.87
CA LYS A 9 37.82 10.86 -31.85
C LYS A 9 37.64 11.87 -32.98
N GLY A 10 37.75 13.16 -32.62
CA GLY A 10 37.67 14.23 -33.60
C GLY A 10 36.27 14.67 -33.96
N LEU A 11 35.23 14.02 -33.43
CA LEU A 11 33.87 14.44 -33.72
C LEU A 11 33.47 15.61 -32.84
N VAL A 12 32.45 16.33 -33.30
CA VAL A 12 31.85 17.44 -32.55
C VAL A 12 30.42 17.04 -32.19
N ALA A 13 30.08 17.17 -30.91
CA ALA A 13 28.78 16.78 -30.40
C ALA A 13 28.11 17.96 -29.73
N VAL A 14 26.82 18.13 -30.00
CA VAL A 14 25.98 19.14 -29.36
C VAL A 14 25.01 18.39 -28.47
N ILE A 15 25.21 18.48 -27.16
CA ILE A 15 24.34 17.83 -26.18
C ILE A 15 23.45 18.90 -25.58
N THR A 16 22.14 18.77 -25.79
CA THR A 16 21.20 19.69 -25.16
C THR A 16 20.94 19.24 -23.73
N GLY A 17 20.76 20.22 -22.84
CA GLY A 17 20.65 19.90 -21.44
C GLY A 17 21.88 19.21 -20.91
N GLY A 18 23.06 19.63 -21.38
CA GLY A 18 24.32 19.00 -21.06
C GLY A 18 24.94 19.41 -19.74
N ALA A 19 24.30 20.30 -18.99
CA ALA A 19 24.85 20.75 -17.72
C ALA A 19 24.49 19.87 -16.54
N SER A 20 23.72 18.80 -16.76
CA SER A 20 23.30 17.96 -15.65
C SER A 20 22.89 16.59 -16.16
N GLY A 21 22.96 15.60 -15.27
CA GLY A 21 22.37 14.30 -15.52
C GLY A 21 22.91 13.61 -16.75
N LEU A 22 22.00 13.10 -17.57
CA LEU A 22 22.37 12.26 -18.71
C LEU A 22 23.19 13.03 -19.72
N GLY A 23 22.82 14.28 -20.00
CA GLY A 23 23.59 15.09 -20.92
C GLY A 23 25.00 15.31 -20.43
N LEU A 24 25.17 15.60 -19.14
CA LEU A 24 26.50 15.79 -18.59
C LEU A 24 27.32 14.51 -18.66
N ALA A 25 26.70 13.37 -18.37
CA ALA A 25 27.42 12.10 -18.47
C ALA A 25 27.88 11.83 -19.90
N THR A 26 26.99 12.06 -20.87
CA THR A 26 27.37 11.85 -22.26
C THR A 26 28.51 12.79 -22.66
N ALA A 27 28.44 14.05 -22.25
CA ALA A 27 29.50 14.99 -22.56
C ALA A 27 30.82 14.55 -21.93
N GLU A 28 30.78 14.10 -20.69
CA GLU A 28 31.99 13.64 -20.02
C GLU A 28 32.61 12.48 -20.79
N ARG A 29 31.81 11.48 -21.15
CA ARG A 29 32.34 10.34 -21.86
C ARG A 29 32.92 10.74 -23.22
N LEU A 30 32.19 11.57 -23.97
CA LEU A 30 32.66 11.94 -25.29
C LEU A 30 33.95 12.76 -25.21
N VAL A 31 34.02 13.71 -24.28
CA VAL A 31 35.24 14.51 -24.14
C VAL A 31 36.39 13.64 -23.65
N GLY A 32 36.09 12.59 -22.87
CA GLY A 32 37.13 11.67 -22.47
C GLY A 32 37.58 10.75 -23.58
N GLN A 33 36.77 10.57 -24.61
CA GLN A 33 37.13 9.78 -25.77
C GLN A 33 37.75 10.60 -26.89
N GLY A 34 37.98 11.90 -26.67
CA GLY A 34 38.66 12.74 -27.61
C GLY A 34 37.77 13.64 -28.45
N ALA A 35 36.45 13.49 -28.34
CA ALA A 35 35.54 14.33 -29.11
C ALA A 35 35.42 15.71 -28.47
N SER A 36 34.80 16.62 -29.21
CA SER A 36 34.49 17.96 -28.73
C SER A 36 33.01 18.04 -28.38
N ALA A 37 32.68 18.88 -27.41
CA ALA A 37 31.33 18.91 -26.86
C ALA A 37 30.84 20.35 -26.70
N VAL A 38 29.57 20.55 -27.03
CA VAL A 38 28.87 21.81 -26.80
C VAL A 38 27.70 21.51 -25.88
N LEU A 39 27.75 22.07 -24.67
CA LEU A 39 26.70 21.88 -23.68
C LEU A 39 25.68 22.98 -23.89
N LEU A 40 24.66 22.68 -24.68
CA LEU A 40 23.56 23.62 -24.90
C LEU A 40 22.57 23.49 -23.74
N ASP A 41 22.42 24.56 -22.96
CA ASP A 41 21.56 24.47 -21.79
C ASP A 41 21.17 25.86 -21.33
N LEU A 42 20.26 25.89 -20.35
CA LEU A 42 19.74 27.14 -19.83
C LEU A 42 20.86 27.95 -19.18
N PRO A 43 20.79 29.28 -19.22
CA PRO A 43 21.74 30.08 -18.45
C PRO A 43 21.65 29.83 -16.95
N ASN A 44 20.45 29.54 -16.44
CA ASN A 44 20.27 29.31 -15.01
C ASN A 44 21.04 28.09 -14.51
N SER A 45 21.35 27.14 -15.39
CA SER A 45 22.02 25.93 -14.96
C SER A 45 23.51 26.17 -14.74
N GLY A 46 24.16 25.20 -14.14
CA GLY A 46 25.59 25.29 -13.89
C GLY A 46 26.41 24.84 -15.08
N GLY A 47 26.03 25.30 -16.27
CA GLY A 47 26.73 24.89 -17.47
C GLY A 47 28.14 25.46 -17.55
N GLU A 48 28.34 26.69 -17.08
CA GLU A 48 29.66 27.32 -17.19
C GLU A 48 30.70 26.56 -16.39
N ALA A 49 30.37 26.16 -15.16
CA ALA A 49 31.32 25.44 -14.33
C ALA A 49 31.64 24.08 -14.91
N GLN A 50 30.62 23.36 -15.38
CA GLN A 50 30.86 22.04 -15.96
C GLN A 50 31.70 22.15 -17.22
N ALA A 51 31.43 23.15 -18.05
CA ALA A 51 32.20 23.33 -19.28
C ALA A 51 33.65 23.67 -18.97
N LYS A 52 33.89 24.53 -17.98
CA LYS A 52 35.27 24.81 -17.59
C LYS A 52 35.95 23.57 -17.05
N LYS A 53 35.23 22.79 -16.25
CA LYS A 53 35.81 21.58 -15.67
C LYS A 53 36.18 20.56 -16.73
N LEU A 54 35.32 20.38 -17.74
CA LEU A 54 35.55 19.32 -18.71
C LEU A 54 36.86 19.52 -19.46
N GLY A 55 37.17 20.74 -19.86
CA GLY A 55 38.43 21.05 -20.48
C GLY A 55 38.26 22.07 -21.59
N ASN A 56 39.30 22.18 -22.42
CA ASN A 56 39.27 23.11 -23.53
C ASN A 56 38.38 22.63 -24.67
N ASN A 57 38.10 21.32 -24.75
CA ASN A 57 37.29 20.77 -25.82
C ASN A 57 35.79 20.89 -25.56
N CYS A 58 35.39 21.44 -24.42
CA CYS A 58 33.99 21.61 -24.08
C CYS A 58 33.66 23.09 -24.00
N VAL A 59 32.55 23.48 -24.63
CA VAL A 59 32.09 24.86 -24.61
C VAL A 59 30.62 24.89 -24.21
N PHE A 60 30.23 25.88 -23.42
CA PHE A 60 28.87 25.98 -22.90
C PHE A 60 28.10 27.02 -23.70
N ALA A 61 26.89 26.66 -24.11
CA ALA A 61 26.02 27.53 -24.90
C ALA A 61 24.75 27.82 -24.12
N PRO A 62 24.54 29.03 -23.60
CA PRO A 62 23.27 29.35 -22.93
C PRO A 62 22.16 29.47 -23.95
N ALA A 63 21.18 28.59 -23.86
CA ALA A 63 20.12 28.56 -24.85
C ALA A 63 18.88 27.88 -24.28
N ASP A 64 17.76 28.13 -24.93
CA ASP A 64 16.48 27.50 -24.61
C ASP A 64 16.04 26.71 -25.84
N VAL A 65 15.96 25.38 -25.71
CA VAL A 65 15.66 24.55 -26.87
C VAL A 65 14.30 24.91 -27.46
N THR A 66 13.39 25.43 -26.64
CA THR A 66 12.10 25.87 -27.15
C THR A 66 12.22 27.10 -28.04
N SER A 67 13.32 27.84 -27.94
CA SER A 67 13.51 29.08 -28.67
C SER A 67 14.34 28.83 -29.93
N GLU A 68 13.87 29.35 -31.06
CA GLU A 68 14.60 29.21 -32.31
C GLU A 68 15.88 30.03 -32.30
N LYS A 69 15.80 31.28 -31.84
CA LYS A 69 16.96 32.16 -31.86
C LYS A 69 18.07 31.63 -30.96
N ASP A 70 17.72 31.12 -29.78
CA ASP A 70 18.74 30.60 -28.87
C ASP A 70 19.47 29.40 -29.48
N VAL A 71 18.72 28.47 -30.06
CA VAL A 71 19.36 27.29 -30.63
C VAL A 71 20.21 27.68 -31.84
N GLN A 72 19.74 28.65 -32.62
CA GLN A 72 20.54 29.13 -33.74
C GLN A 72 21.84 29.75 -33.27
N THR A 73 21.78 30.55 -32.20
CA THR A 73 23.00 31.14 -31.65
C THR A 73 23.94 30.07 -31.12
N ALA A 74 23.39 29.04 -30.47
CA ALA A 74 24.22 27.96 -29.95
C ALA A 74 24.90 27.21 -31.09
N LEU A 75 24.18 26.95 -32.17
CA LEU A 75 24.78 26.26 -33.32
C LEU A 75 25.83 27.14 -33.98
N ALA A 76 25.59 28.44 -34.03
CA ALA A 76 26.61 29.36 -34.55
C ALA A 76 27.87 29.31 -33.70
N LEU A 77 27.70 29.28 -32.38
CA LEU A 77 28.86 29.16 -31.50
C LEU A 77 29.61 27.87 -31.73
N ALA A 78 28.88 26.75 -31.85
CA ALA A 78 29.52 25.47 -32.08
C ALA A 78 30.30 25.48 -33.39
N LYS A 79 29.70 26.01 -34.46
CA LYS A 79 30.39 26.08 -35.74
C LYS A 79 31.63 26.97 -35.64
N GLY A 80 31.50 28.13 -34.99
CA GLY A 80 32.63 29.02 -34.88
C GLY A 80 33.78 28.40 -34.13
N LYS A 81 33.48 27.70 -33.03
CA LYS A 81 34.55 27.15 -32.20
C LYS A 81 35.19 25.93 -32.84
N PHE A 82 34.37 24.96 -33.26
CA PHE A 82 34.89 23.70 -33.78
C PHE A 82 34.71 23.52 -35.27
N GLY A 83 33.97 24.40 -35.94
CA GLY A 83 33.91 24.40 -37.39
C GLY A 83 32.86 23.50 -38.01
N ARG A 84 32.17 22.68 -37.21
CA ARG A 84 31.20 21.73 -37.76
C ARG A 84 30.44 21.10 -36.61
N VAL A 85 29.42 20.31 -36.98
CA VAL A 85 28.63 19.54 -36.03
C VAL A 85 28.46 18.14 -36.58
N ASP A 86 28.79 17.14 -35.77
CA ASP A 86 28.75 15.74 -36.20
C ASP A 86 27.67 14.93 -35.50
N VAL A 87 27.35 15.23 -34.24
CA VAL A 87 26.39 14.47 -33.47
C VAL A 87 25.52 15.44 -32.67
N ALA A 88 24.25 15.08 -32.50
CA ALA A 88 23.31 15.88 -31.73
C ALA A 88 22.56 14.98 -30.77
N VAL A 89 22.71 15.23 -29.48
CA VAL A 89 22.05 14.48 -28.42
C VAL A 89 20.98 15.37 -27.81
N ASN A 90 19.76 14.87 -27.74
CA ASN A 90 18.62 15.58 -27.15
C ASN A 90 18.31 14.92 -25.81
N CYS A 91 18.87 15.51 -24.74
CA CYS A 91 18.68 15.04 -23.38
C CYS A 91 18.06 16.11 -22.49
N ALA A 92 17.39 17.09 -23.08
CA ALA A 92 16.80 18.20 -22.35
C ALA A 92 15.30 17.98 -22.22
N GLY A 93 14.81 17.96 -20.99
CA GLY A 93 13.39 17.74 -20.77
C GLY A 93 13.05 17.95 -19.31
N ILE A 94 11.75 17.95 -19.03
CA ILE A 94 11.22 18.12 -17.70
C ILE A 94 10.13 17.09 -17.47
N ALA A 95 9.81 16.87 -16.20
CA ALA A 95 8.79 15.92 -15.81
C ALA A 95 7.76 16.60 -14.92
N VAL A 96 6.53 16.08 -14.96
CA VAL A 96 5.45 16.56 -14.11
C VAL A 96 4.70 15.35 -13.58
N ALA A 97 4.02 15.54 -12.44
CA ALA A 97 3.25 14.48 -11.78
C ALA A 97 1.89 15.04 -11.42
N SER A 98 0.92 14.84 -12.32
CA SER A 98 -0.44 15.31 -12.09
C SER A 98 -1.40 14.36 -12.80
N LYS A 99 -2.46 13.96 -12.10
CA LYS A 99 -3.43 13.05 -12.66
C LYS A 99 -4.37 13.77 -13.62
N THR A 100 -4.89 13.03 -14.60
CA THR A 100 -5.77 13.62 -15.59
C THR A 100 -7.02 14.19 -14.93
N TYR A 101 -7.62 13.43 -14.03
CA TYR A 101 -8.76 13.89 -13.26
C TYR A 101 -8.79 13.16 -11.93
N ASN A 102 -9.20 13.85 -10.88
CA ASN A 102 -9.31 13.28 -9.54
C ASN A 102 -10.74 13.51 -9.06
N LEU A 103 -11.53 12.43 -9.01
CA LEU A 103 -12.94 12.57 -8.67
C LEU A 103 -13.15 12.86 -7.19
N LYS A 104 -12.30 12.31 -6.32
CA LYS A 104 -12.44 12.58 -4.89
C LYS A 104 -12.09 14.02 -4.56
N LYS A 105 -10.96 14.51 -5.07
CA LYS A 105 -10.52 15.87 -4.81
C LYS A 105 -11.09 16.88 -5.81
N GLY A 106 -11.76 16.42 -6.86
CA GLY A 106 -12.30 17.33 -7.86
C GLY A 106 -11.25 18.17 -8.53
N GLN A 107 -10.11 17.58 -8.86
CA GLN A 107 -9.00 18.28 -9.51
C GLN A 107 -8.85 17.78 -10.94
N THR A 108 -8.64 18.73 -11.85
CA THR A 108 -8.44 18.44 -13.26
C THR A 108 -7.05 18.87 -13.67
N HIS A 109 -6.43 18.11 -14.58
CA HIS A 109 -5.11 18.45 -15.06
C HIS A 109 -5.11 19.85 -15.65
N THR A 110 -4.14 20.66 -15.25
CA THR A 110 -4.01 22.00 -15.79
C THR A 110 -3.50 21.94 -17.23
N LEU A 111 -4.12 22.71 -18.12
CA LEU A 111 -3.69 22.71 -19.51
C LEU A 111 -2.33 23.38 -19.68
N GLU A 112 -2.01 24.36 -18.84
CA GLU A 112 -0.69 24.99 -18.91
C GLU A 112 0.41 24.00 -18.57
N ASP A 113 0.17 23.12 -17.59
CA ASP A 113 1.16 22.09 -17.27
C ASP A 113 1.40 21.17 -18.47
N PHE A 114 0.31 20.69 -19.08
CA PHE A 114 0.44 19.84 -20.24
C PHE A 114 1.21 20.53 -21.35
N GLN A 115 0.86 21.80 -21.63
CA GLN A 115 1.50 22.49 -22.73
C GLN A 115 2.96 22.79 -22.44
N ARG A 116 3.30 23.11 -21.19
CA ARG A 116 4.70 23.34 -20.84
C ARG A 116 5.53 22.09 -21.04
N VAL A 117 5.04 20.95 -20.53
CA VAL A 117 5.79 19.70 -20.70
C VAL A 117 5.90 19.36 -22.17
N LEU A 118 4.80 19.53 -22.92
CA LEU A 118 4.82 19.17 -24.34
C LEU A 118 5.78 20.06 -25.12
N ASP A 119 5.86 21.33 -24.76
CA ASP A 119 6.75 22.26 -25.46
C ASP A 119 8.20 21.95 -25.15
N VAL A 120 8.53 21.74 -23.88
CA VAL A 120 9.93 21.49 -23.53
C VAL A 120 10.39 20.16 -24.09
N ASN A 121 9.60 19.10 -23.89
CA ASN A 121 10.06 17.76 -24.23
C ASN A 121 9.92 17.47 -25.72
N LEU A 122 8.76 17.78 -26.31
CA LEU A 122 8.48 17.37 -27.68
C LEU A 122 8.82 18.45 -28.70
N MET A 123 8.46 19.71 -28.42
CA MET A 123 8.71 20.77 -29.39
C MET A 123 10.17 21.19 -29.40
N GLY A 124 10.83 21.20 -28.23
CA GLY A 124 12.24 21.54 -28.19
C GLY A 124 13.11 20.53 -28.92
N THR A 125 12.76 19.25 -28.78
CA THR A 125 13.51 18.21 -29.50
C THR A 125 13.40 18.41 -31.00
N PHE A 126 12.20 18.69 -31.51
CA PHE A 126 12.04 18.91 -32.94
C PHE A 126 12.75 20.19 -33.39
N ASN A 127 12.68 21.24 -32.58
CA ASN A 127 13.40 22.46 -32.92
C ASN A 127 14.89 22.18 -33.08
N VAL A 128 15.47 21.48 -32.11
CA VAL A 128 16.89 21.15 -32.20
C VAL A 128 17.17 20.28 -33.41
N ILE A 129 16.32 19.28 -33.67
CA ILE A 129 16.56 18.37 -34.78
C ILE A 129 16.57 19.14 -36.10
N ARG A 130 15.55 19.98 -36.31
CA ARG A 130 15.44 20.67 -37.59
C ARG A 130 16.53 21.71 -37.77
N LEU A 131 16.91 22.40 -36.69
CA LEU A 131 17.99 23.38 -36.81
C LEU A 131 19.35 22.72 -36.97
N VAL A 132 19.53 21.51 -36.43
CA VAL A 132 20.83 20.85 -36.50
C VAL A 132 20.98 20.11 -37.82
N ALA A 133 19.88 19.66 -38.43
CA ALA A 133 19.98 19.04 -39.74
C ALA A 133 20.56 19.99 -40.77
N GLY A 134 20.29 21.29 -40.63
CA GLY A 134 20.86 22.25 -41.56
C GLY A 134 22.36 22.31 -41.49
N GLU A 135 22.91 22.33 -40.27
CA GLU A 135 24.37 22.38 -40.11
C GLU A 135 25.02 21.03 -40.41
N MET A 136 24.30 19.92 -40.18
CA MET A 136 24.84 18.62 -40.58
C MET A 136 24.89 18.48 -42.10
N GLY A 137 23.90 19.05 -42.79
CA GLY A 137 23.89 18.97 -44.24
C GLY A 137 25.11 19.63 -44.88
N GLN A 138 25.69 20.61 -44.19
CA GLN A 138 26.87 21.28 -44.71
C GLN A 138 28.11 20.40 -44.69
N ASN A 139 28.08 19.28 -43.96
CA ASN A 139 29.23 18.40 -43.88
C ASN A 139 29.38 17.58 -45.16
N GLU A 140 30.62 17.38 -45.57
CA GLU A 140 30.89 16.50 -46.69
C GLU A 140 30.64 15.06 -46.26
N PRO A 141 29.95 14.25 -47.07
CA PRO A 141 29.69 12.87 -46.65
C PRO A 141 30.97 12.12 -46.37
N ASP A 142 30.97 11.34 -45.28
CA ASP A 142 32.08 10.47 -44.98
C ASP A 142 31.96 9.19 -45.82
N GLN A 143 32.96 8.32 -45.71
CA GLN A 143 32.87 7.02 -46.35
C GLN A 143 31.60 6.32 -45.87
N GLY A 144 30.76 5.92 -46.82
CA GLY A 144 29.44 5.42 -46.53
C GLY A 144 28.33 6.43 -46.71
N GLY A 145 28.66 7.72 -46.73
CA GLY A 145 27.71 8.75 -47.06
C GLY A 145 27.03 9.43 -45.88
N GLN A 146 27.50 9.19 -44.66
CA GLN A 146 26.83 9.70 -43.47
C GLN A 146 27.37 11.07 -43.10
N ARG A 147 26.46 12.02 -42.85
CA ARG A 147 26.84 13.36 -42.45
C ARG A 147 26.67 13.63 -40.96
N GLY A 148 25.75 12.94 -40.29
CA GLY A 148 25.54 13.19 -38.88
C GLY A 148 24.72 12.10 -38.23
N VAL A 149 24.57 12.22 -36.92
CA VAL A 149 23.79 11.29 -36.11
C VAL A 149 23.01 12.11 -35.08
N ILE A 150 21.71 11.81 -34.95
CA ILE A 150 20.85 12.46 -33.98
C ILE A 150 20.29 11.39 -33.06
N ILE A 151 20.47 11.58 -31.75
CA ILE A 151 19.98 10.65 -30.73
C ILE A 151 19.07 11.44 -29.81
N ASN A 152 17.80 11.04 -29.74
CA ASN A 152 16.82 11.67 -28.87
C ASN A 152 16.60 10.81 -27.63
N THR A 153 16.16 11.45 -26.54
CA THR A 153 15.86 10.74 -25.31
C THR A 153 14.35 10.72 -25.09
N ALA A 154 13.75 9.56 -25.30
CA ALA A 154 12.37 9.28 -24.92
C ALA A 154 12.36 8.69 -23.52
N SER A 155 11.27 8.06 -23.12
CA SER A 155 11.22 7.35 -21.85
C SER A 155 10.36 6.12 -22.00
N VAL A 156 10.43 5.23 -21.01
CA VAL A 156 9.58 4.05 -21.00
C VAL A 156 8.14 4.39 -20.69
N ALA A 157 7.86 5.63 -20.30
CA ALA A 157 6.49 6.11 -20.18
C ALA A 157 5.79 6.21 -21.52
N ALA A 158 6.53 6.13 -22.63
CA ALA A 158 5.94 6.13 -23.95
C ALA A 158 5.29 4.80 -24.30
N PHE A 159 5.55 3.75 -23.54
CA PHE A 159 4.97 2.42 -23.78
C PHE A 159 4.11 1.94 -22.64
N GLU A 160 4.53 2.15 -21.38
CA GLU A 160 3.67 1.91 -20.22
C GLU A 160 3.87 3.07 -19.24
N GLY A 161 3.06 4.10 -19.41
CA GLY A 161 3.09 5.21 -18.49
C GLY A 161 2.32 4.94 -17.21
N GLN A 162 2.67 5.66 -16.17
CA GLN A 162 2.11 5.45 -14.84
C GLN A 162 0.97 6.42 -14.57
N VAL A 163 0.30 6.19 -13.45
CA VAL A 163 -0.73 7.12 -12.99
C VAL A 163 -0.10 8.47 -12.73
N GLY A 164 -0.76 9.53 -13.20
CA GLY A 164 -0.22 10.87 -13.06
C GLY A 164 0.94 11.18 -13.97
N GLN A 165 1.06 10.46 -15.09
CA GLN A 165 2.17 10.64 -16.02
C GLN A 165 1.66 10.82 -17.44
N ALA A 166 0.46 11.40 -17.60
CA ALA A 166 -0.17 11.50 -18.90
C ALA A 166 0.59 12.43 -19.84
N ALA A 167 0.92 13.63 -19.36
CA ALA A 167 1.58 14.61 -20.24
C ALA A 167 2.99 14.16 -20.62
N TYR A 168 3.75 13.68 -19.64
CA TYR A 168 5.09 13.19 -19.92
C TYR A 168 5.04 12.03 -20.90
N SER A 169 4.09 11.10 -20.71
CA SER A 169 3.94 9.99 -21.62
C SER A 169 3.56 10.48 -23.01
N ALA A 170 2.72 11.52 -23.10
CA ALA A 170 2.34 12.04 -24.41
C ALA A 170 3.55 12.61 -25.14
N SER A 171 4.38 13.38 -24.44
CA SER A 171 5.55 13.97 -25.10
C SER A 171 6.53 12.88 -25.54
N LYS A 172 6.78 11.90 -24.66
CA LYS A 172 7.73 10.85 -25.03
C LYS A 172 7.18 9.96 -26.13
N GLY A 173 5.88 9.71 -26.13
CA GLY A 173 5.28 8.98 -27.23
C GLY A 173 5.34 9.75 -28.53
N GLY A 174 5.26 11.07 -28.47
CA GLY A 174 5.45 11.87 -29.67
C GLY A 174 6.85 11.75 -30.22
N ILE A 175 7.85 11.78 -29.33
CA ILE A 175 9.22 11.59 -29.78
C ILE A 175 9.39 10.22 -30.43
N VAL A 176 8.87 9.18 -29.77
CA VAL A 176 8.97 7.83 -30.33
C VAL A 176 8.26 7.75 -31.68
N GLY A 177 7.11 8.41 -31.80
CA GLY A 177 6.37 8.37 -33.04
C GLY A 177 7.07 9.06 -34.18
N MET A 178 7.68 10.22 -33.91
CA MET A 178 8.34 10.94 -34.99
C MET A 178 9.74 10.43 -35.27
N THR A 179 10.27 9.51 -34.46
CA THR A 179 11.60 8.98 -34.72
C THR A 179 11.74 8.49 -36.16
N LEU A 180 10.82 7.66 -36.63
CA LEU A 180 10.98 7.01 -37.92
C LEU A 180 10.69 7.93 -39.10
N PRO A 181 9.60 8.70 -39.07
CA PRO A 181 9.37 9.65 -40.16
C PRO A 181 10.55 10.59 -40.41
N ILE A 182 11.20 11.07 -39.34
CA ILE A 182 12.36 11.94 -39.53
C ILE A 182 13.55 11.16 -40.06
N ALA A 183 13.69 9.89 -39.65
CA ALA A 183 14.74 9.06 -40.22
C ALA A 183 14.57 8.92 -41.72
N ARG A 184 13.33 8.69 -42.17
CA ARG A 184 13.07 8.61 -43.61
C ARG A 184 13.25 9.96 -44.29
N ASP A 185 12.91 11.06 -43.61
CA ASP A 185 13.13 12.38 -44.17
C ASP A 185 14.61 12.62 -44.43
N LEU A 186 15.46 12.27 -43.47
CA LEU A 186 16.89 12.59 -43.54
C LEU A 186 17.73 11.50 -44.19
N ALA A 187 17.16 10.33 -44.48
CA ALA A 187 17.93 9.29 -45.14
C ALA A 187 18.50 9.73 -46.48
N PRO A 188 17.78 10.46 -47.33
CA PRO A 188 18.37 10.90 -48.60
C PRO A 188 19.69 11.64 -48.44
N ILE A 189 19.83 12.46 -47.38
CA ILE A 189 21.05 13.23 -47.17
C ILE A 189 22.02 12.56 -46.21
N GLY A 190 21.66 11.41 -45.65
CA GLY A 190 22.60 10.61 -44.90
C GLY A 190 22.77 11.01 -43.44
N ILE A 191 21.67 11.22 -42.73
CA ILE A 191 21.70 11.45 -41.29
C ILE A 191 20.88 10.37 -40.61
N ARG A 192 21.43 9.80 -39.55
CA ARG A 192 20.78 8.73 -38.80
C ARG A 192 20.05 9.32 -37.61
N VAL A 193 18.77 9.00 -37.47
CA VAL A 193 17.94 9.48 -36.37
C VAL A 193 17.63 8.27 -35.50
N MET A 194 17.97 8.38 -34.21
CA MET A 194 17.84 7.27 -33.27
C MET A 194 17.20 7.78 -32.00
N THR A 195 16.54 6.88 -31.28
CA THR A 195 15.88 7.21 -30.03
C THR A 195 16.30 6.22 -28.95
N ILE A 196 16.52 6.74 -27.75
CA ILE A 196 16.81 5.93 -26.58
C ILE A 196 15.70 6.17 -25.56
N ALA A 197 15.19 5.09 -24.98
CA ALA A 197 14.11 5.14 -24.00
C ALA A 197 14.63 4.56 -22.69
N PRO A 198 15.27 5.37 -21.85
CA PRO A 198 15.79 4.85 -20.59
C PRO A 198 14.70 4.56 -19.57
N GLY A 199 15.05 3.71 -18.62
CA GLY A 199 14.15 3.38 -17.53
C GLY A 199 14.29 4.38 -16.40
N LEU A 200 14.62 3.90 -15.21
CA LEU A 200 14.83 4.76 -14.05
C LEU A 200 16.32 4.96 -13.85
N PHE A 201 16.76 6.22 -13.90
CA PHE A 201 18.16 6.58 -13.76
C PHE A 201 18.32 7.52 -12.58
N GLY A 202 19.48 7.46 -11.93
CA GLY A 202 19.72 8.29 -10.78
C GLY A 202 20.24 9.66 -11.18
N THR A 203 19.32 10.63 -11.24
CA THR A 203 19.65 11.99 -11.65
C THR A 203 18.81 12.98 -10.86
N PRO A 204 19.09 14.28 -10.97
CA PRO A 204 18.25 15.26 -10.26
C PRO A 204 16.78 15.21 -10.65
N LEU A 205 16.46 14.68 -11.82
CA LEU A 205 15.07 14.60 -12.24
C LEU A 205 14.22 13.80 -11.26
N LEU A 206 14.82 12.83 -10.57
CA LEU A 206 14.12 12.00 -9.61
C LEU A 206 14.11 12.58 -8.21
N THR A 207 14.63 13.80 -8.03
CA THR A 207 14.59 14.42 -6.71
C THR A 207 13.16 14.73 -6.29
N SER A 208 12.27 14.98 -7.24
CA SER A 208 10.88 15.31 -6.90
C SER A 208 10.21 14.16 -6.14
N LEU A 209 10.47 12.93 -6.56
CA LEU A 209 9.83 11.79 -5.93
C LEU A 209 10.33 11.63 -4.50
N PRO A 210 9.52 11.03 -3.61
CA PRO A 210 10.02 10.68 -2.28
C PRO A 210 11.15 9.67 -2.37
N GLU A 211 12.04 9.71 -1.38
CA GLU A 211 13.19 8.80 -1.39
C GLU A 211 12.75 7.35 -1.31
N LYS A 212 11.74 7.06 -0.49
CA LYS A 212 11.29 5.68 -0.34
C LYS A 212 10.63 5.16 -1.61
N VAL A 213 9.92 6.02 -2.34
CA VAL A 213 9.37 5.61 -3.62
C VAL A 213 10.48 5.29 -4.60
N CYS A 214 11.53 6.11 -4.63
CA CYS A 214 12.67 5.83 -5.48
C CYS A 214 13.33 4.50 -5.11
N ASN A 215 13.45 4.24 -3.81
CA ASN A 215 14.04 2.96 -3.38
C ASN A 215 13.18 1.79 -3.81
N PHE A 216 11.86 1.90 -3.67
CA PHE A 216 10.98 0.82 -4.11
C PHE A 216 11.12 0.58 -5.61
N LEU A 217 11.10 1.65 -6.39
CA LEU A 217 11.21 1.48 -7.84
C LEU A 217 12.56 0.87 -8.22
N ALA A 218 13.64 1.31 -7.56
CA ALA A 218 14.94 0.69 -7.81
C ALA A 218 14.92 -0.78 -7.49
N SER A 219 14.27 -1.15 -6.38
CA SER A 219 14.16 -2.56 -6.02
C SER A 219 13.31 -3.35 -7.01
N GLN A 220 12.45 -2.68 -7.78
CA GLN A 220 11.57 -3.36 -8.71
C GLN A 220 12.18 -3.60 -10.09
N VAL A 221 13.42 -3.19 -10.31
CA VAL A 221 14.09 -3.48 -11.58
C VAL A 221 14.55 -4.94 -11.57
N PRO A 222 14.18 -5.75 -12.57
CA PRO A 222 14.61 -7.16 -12.55
C PRO A 222 16.11 -7.33 -12.37
N PHE A 223 16.92 -6.77 -13.25
CA PHE A 223 18.37 -6.82 -13.10
C PHE A 223 19.06 -5.80 -13.99
N PRO A 224 20.00 -5.00 -13.46
CA PRO A 224 20.36 -4.89 -12.05
C PRO A 224 19.28 -4.21 -11.24
N SER A 225 19.07 -4.64 -9.99
CA SER A 225 18.02 -4.08 -9.14
C SER A 225 18.52 -2.79 -8.49
N ARG A 226 18.70 -1.78 -9.33
CA ARG A 226 19.15 -0.47 -8.88
C ARG A 226 18.76 0.56 -9.92
N LEU A 227 18.86 1.83 -9.54
CA LEU A 227 18.67 2.91 -10.49
C LEU A 227 19.80 2.91 -11.52
N GLY A 228 19.45 3.28 -12.74
CA GLY A 228 20.45 3.34 -13.80
C GLY A 228 21.51 4.38 -13.51
N ASP A 229 22.68 4.17 -14.13
CA ASP A 229 23.81 5.07 -13.98
C ASP A 229 23.98 5.88 -15.25
N PRO A 230 24.08 7.22 -15.18
CA PRO A 230 24.19 7.99 -16.42
C PRO A 230 25.37 7.60 -17.29
N ALA A 231 26.44 7.06 -16.71
CA ALA A 231 27.55 6.59 -17.52
C ALA A 231 27.11 5.48 -18.47
N GLU A 232 26.09 4.72 -18.08
CA GLU A 232 25.57 3.64 -18.92
C GLU A 232 24.77 4.19 -20.09
N TYR A 233 23.99 5.26 -19.84
CA TYR A 233 23.35 5.97 -20.93
C TYR A 233 24.39 6.54 -21.89
N ALA A 234 25.49 7.08 -21.36
CA ALA A 234 26.55 7.59 -22.22
C ALA A 234 27.19 6.47 -23.03
N HIS A 235 27.37 5.31 -22.42
CA HIS A 235 27.90 4.16 -23.15
C HIS A 235 27.00 3.79 -24.31
N LEU A 236 25.68 3.73 -24.08
CA LEU A 236 24.77 3.39 -25.17
C LEU A 236 24.77 4.46 -26.24
N VAL A 237 24.88 5.73 -25.84
CA VAL A 237 24.94 6.82 -26.82
C VAL A 237 26.16 6.65 -27.72
N GLN A 238 27.32 6.38 -27.11
CA GLN A 238 28.53 6.18 -27.91
C GLN A 238 28.38 4.97 -28.83
N ALA A 239 27.77 3.90 -28.32
CA ALA A 239 27.56 2.71 -29.15
C ALA A 239 26.69 3.04 -30.36
N ILE A 240 25.65 3.85 -30.18
CA ILE A 240 24.82 4.25 -31.31
C ILE A 240 25.61 5.12 -32.27
N ILE A 241 26.48 5.98 -31.75
CA ILE A 241 27.26 6.86 -32.63
C ILE A 241 28.19 6.04 -33.52
N GLU A 242 28.73 4.94 -33.02
CA GLU A 242 29.75 4.17 -33.72
C GLU A 242 29.19 3.04 -34.57
N ASN A 243 27.87 2.85 -34.59
CA ASN A 243 27.29 1.75 -35.36
C ASN A 243 26.59 2.31 -36.60
N PRO A 244 27.15 2.16 -37.80
CA PRO A 244 26.54 2.81 -38.97
C PRO A 244 25.15 2.31 -39.32
N PHE A 245 24.73 1.15 -38.83
CA PHE A 245 23.53 0.50 -39.33
C PHE A 245 22.35 0.60 -38.35
N LEU A 246 22.47 1.40 -37.30
CA LEU A 246 21.37 1.63 -36.37
C LEU A 246 20.63 2.88 -36.80
N ASN A 247 19.39 2.72 -37.25
CA ASN A 247 18.62 3.84 -37.77
C ASN A 247 17.13 3.61 -37.53
N GLY A 248 16.45 4.65 -37.06
CA GLY A 248 15.00 4.64 -36.97
C GLY A 248 14.44 3.60 -36.02
N GLU A 249 15.10 3.39 -34.89
CA GLU A 249 14.66 2.39 -33.91
C GLU A 249 14.73 3.01 -32.52
N VAL A 250 13.92 2.46 -31.62
CA VAL A 250 13.88 2.88 -30.21
C VAL A 250 14.48 1.76 -29.38
N ILE A 251 15.45 2.11 -28.54
CA ILE A 251 16.14 1.16 -27.67
C ILE A 251 15.73 1.46 -26.24
N ARG A 252 15.27 0.42 -25.52
CA ARG A 252 14.85 0.56 -24.13
C ARG A 252 16.01 0.19 -23.22
N LEU A 253 16.57 1.21 -22.56
CA LEU A 253 17.64 1.01 -21.57
C LEU A 253 17.01 1.10 -20.19
N ASP A 254 16.34 0.02 -19.78
CA ASP A 254 15.54 0.06 -18.58
C ASP A 254 15.71 -1.15 -17.66
N GLY A 255 16.56 -2.10 -18.00
CA GLY A 255 16.78 -3.23 -17.12
C GLY A 255 15.65 -4.23 -17.07
N ALA A 256 14.76 -4.21 -18.06
CA ALA A 256 13.61 -5.11 -18.20
C ALA A 256 12.44 -4.73 -17.32
N ILE A 257 12.46 -3.55 -16.70
CA ILE A 257 11.35 -3.14 -15.85
C ILE A 257 10.15 -2.75 -16.70
N ARG A 258 8.99 -3.30 -16.37
CA ARG A 258 7.71 -2.88 -16.93
C ARG A 258 6.92 -2.22 -15.82
N MET A 259 6.57 -0.96 -16.01
CA MET A 259 5.94 -0.18 -14.95
C MET A 259 4.49 -0.60 -14.75
N GLN A 260 3.99 -0.37 -13.54
CA GLN A 260 2.63 -0.69 -13.16
C GLN A 260 1.92 0.59 -12.71
N PRO A 261 0.59 0.58 -12.65
CA PRO A 261 -0.15 1.81 -12.33
C PRO A 261 0.39 2.51 -11.08
N SER B 7 -26.17 -2.42 -25.37
CA SER B 7 -26.57 -1.66 -26.54
C SER B 7 -26.16 -0.19 -26.40
N VAL B 8 -26.46 0.60 -27.43
CA VAL B 8 -26.14 2.03 -27.44
C VAL B 8 -27.39 2.89 -27.35
N LYS B 9 -28.58 2.29 -27.29
CA LYS B 9 -29.80 3.08 -27.18
C LYS B 9 -29.79 3.89 -25.89
N GLY B 10 -30.14 5.17 -26.00
CA GLY B 10 -30.22 6.04 -24.86
C GLY B 10 -28.92 6.67 -24.43
N LEU B 11 -27.81 6.34 -25.07
CA LEU B 11 -26.52 6.93 -24.73
C LEU B 11 -26.40 8.33 -25.32
N VAL B 12 -25.62 9.16 -24.66
CA VAL B 12 -25.28 10.49 -25.14
C VAL B 12 -23.81 10.48 -25.53
N ALA B 13 -23.53 10.77 -26.81
CA ALA B 13 -22.19 10.75 -27.35
C ALA B 13 -21.82 12.14 -27.82
N VAL B 14 -20.66 12.63 -27.36
CA VAL B 14 -20.10 13.89 -27.82
C VAL B 14 -19.02 13.55 -28.83
N ILE B 15 -19.24 13.88 -30.09
CA ILE B 15 -18.31 13.57 -31.17
C ILE B 15 -17.64 14.86 -31.58
N THR B 16 -16.33 14.95 -31.34
CA THR B 16 -15.55 16.10 -31.77
C THR B 16 -15.19 15.96 -33.24
N GLY B 17 -15.27 17.06 -33.97
CA GLY B 17 -15.09 16.99 -35.41
C GLY B 17 -16.14 16.13 -36.07
N GLY B 18 -17.36 16.16 -35.56
CA GLY B 18 -18.45 15.32 -36.03
C GLY B 18 -19.13 15.80 -37.29
N ALA B 19 -18.72 16.95 -37.83
CA ALA B 19 -19.33 17.45 -39.05
C ALA B 19 -18.82 16.72 -40.30
N SER B 20 -17.59 16.22 -40.25
CA SER B 20 -16.91 15.69 -41.44
C SER B 20 -16.38 14.29 -41.20
N GLY B 21 -16.43 13.48 -42.25
CA GLY B 21 -15.67 12.23 -42.28
C GLY B 21 -16.04 11.25 -41.20
N LEU B 22 -15.02 10.81 -40.46
CA LEU B 22 -15.20 9.72 -39.51
C LEU B 22 -16.15 10.11 -38.38
N GLY B 23 -16.01 11.33 -37.86
CA GLY B 23 -16.91 11.76 -36.80
C GLY B 23 -18.35 11.81 -37.27
N LEU B 24 -18.57 12.32 -38.48
CA LEU B 24 -19.93 12.37 -39.02
C LEU B 24 -20.49 10.96 -39.20
N ALA B 25 -19.68 10.03 -39.71
CA ALA B 25 -20.15 8.66 -39.87
C ALA B 25 -20.52 8.05 -38.53
N THR B 26 -19.69 8.28 -37.51
CA THR B 26 -19.98 7.77 -36.18
C THR B 26 -21.29 8.36 -35.66
N ALA B 27 -21.49 9.66 -35.84
CA ALA B 27 -22.73 10.28 -35.40
C ALA B 27 -23.94 9.68 -36.10
N GLU B 28 -23.85 9.49 -37.43
CA GLU B 28 -24.96 8.87 -38.15
C GLU B 28 -25.26 7.49 -37.60
N ARG B 29 -24.24 6.65 -37.46
CA ARG B 29 -24.49 5.29 -37.01
C ARG B 29 -25.10 5.27 -35.62
N LEU B 30 -24.53 6.04 -34.70
CA LEU B 30 -25.03 6.03 -33.32
C LEU B 30 -26.46 6.56 -33.24
N VAL B 31 -26.76 7.64 -33.98
CA VAL B 31 -28.12 8.17 -33.95
C VAL B 31 -29.09 7.19 -34.59
N GLY B 32 -28.64 6.43 -35.59
CA GLY B 32 -29.49 5.41 -36.18
C GLY B 32 -29.69 4.20 -35.29
N GLN B 33 -28.84 4.01 -34.29
CA GLN B 33 -28.96 2.93 -33.34
C GLN B 33 -29.75 3.32 -32.09
N GLY B 34 -30.29 4.53 -32.05
CA GLY B 34 -31.08 4.99 -30.93
C GLY B 34 -30.37 5.90 -29.95
N ALA B 35 -29.12 6.29 -30.23
CA ALA B 35 -28.36 7.12 -29.31
C ALA B 35 -28.54 8.60 -29.64
N SER B 36 -27.99 9.44 -28.78
CA SER B 36 -28.02 10.89 -28.94
C SER B 36 -26.60 11.40 -29.16
N ALA B 37 -26.48 12.43 -30.00
CA ALA B 37 -25.18 12.93 -30.45
C ALA B 37 -25.08 14.43 -30.28
N VAL B 38 -23.89 14.88 -29.88
CA VAL B 38 -23.58 16.30 -29.75
C VAL B 38 -22.33 16.55 -30.60
N LEU B 39 -22.54 16.93 -31.86
CA LEU B 39 -21.42 17.33 -32.69
C LEU B 39 -20.72 18.51 -32.03
N LEU B 40 -19.39 18.45 -31.98
CA LEU B 40 -18.58 19.49 -31.34
C LEU B 40 -17.53 19.91 -32.35
N ASP B 41 -17.76 21.04 -33.02
CA ASP B 41 -16.93 21.37 -34.17
C ASP B 41 -16.78 22.88 -34.30
N LEU B 42 -15.99 23.30 -35.28
CA LEU B 42 -15.75 24.71 -35.50
C LEU B 42 -17.00 25.38 -36.08
N PRO B 43 -17.20 26.67 -35.82
CA PRO B 43 -18.41 27.33 -36.34
C PRO B 43 -18.52 27.29 -37.86
N ASN B 44 -17.39 27.39 -38.57
CA ASN B 44 -17.39 27.45 -40.02
C ASN B 44 -17.48 26.08 -40.69
N SER B 45 -17.37 24.99 -39.93
CA SER B 45 -17.35 23.67 -40.54
C SER B 45 -18.65 23.38 -41.28
N GLY B 46 -19.78 23.81 -40.72
CA GLY B 46 -21.08 23.55 -41.32
C GLY B 46 -21.78 22.38 -40.66
N GLY B 47 -21.64 22.29 -39.33
CA GLY B 47 -22.28 21.22 -38.59
C GLY B 47 -23.75 21.43 -38.35
N GLU B 48 -24.25 22.66 -38.53
CA GLU B 48 -25.68 22.90 -38.35
C GLU B 48 -26.49 22.07 -39.33
N ALA B 49 -26.08 22.06 -40.59
CA ALA B 49 -26.82 21.30 -41.60
C ALA B 49 -26.83 19.82 -41.29
N GLN B 50 -25.68 19.27 -40.88
CA GLN B 50 -25.62 17.84 -40.59
C GLN B 50 -26.44 17.50 -39.35
N ALA B 51 -26.38 18.35 -38.32
CA ALA B 51 -27.19 18.11 -37.14
C ALA B 51 -28.68 18.13 -37.47
N LYS B 52 -29.09 19.06 -38.35
CA LYS B 52 -30.47 19.06 -38.80
C LYS B 52 -30.80 17.79 -39.57
N LYS B 53 -29.87 17.33 -40.42
CA LYS B 53 -30.12 16.13 -41.20
C LYS B 53 -30.32 14.91 -40.30
N LEU B 54 -29.50 14.76 -39.25
CA LEU B 54 -29.62 13.60 -38.39
C LEU B 54 -30.98 13.57 -37.70
N GLY B 55 -31.40 14.69 -37.13
CA GLY B 55 -32.72 14.76 -36.52
C GLY B 55 -32.74 15.43 -35.17
N ASN B 56 -33.67 15.00 -34.32
CA ASN B 56 -33.86 15.60 -33.00
C ASN B 56 -33.03 14.94 -31.91
N ASN B 57 -32.32 13.87 -32.23
CA ASN B 57 -31.37 13.26 -31.30
C ASN B 57 -29.96 13.79 -31.48
N CYS B 58 -29.75 14.72 -32.41
CA CYS B 58 -28.44 15.30 -32.68
C CYS B 58 -28.50 16.80 -32.50
N VAL B 59 -27.49 17.36 -31.84
CA VAL B 59 -27.36 18.80 -31.66
C VAL B 59 -25.93 19.19 -32.03
N PHE B 60 -25.75 20.45 -32.38
CA PHE B 60 -24.46 20.97 -32.82
C PHE B 60 -23.94 21.98 -31.80
N ALA B 61 -22.62 21.96 -31.60
CA ALA B 61 -21.96 22.84 -30.64
C ALA B 61 -20.73 23.47 -31.29
N PRO B 62 -20.76 24.76 -31.60
CA PRO B 62 -19.55 25.43 -32.09
C PRO B 62 -18.48 25.44 -31.02
N ALA B 63 -17.34 24.81 -31.30
CA ALA B 63 -16.26 24.74 -30.33
C ALA B 63 -14.94 24.58 -31.05
N ASP B 64 -13.88 24.96 -30.34
CA ASP B 64 -12.51 24.75 -30.78
C ASP B 64 -11.80 23.95 -29.69
N VAL B 65 -11.55 22.67 -29.96
CA VAL B 65 -11.00 21.79 -28.93
C VAL B 65 -9.73 22.35 -28.32
N THR B 66 -9.04 23.25 -29.03
CA THR B 66 -7.81 23.82 -28.51
C THR B 66 -8.04 24.79 -27.37
N SER B 67 -9.28 25.26 -27.18
CA SER B 67 -9.59 26.28 -26.18
C SER B 67 -10.47 25.67 -25.09
N GLU B 68 -10.10 25.93 -23.84
CA GLU B 68 -10.82 25.35 -22.71
C GLU B 68 -12.26 25.86 -22.63
N LYS B 69 -12.46 27.16 -22.82
CA LYS B 69 -13.79 27.73 -22.65
C LYS B 69 -14.78 27.17 -23.67
N ASP B 70 -14.35 27.00 -24.92
CA ASP B 70 -15.25 26.47 -25.94
C ASP B 70 -15.70 25.06 -25.60
N VAL B 71 -14.76 24.21 -25.16
CA VAL B 71 -15.12 22.85 -24.80
C VAL B 71 -16.04 22.83 -23.58
N GLN B 72 -15.78 23.72 -22.62
CA GLN B 72 -16.65 23.80 -21.45
C GLN B 72 -18.06 24.20 -21.85
N THR B 73 -18.20 25.18 -22.74
CA THR B 73 -19.53 25.59 -23.18
C THR B 73 -20.21 24.48 -23.98
N ALA B 74 -19.45 23.76 -24.80
CA ALA B 74 -20.04 22.66 -25.56
C ALA B 74 -20.54 21.55 -24.63
N LEU B 75 -19.76 21.23 -23.60
CA LEU B 75 -20.20 20.22 -22.64
C LEU B 75 -21.40 20.69 -21.84
N ALA B 76 -21.45 21.97 -21.49
CA ALA B 76 -22.62 22.52 -20.82
C ALA B 76 -23.85 22.41 -21.72
N LEU B 77 -23.69 22.70 -23.01
CA LEU B 77 -24.80 22.55 -23.95
C LEU B 77 -25.26 21.11 -24.02
N ALA B 78 -24.32 20.17 -24.09
CA ALA B 78 -24.69 18.76 -24.14
C ALA B 78 -25.45 18.35 -22.89
N LYS B 79 -24.95 18.77 -21.72
CA LYS B 79 -25.62 18.42 -20.46
C LYS B 79 -27.02 19.01 -20.41
N GLY B 80 -27.17 20.28 -20.84
CA GLY B 80 -28.50 20.88 -20.83
C GLY B 80 -29.46 20.19 -21.78
N LYS B 81 -28.98 19.82 -22.97
CA LYS B 81 -29.86 19.22 -23.96
C LYS B 81 -30.28 17.81 -23.55
N PHE B 82 -29.33 16.99 -23.11
CA PHE B 82 -29.60 15.59 -22.83
C PHE B 82 -29.41 15.20 -21.37
N GLY B 83 -28.78 16.04 -20.55
CA GLY B 83 -28.69 15.77 -19.13
C GLY B 83 -27.58 14.83 -18.71
N ARG B 84 -26.80 14.30 -19.65
CA ARG B 84 -25.83 13.27 -19.33
C ARG B 84 -24.87 13.13 -20.49
N VAL B 85 -23.63 12.74 -20.18
CA VAL B 85 -22.62 12.44 -21.18
C VAL B 85 -22.13 11.02 -20.92
N ASP B 86 -22.27 10.15 -21.92
CA ASP B 86 -21.91 8.74 -21.79
C ASP B 86 -20.66 8.37 -22.57
N VAL B 87 -20.51 8.87 -23.80
CA VAL B 87 -19.38 8.54 -24.64
C VAL B 87 -18.79 9.81 -25.23
N ALA B 88 -17.49 9.77 -25.50
CA ALA B 88 -16.79 10.90 -26.11
C ALA B 88 -15.89 10.34 -27.22
N VAL B 89 -16.20 10.70 -28.46
CA VAL B 89 -15.46 10.23 -29.63
C VAL B 89 -14.63 11.39 -30.14
N ASN B 90 -13.31 11.27 -30.00
CA ASN B 90 -12.37 12.34 -30.33
C ASN B 90 -11.83 12.09 -31.73
N CYS B 91 -12.40 12.79 -32.72
CA CYS B 91 -12.04 12.64 -34.12
C CYS B 91 -11.52 13.93 -34.75
N ALA B 92 -11.44 15.02 -34.00
CA ALA B 92 -10.92 16.26 -34.56
C ALA B 92 -9.43 16.14 -34.85
N GLY B 93 -8.98 16.81 -35.90
CA GLY B 93 -7.58 16.81 -36.24
C GLY B 93 -7.33 17.50 -37.55
N ILE B 94 -6.06 17.83 -37.77
CA ILE B 94 -5.59 18.43 -39.02
C ILE B 94 -4.32 17.69 -39.45
N ALA B 95 -3.98 17.86 -40.72
CA ALA B 95 -2.82 17.20 -41.31
C ALA B 95 -1.96 18.22 -42.02
N VAL B 96 -0.64 18.02 -41.92
CA VAL B 96 0.33 18.84 -42.64
C VAL B 96 1.35 17.90 -43.28
N ALA B 97 1.82 18.28 -44.46
CA ALA B 97 2.78 17.48 -45.22
C ALA B 97 3.98 18.37 -45.53
N SER B 98 5.03 18.24 -44.72
CA SER B 98 6.25 19.01 -44.90
C SER B 98 7.43 18.20 -44.40
N LYS B 99 8.54 18.28 -45.11
CA LYS B 99 9.75 17.52 -44.77
C LYS B 99 10.57 18.26 -43.73
N THR B 100 11.20 17.49 -42.85
CA THR B 100 11.98 18.08 -41.77
C THR B 100 13.05 19.02 -42.31
N TYR B 101 13.81 18.56 -43.31
CA TYR B 101 14.83 19.38 -43.92
C TYR B 101 15.04 18.89 -45.35
N ASN B 102 15.25 19.84 -46.27
CA ASN B 102 15.45 19.54 -47.68
C ASN B 102 16.79 20.15 -48.09
N LEU B 103 17.79 19.30 -48.30
CA LEU B 103 19.13 19.79 -48.57
C LEU B 103 19.21 20.46 -49.93
N LYS B 104 18.68 19.80 -50.96
CA LYS B 104 18.76 20.37 -52.31
C LYS B 104 18.02 21.70 -52.38
N LYS B 105 16.83 21.77 -51.79
CA LYS B 105 16.02 22.97 -51.80
C LYS B 105 16.40 23.95 -50.70
N GLY B 106 17.25 23.55 -49.76
CA GLY B 106 17.66 24.44 -48.68
C GLY B 106 16.52 24.88 -47.80
N GLN B 107 15.52 24.02 -47.59
CA GLN B 107 14.30 24.36 -46.87
C GLN B 107 14.24 23.60 -45.56
N THR B 108 13.74 24.26 -44.53
CA THR B 108 13.64 23.69 -43.19
C THR B 108 12.18 23.74 -42.72
N HIS B 109 11.79 22.71 -41.98
CA HIS B 109 10.46 22.68 -41.39
C HIS B 109 10.25 23.89 -40.50
N THR B 110 9.08 24.52 -40.60
CA THR B 110 8.76 25.65 -39.76
C THR B 110 8.25 25.16 -38.41
N LEU B 111 8.69 25.83 -37.34
CA LEU B 111 8.18 25.51 -36.01
C LEU B 111 6.71 25.84 -35.88
N GLU B 112 6.19 26.75 -36.70
CA GLU B 112 4.79 27.13 -36.60
C GLU B 112 3.88 26.00 -37.06
N ASP B 113 4.20 25.34 -38.16
CA ASP B 113 3.39 24.22 -38.62
C ASP B 113 3.40 23.09 -37.60
N PHE B 114 4.58 22.76 -37.07
CA PHE B 114 4.69 21.73 -36.05
C PHE B 114 3.85 22.09 -34.84
N GLN B 115 3.96 23.33 -34.37
CA GLN B 115 3.21 23.76 -33.19
C GLN B 115 1.71 23.71 -33.45
N ARG B 116 1.27 24.14 -34.63
CA ARG B 116 -0.16 24.16 -34.92
C ARG B 116 -0.72 22.74 -34.96
N VAL B 117 -0.05 21.84 -35.68
CA VAL B 117 -0.52 20.47 -35.76
C VAL B 117 -0.52 19.83 -34.38
N LEU B 118 0.57 20.03 -33.63
CA LEU B 118 0.66 19.45 -32.30
C LEU B 118 -0.48 19.93 -31.42
N ASP B 119 -0.67 21.25 -31.33
CA ASP B 119 -1.79 21.80 -30.59
C ASP B 119 -3.08 21.07 -30.99
N VAL B 120 -3.49 21.22 -32.24
CA VAL B 120 -4.83 20.80 -32.63
C VAL B 120 -5.03 19.31 -32.35
N ASN B 121 -4.05 18.48 -32.72
CA ASN B 121 -4.26 17.04 -32.60
C ASN B 121 -4.09 16.54 -31.17
N LEU B 122 -2.98 16.86 -30.52
CA LEU B 122 -2.64 16.28 -29.24
C LEU B 122 -3.17 17.11 -28.07
N MET B 123 -2.89 18.42 -28.07
CA MET B 123 -3.32 19.24 -26.94
C MET B 123 -4.83 19.36 -26.88
N GLY B 124 -5.48 19.51 -28.02
CA GLY B 124 -6.93 19.56 -28.04
C GLY B 124 -7.56 18.25 -27.60
N THR B 125 -6.96 17.13 -28.01
CA THR B 125 -7.46 15.83 -27.57
C THR B 125 -7.35 15.70 -26.05
N PHE B 126 -6.21 16.10 -25.48
CA PHE B 126 -6.08 16.04 -24.04
C PHE B 126 -7.06 16.97 -23.34
N ASN B 127 -7.27 18.16 -23.89
CA ASN B 127 -8.20 19.12 -23.30
C ASN B 127 -9.62 18.53 -23.25
N VAL B 128 -10.07 17.97 -24.38
CA VAL B 128 -11.38 17.35 -24.40
C VAL B 128 -11.45 16.18 -23.44
N ILE B 129 -10.40 15.36 -23.39
CA ILE B 129 -10.43 14.20 -22.51
C ILE B 129 -10.55 14.63 -21.06
N ARG B 130 -9.76 15.63 -20.65
CA ARG B 130 -9.74 16.02 -19.25
C ARG B 130 -11.04 16.72 -18.84
N LEU B 131 -11.66 17.46 -19.76
CA LEU B 131 -12.95 18.07 -19.41
C LEU B 131 -14.08 17.04 -19.41
N VAL B 132 -14.07 16.11 -20.37
CA VAL B 132 -15.14 15.12 -20.42
C VAL B 132 -15.01 14.10 -19.31
N ALA B 133 -13.80 13.88 -18.78
CA ALA B 133 -13.66 13.02 -17.62
C ALA B 133 -14.38 13.63 -16.41
N GLY B 134 -14.19 14.92 -16.19
CA GLY B 134 -14.94 15.58 -15.13
C GLY B 134 -16.43 15.56 -15.38
N GLU B 135 -16.84 15.69 -16.64
CA GLU B 135 -18.25 15.58 -16.97
C GLU B 135 -18.80 14.20 -16.64
N MET B 136 -18.06 13.15 -16.98
CA MET B 136 -18.52 11.78 -16.75
C MET B 136 -18.43 11.37 -15.29
N GLY B 137 -17.61 12.05 -14.49
CA GLY B 137 -17.54 11.73 -13.07
C GLY B 137 -18.87 11.90 -12.35
N GLN B 138 -19.80 12.66 -12.94
CA GLN B 138 -21.11 12.87 -12.33
C GLN B 138 -22.06 11.70 -12.54
N ASN B 139 -21.75 10.78 -13.44
CA ASN B 139 -22.65 9.68 -13.72
C ASN B 139 -22.66 8.69 -12.56
N GLU B 140 -23.81 8.08 -12.32
CA GLU B 140 -23.90 6.98 -11.38
C GLU B 140 -23.44 5.70 -12.07
N PRO B 141 -22.48 4.97 -11.49
CA PRO B 141 -22.01 3.75 -12.17
C PRO B 141 -23.15 2.78 -12.40
N ASP B 142 -23.17 2.19 -13.58
CA ASP B 142 -24.11 1.13 -13.87
C ASP B 142 -23.56 -0.19 -13.34
N GLN B 143 -24.34 -1.27 -13.47
CA GLN B 143 -23.82 -2.58 -13.12
C GLN B 143 -22.55 -2.84 -13.90
N GLY B 144 -21.51 -3.26 -13.18
CA GLY B 144 -20.17 -3.29 -13.72
C GLY B 144 -19.35 -2.07 -13.38
N GLY B 145 -19.99 -1.00 -12.90
CA GLY B 145 -19.27 0.16 -12.41
C GLY B 145 -18.77 1.10 -13.48
N GLN B 146 -19.39 1.12 -14.65
CA GLN B 146 -18.92 1.92 -15.77
C GLN B 146 -19.63 3.27 -15.80
N ARG B 147 -18.85 4.34 -15.90
CA ARG B 147 -19.39 5.68 -16.04
C ARG B 147 -19.36 6.20 -17.48
N GLY B 148 -18.28 5.97 -18.22
CA GLY B 148 -18.20 6.49 -19.57
C GLY B 148 -17.15 5.80 -20.39
N VAL B 149 -17.08 6.19 -21.66
CA VAL B 149 -16.11 5.66 -22.61
C VAL B 149 -15.54 6.83 -23.40
N ILE B 150 -14.24 6.82 -23.61
CA ILE B 150 -13.55 7.81 -24.44
C ILE B 150 -12.80 7.07 -25.53
N ILE B 151 -13.02 7.47 -26.78
CA ILE B 151 -12.46 6.78 -27.94
C ILE B 151 -11.73 7.82 -28.78
N ASN B 152 -10.40 7.81 -28.73
CA ASN B 152 -9.58 8.72 -29.51
C ASN B 152 -9.27 8.14 -30.88
N THR B 153 -8.97 9.02 -31.84
CA THR B 153 -8.48 8.61 -33.14
C THR B 153 -7.02 9.00 -33.29
N ALA B 154 -6.21 8.09 -33.82
CA ALA B 154 -4.78 8.34 -34.01
C ALA B 154 -4.28 7.46 -35.14
N SER B 155 -3.87 8.09 -36.24
CA SER B 155 -3.56 7.35 -37.47
C SER B 155 -2.48 6.30 -37.23
N VAL B 156 -2.31 5.44 -38.24
CA VAL B 156 -1.19 4.51 -38.26
C VAL B 156 0.14 5.22 -38.45
N ALA B 157 0.13 6.51 -38.75
CA ALA B 157 1.36 7.28 -38.79
C ALA B 157 2.06 7.30 -37.44
N ALA B 158 1.34 6.99 -36.37
CA ALA B 158 1.96 6.86 -35.05
C ALA B 158 3.01 5.76 -35.07
N PHE B 159 2.78 4.70 -35.83
CA PHE B 159 3.67 3.54 -35.86
C PHE B 159 4.67 3.62 -37.00
N GLU B 160 4.20 3.74 -38.25
CA GLU B 160 5.06 4.00 -39.40
C GLU B 160 4.55 5.24 -40.10
N GLY B 161 5.36 6.28 -40.14
CA GLY B 161 5.01 7.54 -40.77
C GLY B 161 5.80 7.75 -42.04
N GLN B 162 5.14 8.27 -43.07
CA GLN B 162 5.78 8.46 -44.36
C GLN B 162 6.60 9.76 -44.36
N VAL B 163 7.42 9.89 -45.39
CA VAL B 163 8.24 11.09 -45.55
C VAL B 163 7.34 12.32 -45.53
N GLY B 164 7.66 13.27 -44.67
CA GLY B 164 6.91 14.49 -44.56
C GLY B 164 5.80 14.49 -43.53
N GLN B 165 5.71 13.45 -42.69
CA GLN B 165 4.68 13.36 -41.65
C GLN B 165 5.28 13.48 -40.25
N ALA B 166 6.36 14.22 -40.10
CA ALA B 166 7.03 14.30 -38.81
C ALA B 166 6.10 14.86 -37.73
N ALA B 167 5.41 15.96 -38.03
CA ALA B 167 4.53 16.58 -37.04
C ALA B 167 3.28 15.73 -36.81
N TYR B 168 2.68 15.23 -37.88
CA TYR B 168 1.51 14.37 -37.74
C TYR B 168 1.86 13.10 -36.98
N SER B 169 3.00 12.50 -37.31
CA SER B 169 3.46 11.32 -36.59
C SER B 169 3.70 11.65 -35.12
N ALA B 170 4.28 12.83 -34.83
CA ALA B 170 4.50 13.21 -33.44
C ALA B 170 3.20 13.30 -32.67
N SER B 171 2.19 13.96 -33.25
CA SER B 171 0.93 14.13 -32.53
C SER B 171 0.22 12.80 -32.33
N LYS B 172 0.18 11.96 -33.36
CA LYS B 172 -0.52 10.68 -33.21
C LYS B 172 0.25 9.74 -32.29
N GLY B 173 1.58 9.78 -32.32
CA GLY B 173 2.35 9.01 -31.36
C GLY B 173 2.13 9.49 -29.94
N GLY B 174 1.94 10.79 -29.75
CA GLY B 174 1.60 11.30 -28.44
C GLY B 174 0.26 10.77 -27.95
N ILE B 175 -0.74 10.77 -28.83
CA ILE B 175 -2.04 10.22 -28.44
C ILE B 175 -1.91 8.74 -28.06
N VAL B 176 -1.21 7.97 -28.89
CA VAL B 176 -1.03 6.54 -28.61
C VAL B 176 -0.27 6.36 -27.30
N GLY B 177 0.70 7.23 -27.03
CA GLY B 177 1.49 7.11 -25.82
C GLY B 177 0.69 7.39 -24.57
N MET B 178 -0.19 8.39 -24.61
CA MET B 178 -0.97 8.74 -23.43
C MET B 178 -2.27 7.97 -23.32
N THR B 179 -2.59 7.09 -24.27
CA THR B 179 -3.81 6.31 -24.14
C THR B 179 -3.83 5.49 -22.84
N LEU B 180 -2.71 4.85 -22.50
CA LEU B 180 -2.68 3.95 -21.35
C LEU B 180 -2.56 4.69 -20.02
N PRO B 181 -1.70 5.71 -19.91
CA PRO B 181 -1.67 6.48 -18.66
C PRO B 181 -3.03 7.03 -18.26
N ILE B 182 -3.80 7.53 -19.23
CA ILE B 182 -5.11 8.09 -18.92
C ILE B 182 -6.07 6.98 -18.52
N ALA B 183 -5.98 5.82 -19.16
CA ALA B 183 -6.82 4.69 -18.78
C ALA B 183 -6.54 4.27 -17.34
N ARG B 184 -5.26 4.20 -16.96
CA ARG B 184 -4.94 3.87 -15.58
C ARG B 184 -5.40 4.96 -14.62
N ASP B 185 -5.28 6.23 -15.02
CA ASP B 185 -5.76 7.32 -14.18
C ASP B 185 -7.25 7.20 -13.93
N LEU B 186 -8.02 6.96 -14.98
CA LEU B 186 -9.48 6.97 -14.90
C LEU B 186 -10.08 5.62 -14.55
N ALA B 187 -9.24 4.59 -14.35
CA ALA B 187 -9.79 3.28 -13.98
C ALA B 187 -10.59 3.34 -12.69
N PRO B 188 -10.12 3.97 -11.62
CA PRO B 188 -10.96 4.09 -10.41
C PRO B 188 -12.32 4.71 -10.67
N ILE B 189 -12.39 5.75 -11.50
CA ILE B 189 -13.66 6.38 -11.81
C ILE B 189 -14.57 5.46 -12.60
N GLY B 190 -14.00 4.55 -13.37
CA GLY B 190 -14.80 3.64 -14.18
C GLY B 190 -15.02 4.12 -15.58
N ILE B 191 -14.00 4.75 -16.18
CA ILE B 191 -14.06 5.25 -17.54
C ILE B 191 -13.08 4.44 -18.38
N ARG B 192 -13.58 3.90 -19.50
CA ARG B 192 -12.77 3.13 -20.41
C ARG B 192 -12.20 4.04 -21.50
N VAL B 193 -10.89 4.01 -21.67
CA VAL B 193 -10.20 4.83 -22.65
C VAL B 193 -9.60 3.91 -23.70
N MET B 194 -10.08 4.05 -24.93
CA MET B 194 -9.64 3.24 -26.05
C MET B 194 -9.21 4.14 -27.20
N THR B 195 -8.38 3.61 -28.08
CA THR B 195 -7.87 4.36 -29.22
C THR B 195 -8.01 3.52 -30.49
N ILE B 196 -8.48 4.17 -31.55
CA ILE B 196 -8.56 3.55 -32.88
C ILE B 196 -7.47 4.18 -33.74
N ALA B 197 -6.85 3.37 -34.59
CA ALA B 197 -5.77 3.80 -35.45
C ALA B 197 -6.11 3.44 -36.89
N PRO B 198 -6.93 4.26 -37.55
CA PRO B 198 -7.35 3.94 -38.91
C PRO B 198 -6.20 4.07 -39.90
N GLY B 199 -6.30 3.33 -40.99
CA GLY B 199 -5.35 3.42 -42.07
C GLY B 199 -5.75 4.49 -43.06
N LEU B 200 -6.00 4.09 -44.30
CA LEU B 200 -6.43 5.00 -45.35
C LEU B 200 -7.95 4.91 -45.49
N PHE B 201 -8.62 6.04 -45.39
CA PHE B 201 -10.07 6.11 -45.39
C PHE B 201 -10.53 7.16 -46.39
N GLY B 202 -11.72 6.97 -46.92
CA GLY B 202 -12.25 7.90 -47.90
C GLY B 202 -12.92 9.09 -47.27
N THR B 203 -12.19 10.19 -47.15
CA THR B 203 -12.68 11.39 -46.48
C THR B 203 -12.03 12.59 -47.15
N PRO B 204 -12.48 13.80 -46.82
CA PRO B 204 -11.85 14.98 -47.41
C PRO B 204 -10.34 15.04 -47.19
N LEU B 205 -9.88 14.65 -46.00
CA LEU B 205 -8.46 14.68 -45.70
C LEU B 205 -7.66 13.88 -46.73
N LEU B 206 -8.08 12.63 -46.97
CA LEU B 206 -7.36 11.80 -47.94
C LEU B 206 -7.49 12.35 -49.35
N THR B 207 -8.72 12.64 -49.77
CA THR B 207 -8.95 13.03 -51.16
C THR B 207 -8.34 14.39 -51.49
N SER B 208 -7.88 15.15 -50.50
CA SER B 208 -7.25 16.44 -50.79
C SER B 208 -6.00 16.25 -51.64
N LEU B 209 -5.14 15.30 -51.28
CA LEU B 209 -3.87 15.13 -51.98
C LEU B 209 -4.08 14.48 -53.35
N PRO B 210 -3.08 14.63 -54.26
CA PRO B 210 -3.23 14.15 -55.65
C PRO B 210 -4.00 12.85 -55.83
N GLU B 211 -4.99 12.86 -56.73
CA GLU B 211 -5.95 11.76 -56.82
C GLU B 211 -5.30 10.44 -57.21
N LYS B 212 -4.40 10.45 -58.20
CA LYS B 212 -3.81 9.19 -58.63
C LYS B 212 -2.91 8.62 -57.55
N VAL B 213 -2.35 9.49 -56.70
CA VAL B 213 -1.64 9.01 -55.52
C VAL B 213 -2.59 8.25 -54.61
N CYS B 214 -3.81 8.79 -54.44
CA CYS B 214 -4.80 8.07 -53.63
C CYS B 214 -5.18 6.74 -54.25
N ASN B 215 -5.28 6.67 -55.58
CA ASN B 215 -5.63 5.39 -56.19
C ASN B 215 -4.50 4.38 -56.04
N PHE B 216 -3.26 4.84 -56.20
CA PHE B 216 -2.12 3.99 -55.88
C PHE B 216 -2.19 3.49 -54.43
N LEU B 217 -2.42 4.42 -53.49
CA LEU B 217 -2.48 4.05 -52.09
C LEU B 217 -3.58 3.02 -51.83
N ALA B 218 -4.71 3.15 -52.52
CA ALA B 218 -5.79 2.18 -52.39
C ALA B 218 -5.35 0.82 -52.89
N SER B 219 -4.65 0.79 -54.04
CA SER B 219 -4.14 -0.49 -54.53
C SER B 219 -3.15 -1.11 -53.54
N GLN B 220 -2.55 -0.31 -52.67
CA GLN B 220 -1.56 -0.83 -51.72
C GLN B 220 -2.19 -1.50 -50.50
N VAL B 221 -3.49 -1.34 -50.28
CA VAL B 221 -4.14 -2.00 -49.15
C VAL B 221 -4.29 -3.47 -49.48
N PRO B 222 -3.68 -4.39 -48.71
CA PRO B 222 -3.77 -5.81 -49.06
C PRO B 222 -5.18 -6.31 -49.31
N PHE B 223 -6.10 -6.10 -48.37
CA PHE B 223 -7.48 -6.52 -48.57
C PHE B 223 -8.34 -5.95 -47.45
N PRO B 224 -9.48 -5.31 -47.76
CA PRO B 224 -9.96 -4.94 -49.10
C PRO B 224 -9.10 -3.85 -49.73
N SER B 225 -8.89 -3.91 -51.05
CA SER B 225 -8.02 -2.94 -51.71
C SER B 225 -8.60 -1.54 -51.62
N ARG B 226 -9.90 -1.40 -51.85
CA ARG B 226 -10.54 -0.09 -51.76
C ARG B 226 -10.22 0.57 -50.43
N LEU B 227 -10.14 1.91 -50.45
CA LEU B 227 -9.90 2.69 -49.23
C LEU B 227 -10.92 2.33 -48.17
N GLY B 228 -10.61 2.64 -46.91
CA GLY B 228 -11.53 2.37 -45.84
C GLY B 228 -12.82 3.16 -45.99
N ASP B 229 -13.87 2.65 -45.36
CA ASP B 229 -15.19 3.26 -45.39
C ASP B 229 -15.53 3.82 -44.03
N PRO B 230 -15.86 5.12 -43.91
CA PRO B 230 -16.17 5.66 -42.58
C PRO B 230 -17.29 4.93 -41.85
N ALA B 231 -18.24 4.35 -42.57
CA ALA B 231 -19.26 3.56 -41.90
C ALA B 231 -18.65 2.41 -41.12
N GLU B 232 -17.51 1.89 -41.59
CA GLU B 232 -16.84 0.80 -40.90
C GLU B 232 -16.07 1.30 -39.68
N TYR B 233 -15.53 2.52 -39.75
CA TYR B 233 -15.04 3.17 -38.54
C TYR B 233 -16.14 3.30 -37.50
N ALA B 234 -17.35 3.69 -37.94
CA ALA B 234 -18.47 3.78 -37.01
C ALA B 234 -18.82 2.43 -36.43
N HIS B 235 -18.78 1.38 -37.26
CA HIS B 235 -19.03 0.02 -36.77
C HIS B 235 -18.04 -0.34 -35.68
N LEU B 236 -16.75 -0.07 -35.88
CA LEU B 236 -15.76 -0.41 -34.88
C LEU B 236 -15.94 0.42 -33.61
N VAL B 237 -16.31 1.70 -33.76
CA VAL B 237 -16.55 2.52 -32.58
C VAL B 237 -17.71 1.95 -31.77
N GLN B 238 -18.79 1.54 -32.45
CA GLN B 238 -19.90 0.93 -31.74
C GLN B 238 -19.47 -0.36 -31.05
N ALA B 239 -18.64 -1.16 -31.73
CA ALA B 239 -18.15 -2.39 -31.10
C ALA B 239 -17.38 -2.08 -29.84
N ILE B 240 -16.57 -1.02 -29.86
CA ILE B 240 -15.80 -0.65 -28.66
C ILE B 240 -16.74 -0.17 -27.56
N ILE B 241 -17.80 0.55 -27.92
CA ILE B 241 -18.74 1.03 -26.91
C ILE B 241 -19.47 -0.12 -26.23
N GLU B 242 -19.73 -1.20 -26.97
CA GLU B 242 -20.55 -2.30 -26.48
C GLU B 242 -19.75 -3.42 -25.83
N ASN B 243 -18.42 -3.31 -25.74
CA ASN B 243 -17.61 -4.35 -25.14
C ASN B 243 -17.06 -3.89 -23.80
N PRO B 244 -17.53 -4.45 -22.67
CA PRO B 244 -17.08 -3.93 -21.37
C PRO B 244 -15.59 -4.09 -21.11
N PHE B 245 -14.91 -5.02 -21.77
CA PHE B 245 -13.54 -5.40 -21.38
C PHE B 245 -12.49 -4.85 -22.33
N LEU B 246 -12.85 -3.93 -23.22
CA LEU B 246 -11.87 -3.25 -24.09
C LEU B 246 -11.43 -1.97 -23.40
N ASN B 247 -10.16 -1.90 -23.01
CA ASN B 247 -9.66 -0.76 -22.28
C ASN B 247 -8.15 -0.67 -22.44
N GLY B 248 -7.66 0.54 -22.68
CA GLY B 248 -6.23 0.79 -22.74
C GLY B 248 -5.51 0.12 -23.89
N GLU B 249 -6.16 0.03 -25.05
CA GLU B 249 -5.59 -0.64 -26.21
C GLU B 249 -5.73 0.25 -27.43
N VAL B 250 -4.86 0.04 -28.40
CA VAL B 250 -4.89 0.73 -29.68
C VAL B 250 -5.24 -0.29 -30.76
N ILE B 251 -6.31 -0.03 -31.49
CA ILE B 251 -6.79 -0.92 -32.55
C ILE B 251 -6.44 -0.30 -33.89
N ARG B 252 -5.77 -1.07 -34.74
CA ARG B 252 -5.46 -0.65 -36.10
C ARG B 252 -6.56 -1.13 -37.03
N LEU B 253 -7.23 -0.18 -37.69
CA LEU B 253 -8.28 -0.48 -38.66
C LEU B 253 -7.79 0.04 -40.00
N ASP B 254 -6.97 -0.76 -40.67
CA ASP B 254 -6.28 -0.31 -41.87
C ASP B 254 -6.22 -1.34 -42.98
N GLY B 255 -6.83 -2.51 -42.83
CA GLY B 255 -6.77 -3.52 -43.87
C GLY B 255 -5.41 -4.14 -44.08
N ALA B 256 -4.54 -4.09 -43.06
CA ALA B 256 -3.22 -4.73 -43.04
C ALA B 256 -2.15 -3.95 -43.77
N ILE B 257 -2.41 -2.71 -44.17
CA ILE B 257 -1.42 -1.94 -44.94
C ILE B 257 -0.32 -1.46 -43.99
N ARG B 258 0.94 -1.69 -44.39
CA ARG B 258 2.09 -1.09 -43.74
C ARG B 258 2.73 -0.11 -44.71
N MET B 259 2.87 1.14 -44.27
CA MET B 259 3.29 2.19 -45.17
C MET B 259 4.78 2.09 -45.49
N GLN B 260 5.18 2.78 -46.55
CA GLN B 260 6.56 2.81 -47.02
C GLN B 260 7.05 4.25 -47.08
N PRO B 261 8.38 4.46 -47.05
CA PRO B 261 8.98 5.80 -46.92
C PRO B 261 8.30 6.86 -47.79
N SER C 7 -23.69 -9.10 -41.17
CA SER C 7 -24.34 -9.98 -40.19
C SER C 7 -23.87 -11.41 -40.35
N VAL C 8 -23.87 -12.17 -39.24
CA VAL C 8 -23.42 -13.56 -39.26
C VAL C 8 -24.53 -14.53 -39.62
N LYS C 9 -25.76 -14.05 -39.79
CA LYS C 9 -26.87 -14.93 -40.14
C LYS C 9 -26.56 -15.68 -41.44
N GLY C 10 -26.64 -17.00 -41.38
CA GLY C 10 -26.43 -17.85 -42.54
C GLY C 10 -25.02 -18.35 -42.71
N LEU C 11 -24.04 -17.75 -42.05
CA LEU C 11 -22.66 -18.18 -42.19
C LEU C 11 -22.44 -19.52 -41.48
N VAL C 12 -21.35 -20.18 -41.87
CA VAL C 12 -20.93 -21.45 -41.27
C VAL C 12 -19.58 -21.22 -40.61
N ALA C 13 -19.48 -21.52 -39.32
CA ALA C 13 -18.29 -21.30 -38.54
C ALA C 13 -17.72 -22.63 -38.06
N VAL C 14 -16.39 -22.72 -38.07
CA VAL C 14 -15.66 -23.87 -37.52
C VAL C 14 -14.82 -23.34 -36.37
N ILE C 15 -15.13 -23.77 -35.16
CA ILE C 15 -14.44 -23.33 -33.95
C ILE C 15 -13.64 -24.51 -33.40
N THR C 16 -12.35 -24.30 -33.20
CA THR C 16 -11.51 -25.31 -32.56
C THR C 16 -11.53 -25.08 -31.05
N GLY C 17 -11.61 -26.17 -30.30
CA GLY C 17 -11.85 -26.07 -28.87
C GLY C 17 -13.24 -25.54 -28.57
N GLY C 18 -14.23 -25.92 -29.37
CA GLY C 18 -15.57 -25.38 -29.26
C GLY C 18 -16.42 -25.98 -28.16
N ALA C 19 -15.93 -26.98 -27.46
CA ALA C 19 -16.69 -27.64 -26.41
C ALA C 19 -16.46 -27.05 -25.02
N SER C 20 -15.66 -25.99 -24.91
CA SER C 20 -15.35 -25.44 -23.60
C SER C 20 -14.86 -24.01 -23.74
N GLY C 21 -15.16 -23.20 -22.72
CA GLY C 21 -14.55 -21.88 -22.61
C GLY C 21 -14.89 -20.97 -23.76
N LEU C 22 -13.84 -20.33 -24.30
CA LEU C 22 -14.04 -19.28 -25.30
C LEU C 22 -14.65 -19.84 -26.58
N GLY C 23 -14.22 -21.03 -26.99
CA GLY C 23 -14.80 -21.64 -28.18
C GLY C 23 -16.27 -21.93 -28.01
N LEU C 24 -16.65 -22.46 -26.84
CA LEU C 24 -18.07 -22.72 -26.58
C LEU C 24 -18.87 -21.43 -26.55
N ALA C 25 -18.33 -20.37 -25.95
CA ALA C 25 -19.03 -19.09 -25.94
C ALA C 25 -19.23 -18.55 -27.36
N THR C 26 -18.19 -18.64 -28.19
CA THR C 26 -18.30 -18.18 -29.56
C THR C 26 -19.36 -18.97 -30.32
N ALA C 27 -19.33 -20.30 -30.16
CA ALA C 27 -20.33 -21.12 -30.83
C ALA C 27 -21.74 -20.79 -30.35
N GLU C 28 -21.90 -20.61 -29.04
CA GLU C 28 -23.21 -20.25 -28.49
C GLU C 28 -23.72 -18.97 -29.13
N ARG C 29 -22.90 -17.92 -29.13
CA ARG C 29 -23.33 -16.64 -29.69
C ARG C 29 -23.66 -16.78 -31.18
N LEU C 30 -22.79 -17.43 -31.94
CA LEU C 30 -23.00 -17.50 -33.38
C LEU C 30 -24.25 -18.30 -33.72
N VAL C 31 -24.48 -19.41 -33.03
CA VAL C 31 -25.70 -20.18 -33.26
C VAL C 31 -26.91 -19.38 -32.83
N GLY C 32 -26.81 -18.60 -31.74
CA GLY C 32 -27.91 -17.76 -31.34
C GLY C 32 -28.26 -16.71 -32.38
N GLN C 33 -27.25 -16.19 -33.08
CA GLN C 33 -27.47 -15.17 -34.11
C GLN C 33 -27.86 -15.77 -35.45
N GLY C 34 -27.87 -17.10 -35.60
CA GLY C 34 -28.38 -17.75 -36.79
C GLY C 34 -27.35 -18.46 -37.63
N ALA C 35 -26.08 -18.49 -37.23
CA ALA C 35 -25.04 -19.14 -38.00
C ALA C 35 -24.88 -20.60 -37.59
N SER C 36 -24.60 -21.45 -38.58
CA SER C 36 -24.29 -22.85 -38.32
C SER C 36 -22.87 -22.96 -37.76
N ALA C 37 -22.68 -23.93 -36.87
CA ALA C 37 -21.42 -24.08 -36.15
C ALA C 37 -20.95 -25.52 -36.16
N VAL C 38 -19.65 -25.71 -36.27
CA VAL C 38 -19.01 -27.00 -36.16
C VAL C 38 -17.95 -26.90 -35.07
N LEU C 39 -18.10 -27.70 -34.03
CA LEU C 39 -17.20 -27.68 -32.88
C LEU C 39 -16.13 -28.74 -33.12
N LEU C 40 -14.98 -28.31 -33.61
CA LEU C 40 -13.84 -29.21 -33.79
C LEU C 40 -13.13 -29.36 -32.45
N ASP C 41 -13.11 -30.57 -31.90
CA ASP C 41 -12.54 -30.75 -30.57
C ASP C 41 -12.18 -32.22 -30.36
N LEU C 42 -11.50 -32.48 -29.25
CA LEU C 42 -10.99 -33.81 -28.97
C LEU C 42 -12.15 -34.78 -28.72
N PRO C 43 -11.96 -36.06 -29.05
CA PRO C 43 -13.01 -37.05 -28.76
C PRO C 43 -13.34 -37.18 -27.29
N ASN C 44 -12.37 -36.99 -26.40
CA ASN C 44 -12.56 -37.23 -24.99
C ASN C 44 -13.31 -36.09 -24.28
N SER C 45 -13.44 -34.94 -24.92
CA SER C 45 -14.11 -33.80 -24.30
C SER C 45 -15.62 -34.02 -24.32
N GLY C 46 -16.38 -33.03 -23.87
CA GLY C 46 -17.83 -33.12 -23.85
C GLY C 46 -18.47 -32.43 -25.02
N GLY C 47 -17.85 -32.54 -26.20
CA GLY C 47 -18.35 -31.84 -27.37
C GLY C 47 -19.72 -32.32 -27.80
N GLU C 48 -19.99 -33.62 -27.66
CA GLU C 48 -21.27 -34.16 -28.11
C GLU C 48 -22.43 -33.57 -27.34
N ALA C 49 -22.31 -33.48 -26.01
CA ALA C 49 -23.39 -32.90 -25.21
C ALA C 49 -23.62 -31.44 -25.57
N GLN C 50 -22.53 -30.67 -25.74
CA GLN C 50 -22.67 -29.27 -26.11
C GLN C 50 -23.34 -29.13 -27.46
N ALA C 51 -22.99 -30.00 -28.42
CA ALA C 51 -23.61 -29.94 -29.73
C ALA C 51 -25.09 -30.26 -29.66
N LYS C 52 -25.46 -31.24 -28.83
CA LYS C 52 -26.89 -31.53 -28.65
C LYS C 52 -27.61 -30.34 -28.03
N LYS C 53 -26.99 -29.67 -27.05
CA LYS C 53 -27.64 -28.53 -26.43
C LYS C 53 -27.88 -27.40 -27.42
N LEU C 54 -26.99 -27.24 -28.40
CA LEU C 54 -27.04 -26.10 -29.30
C LEU C 54 -28.02 -26.28 -30.45
N GLY C 55 -28.66 -27.44 -30.56
CA GLY C 55 -29.66 -27.66 -31.59
C GLY C 55 -29.09 -28.35 -32.81
N ASN C 56 -29.89 -28.35 -33.87
CA ASN C 56 -29.51 -29.00 -35.12
C ASN C 56 -28.59 -28.15 -35.97
N ASN C 57 -28.46 -26.85 -35.68
CA ASN C 57 -27.55 -26.00 -36.41
C ASN C 57 -26.10 -26.14 -35.96
N CYS C 58 -25.86 -26.85 -34.86
CA CYS C 58 -24.52 -27.10 -34.35
C CYS C 58 -24.19 -28.58 -34.50
N VAL C 59 -22.95 -28.86 -34.89
CA VAL C 59 -22.46 -30.22 -35.03
C VAL C 59 -21.12 -30.31 -34.30
N PHE C 60 -20.75 -31.53 -33.90
CA PHE C 60 -19.50 -31.78 -33.20
C PHE C 60 -18.61 -32.66 -34.06
N ALA C 61 -17.35 -32.27 -34.20
CA ALA C 61 -16.37 -33.01 -34.99
C ALA C 61 -15.22 -33.42 -34.09
N PRO C 62 -15.09 -34.70 -33.72
CA PRO C 62 -13.87 -35.12 -33.01
C PRO C 62 -12.66 -34.93 -33.90
N ALA C 63 -11.59 -34.40 -33.32
CA ALA C 63 -10.38 -34.13 -34.11
C ALA C 63 -9.29 -33.62 -33.19
N ASP C 64 -8.05 -33.70 -33.69
CA ASP C 64 -6.88 -33.14 -33.04
C ASP C 64 -6.26 -32.13 -33.98
N VAL C 65 -6.08 -30.90 -33.51
CA VAL C 65 -5.55 -29.85 -34.37
C VAL C 65 -4.14 -30.20 -34.83
N THR C 66 -3.41 -30.99 -34.03
CA THR C 66 -2.07 -31.42 -34.43
C THR C 66 -2.11 -32.45 -35.54
N SER C 67 -3.25 -33.10 -35.76
CA SER C 67 -3.39 -34.12 -36.80
C SER C 67 -3.97 -33.51 -38.06
N GLU C 68 -3.32 -33.78 -39.20
CA GLU C 68 -3.84 -33.29 -40.47
C GLU C 68 -5.06 -34.09 -40.91
N LYS C 69 -5.04 -35.41 -40.74
CA LYS C 69 -6.16 -36.23 -41.16
C LYS C 69 -7.41 -35.91 -40.36
N ASP C 70 -7.26 -35.65 -39.06
CA ASP C 70 -8.41 -35.33 -38.23
C ASP C 70 -9.07 -34.02 -38.68
N VAL C 71 -8.26 -33.00 -38.95
CA VAL C 71 -8.81 -31.73 -39.39
C VAL C 71 -9.45 -31.86 -40.76
N GLN C 72 -8.84 -32.67 -41.64
CA GLN C 72 -9.44 -32.90 -42.95
C GLN C 72 -10.80 -33.59 -42.82
N THR C 73 -10.89 -34.57 -41.93
CA THR C 73 -12.16 -35.25 -41.71
C THR C 73 -13.20 -34.29 -41.13
N ALA C 74 -12.79 -33.43 -40.21
CA ALA C 74 -13.72 -32.46 -39.65
C ALA C 74 -14.22 -31.50 -40.72
N LEU C 75 -13.33 -31.05 -41.60
CA LEU C 75 -13.76 -30.13 -42.67
C LEU C 75 -14.67 -30.84 -43.66
N ALA C 76 -14.40 -32.13 -43.94
CA ALA C 76 -15.30 -32.89 -44.79
C ALA C 76 -16.67 -33.04 -44.15
N LEU C 77 -16.71 -33.26 -42.83
CA LEU C 77 -17.99 -33.32 -42.13
C LEU C 77 -18.73 -31.98 -42.21
N ALA C 78 -18.00 -30.87 -42.06
CA ALA C 78 -18.61 -29.56 -42.19
C ALA C 78 -19.20 -29.37 -43.58
N LYS C 79 -18.46 -29.76 -44.62
CA LYS C 79 -18.99 -29.67 -45.98
C LYS C 79 -20.24 -30.52 -46.13
N GLY C 80 -20.20 -31.77 -45.66
CA GLY C 80 -21.35 -32.64 -45.80
C GLY C 80 -22.58 -32.08 -45.12
N LYS C 81 -22.41 -31.56 -43.91
CA LYS C 81 -23.57 -31.09 -43.15
C LYS C 81 -24.10 -29.76 -43.68
N PHE C 82 -23.22 -28.82 -43.99
CA PHE C 82 -23.64 -27.48 -44.38
C PHE C 82 -23.14 -27.05 -45.76
N GLY C 83 -22.25 -27.81 -46.39
CA GLY C 83 -21.88 -27.53 -47.76
C GLY C 83 -21.01 -26.31 -47.96
N ARG C 84 -20.42 -25.77 -46.90
CA ARG C 84 -19.66 -24.52 -47.03
C ARG C 84 -18.97 -24.23 -45.71
N VAL C 85 -17.87 -23.48 -45.79
CA VAL C 85 -17.15 -22.99 -44.62
C VAL C 85 -16.87 -21.52 -44.84
N ASP C 86 -17.36 -20.69 -43.91
CA ASP C 86 -17.23 -19.23 -44.02
C ASP C 86 -16.32 -18.61 -42.98
N VAL C 87 -16.26 -19.16 -41.76
CA VAL C 87 -15.49 -18.57 -40.69
C VAL C 87 -14.73 -19.67 -39.97
N ALA C 88 -13.54 -19.32 -39.46
CA ALA C 88 -12.73 -20.20 -38.65
C ALA C 88 -12.27 -19.45 -37.41
N VAL C 89 -12.34 -20.12 -36.25
CA VAL C 89 -11.96 -19.52 -34.97
C VAL C 89 -11.05 -20.51 -34.25
N ASN C 90 -9.77 -20.17 -34.16
CA ASN C 90 -8.77 -21.02 -33.51
C ASN C 90 -8.68 -20.61 -32.04
N CYS C 91 -9.32 -21.41 -31.17
CA CYS C 91 -9.28 -21.21 -29.74
C CYS C 91 -8.68 -22.39 -28.98
N ALA C 92 -8.31 -23.46 -29.68
CA ALA C 92 -7.83 -24.67 -29.01
C ALA C 92 -6.37 -24.50 -28.62
N GLY C 93 -6.08 -24.69 -27.34
CA GLY C 93 -4.71 -24.60 -26.87
C GLY C 93 -4.62 -25.04 -25.43
N ILE C 94 -3.39 -25.24 -24.97
CA ILE C 94 -3.10 -25.63 -23.60
C ILE C 94 -2.13 -24.62 -23.01
N ALA C 95 -2.02 -24.63 -21.69
CA ALA C 95 -1.13 -23.75 -20.97
C ALA C 95 -0.22 -24.57 -20.09
N VAL C 96 1.05 -24.17 -20.00
CA VAL C 96 2.03 -24.85 -19.16
C VAL C 96 2.85 -23.79 -18.44
N ALA C 97 2.98 -23.94 -17.12
CA ALA C 97 3.78 -23.05 -16.30
C ALA C 97 4.99 -23.82 -15.82
N SER C 98 6.18 -23.31 -16.13
CA SER C 98 7.42 -23.97 -15.75
C SER C 98 8.58 -23.01 -15.88
N LYS C 99 9.35 -22.84 -14.82
CA LYS C 99 10.42 -21.86 -14.81
C LYS C 99 11.59 -22.35 -15.67
N THR C 100 12.22 -21.42 -16.39
CA THR C 100 13.27 -21.80 -17.33
C THR C 100 14.42 -22.49 -16.62
N TYR C 101 14.84 -21.96 -15.48
CA TYR C 101 15.90 -22.57 -14.69
C TYR C 101 15.78 -22.08 -13.26
N ASN C 102 15.96 -22.99 -12.31
CA ASN C 102 15.87 -22.70 -10.88
C ASN C 102 17.21 -23.01 -10.25
N LEU C 103 17.97 -21.96 -9.92
CA LEU C 103 19.31 -22.17 -9.39
C LEU C 103 19.28 -22.80 -8.01
N LYS C 104 18.36 -22.34 -7.16
CA LYS C 104 18.30 -22.89 -5.81
C LYS C 104 17.93 -24.36 -5.82
N LYS C 105 16.99 -24.75 -6.69
CA LYS C 105 16.56 -26.13 -6.81
C LYS C 105 17.38 -26.93 -7.82
N GLY C 106 18.21 -26.27 -8.63
CA GLY C 106 18.95 -26.95 -9.67
C GLY C 106 18.05 -27.65 -10.65
N GLN C 107 16.99 -26.96 -11.09
CA GLN C 107 15.96 -27.54 -11.94
C GLN C 107 15.91 -26.80 -13.27
N THR C 108 15.83 -27.55 -14.36
CA THR C 108 15.85 -27.00 -15.71
C THR C 108 14.54 -27.30 -16.41
N HIS C 109 14.15 -26.41 -17.31
CA HIS C 109 12.94 -26.61 -18.10
C HIS C 109 13.08 -27.88 -18.95
N THR C 110 11.96 -28.59 -19.09
CA THR C 110 11.93 -29.83 -19.85
C THR C 110 11.55 -29.53 -21.30
N LEU C 111 12.33 -30.07 -22.24
CA LEU C 111 12.10 -29.78 -23.65
C LEU C 111 10.77 -30.35 -24.14
N GLU C 112 10.31 -31.46 -23.57
CA GLU C 112 9.04 -32.03 -24.01
C GLU C 112 7.87 -31.12 -23.67
N ASP C 113 7.93 -30.43 -22.52
CA ASP C 113 6.88 -29.47 -22.18
C ASP C 113 6.82 -28.34 -23.21
N PHE C 114 7.99 -27.75 -23.50
CA PHE C 114 8.05 -26.70 -24.51
C PHE C 114 7.51 -27.21 -25.85
N GLN C 115 7.90 -28.42 -26.24
CA GLN C 115 7.52 -28.93 -27.55
C GLN C 115 6.03 -29.22 -27.61
N ARG C 116 5.43 -29.76 -26.55
CA ARG C 116 4.01 -30.04 -26.59
C ARG C 116 3.19 -28.76 -26.59
N VAL C 117 3.62 -27.76 -25.81
CA VAL C 117 2.92 -26.47 -25.85
C VAL C 117 2.98 -25.88 -27.25
N LEU C 118 4.17 -25.88 -27.86
CA LEU C 118 4.31 -25.36 -29.22
C LEU C 118 3.42 -26.15 -30.17
N ASP C 119 3.52 -27.48 -30.13
CA ASP C 119 2.81 -28.32 -31.09
C ASP C 119 1.31 -28.09 -31.01
N VAL C 120 0.76 -28.02 -29.80
CA VAL C 120 -0.67 -27.78 -29.74
C VAL C 120 -0.92 -26.37 -30.25
N ASN C 121 -0.48 -25.36 -29.50
CA ASN C 121 -0.93 -24.01 -29.81
C ASN C 121 -0.55 -23.60 -31.23
N LEU C 122 0.74 -23.40 -31.46
CA LEU C 122 1.18 -22.75 -32.70
C LEU C 122 0.97 -23.67 -33.90
N MET C 123 1.35 -24.93 -33.77
CA MET C 123 1.29 -25.82 -34.92
C MET C 123 -0.14 -26.22 -35.25
N GLY C 124 -0.99 -26.48 -34.26
CA GLY C 124 -2.38 -26.74 -34.56
C GLY C 124 -3.08 -25.52 -35.14
N THR C 125 -2.74 -24.33 -34.64
CA THR C 125 -3.30 -23.12 -35.22
C THR C 125 -2.92 -23.00 -36.69
N PHE C 126 -1.66 -23.24 -37.03
CA PHE C 126 -1.25 -23.13 -38.43
C PHE C 126 -1.90 -24.22 -39.28
N ASN C 127 -1.98 -25.45 -38.76
CA ASN C 127 -2.59 -26.53 -39.52
C ASN C 127 -4.05 -26.21 -39.83
N VAL C 128 -4.79 -25.73 -38.83
CA VAL C 128 -6.18 -25.37 -39.04
C VAL C 128 -6.27 -24.21 -40.03
N ILE C 129 -5.39 -23.22 -39.91
CA ILE C 129 -5.44 -22.08 -40.81
C ILE C 129 -5.25 -22.52 -42.25
N ARG C 130 -4.23 -23.35 -42.51
CA ARG C 130 -3.94 -23.73 -43.89
C ARG C 130 -5.05 -24.61 -44.47
N LEU C 131 -5.52 -25.60 -43.69
CA LEU C 131 -6.58 -26.47 -44.22
C LEU C 131 -7.88 -25.71 -44.43
N VAL C 132 -8.23 -24.80 -43.51
CA VAL C 132 -9.47 -24.06 -43.67
C VAL C 132 -9.34 -23.01 -44.77
N ALA C 133 -8.13 -22.51 -45.02
CA ALA C 133 -7.92 -21.65 -46.18
C ALA C 133 -8.15 -22.43 -47.47
N GLY C 134 -7.64 -23.66 -47.53
CA GLY C 134 -7.94 -24.51 -48.67
C GLY C 134 -9.43 -24.74 -48.84
N GLU C 135 -10.14 -24.89 -47.72
CA GLU C 135 -11.59 -25.06 -47.80
C GLU C 135 -12.29 -23.79 -48.29
N MET C 136 -11.90 -22.63 -47.74
CA MET C 136 -12.56 -21.38 -48.10
C MET C 136 -12.26 -20.98 -49.54
N GLY C 137 -11.11 -21.40 -50.07
CA GLY C 137 -10.80 -21.06 -51.45
C GLY C 137 -11.88 -21.48 -52.42
N GLN C 138 -12.64 -22.51 -52.08
CA GLN C 138 -13.70 -23.01 -52.94
C GLN C 138 -14.95 -22.14 -52.92
N ASN C 139 -15.02 -21.15 -52.03
CA ASN C 139 -16.19 -20.28 -51.96
C ASN C 139 -16.15 -19.25 -53.07
N GLU C 140 -17.34 -18.93 -53.60
CA GLU C 140 -17.45 -17.85 -54.56
C GLU C 140 -17.30 -16.52 -53.84
N PRO C 141 -16.59 -15.55 -54.41
CA PRO C 141 -16.39 -14.28 -53.70
C PRO C 141 -17.71 -13.61 -53.38
N ASP C 142 -17.77 -13.00 -52.20
CA ASP C 142 -18.90 -12.19 -51.82
C ASP C 142 -18.76 -10.78 -52.41
N GLN C 143 -19.87 -10.05 -52.41
CA GLN C 143 -19.80 -8.64 -52.80
C GLN C 143 -18.81 -7.92 -51.90
N GLY C 144 -17.72 -7.45 -52.49
CA GLY C 144 -16.59 -6.93 -51.76
C GLY C 144 -15.35 -7.79 -51.84
N GLY C 145 -15.46 -9.00 -52.39
CA GLY C 145 -14.30 -9.83 -52.64
C GLY C 145 -13.85 -10.69 -51.48
N GLN C 146 -14.73 -10.96 -50.52
CA GLN C 146 -14.37 -11.75 -49.35
C GLN C 146 -14.82 -13.18 -49.50
N ARG C 147 -13.94 -14.11 -49.11
CA ARG C 147 -14.25 -15.54 -49.11
C ARG C 147 -14.40 -16.13 -47.72
N GLY C 148 -13.68 -15.61 -46.73
CA GLY C 148 -13.79 -16.14 -45.38
C GLY C 148 -13.02 -15.27 -44.41
N VAL C 149 -13.13 -15.63 -43.14
CA VAL C 149 -12.45 -14.94 -42.05
C VAL C 149 -11.84 -15.98 -41.13
N ILE C 150 -10.61 -15.73 -40.68
CA ILE C 150 -9.91 -16.58 -39.72
C ILE C 150 -9.52 -15.71 -38.53
N ILE C 151 -9.90 -16.15 -37.33
CA ILE C 151 -9.62 -15.43 -36.09
C ILE C 151 -8.86 -16.36 -35.17
N ASN C 152 -7.61 -16.02 -34.88
CA ASN C 152 -6.77 -16.80 -33.99
C ASN C 152 -6.83 -16.20 -32.58
N THR C 153 -6.60 -17.05 -31.58
CA THR C 153 -6.51 -16.60 -30.20
C THR C 153 -5.07 -16.56 -29.76
N ALA C 154 -4.73 -15.53 -29.00
CA ALA C 154 -3.38 -15.32 -28.49
C ALA C 154 -3.52 -14.94 -27.01
N SER C 155 -2.47 -14.40 -26.42
CA SER C 155 -2.54 -13.92 -25.05
C SER C 155 -1.66 -12.69 -24.89
N VAL C 156 -1.87 -11.98 -23.79
CA VAL C 156 -0.98 -10.89 -23.43
C VAL C 156 0.38 -11.40 -23.00
N ALA C 157 0.52 -12.71 -22.79
CA ALA C 157 1.82 -13.31 -22.57
C ALA C 157 2.72 -13.13 -23.78
N ALA C 158 2.13 -13.00 -24.97
CA ALA C 158 2.91 -12.72 -26.17
C ALA C 158 3.63 -11.39 -26.09
N PHE C 159 3.13 -10.45 -25.27
CA PHE C 159 3.69 -9.13 -25.16
C PHE C 159 4.47 -8.95 -23.84
N GLU C 160 3.83 -9.23 -22.71
CA GLU C 160 4.50 -9.28 -21.41
C GLU C 160 4.15 -10.60 -20.76
N GLY C 161 5.17 -11.42 -20.50
CA GLY C 161 4.99 -12.77 -19.98
C GLY C 161 5.51 -12.86 -18.56
N GLN C 162 4.77 -13.59 -17.72
CA GLN C 162 5.12 -13.72 -16.32
C GLN C 162 6.14 -14.84 -16.14
N VAL C 163 6.79 -14.84 -14.97
CA VAL C 163 7.73 -15.89 -14.63
C VAL C 163 7.07 -17.24 -14.81
N GLY C 164 7.77 -18.16 -15.49
CA GLY C 164 7.26 -19.48 -15.74
C GLY C 164 6.46 -19.64 -17.02
N GLN C 165 6.30 -18.58 -17.81
CA GLN C 165 5.50 -18.62 -19.03
C GLN C 165 6.36 -18.52 -20.29
N ALA C 166 7.56 -19.12 -20.27
CA ALA C 166 8.44 -19.02 -21.42
C ALA C 166 7.84 -19.72 -22.64
N ALA C 167 7.36 -20.95 -22.48
CA ALA C 167 6.86 -21.71 -23.63
C ALA C 167 5.50 -21.18 -24.09
N TYR C 168 4.61 -20.88 -23.15
CA TYR C 168 3.34 -20.28 -23.50
C TYR C 168 3.53 -18.95 -24.21
N SER C 169 4.45 -18.14 -23.70
CA SER C 169 4.77 -16.87 -24.36
C SER C 169 5.33 -17.10 -25.74
N ALA C 170 6.17 -18.13 -25.91
CA ALA C 170 6.72 -18.42 -27.23
C ALA C 170 5.61 -18.78 -28.22
N SER C 171 4.67 -19.62 -27.81
CA SER C 171 3.57 -19.99 -28.69
C SER C 171 2.71 -18.79 -29.07
N LYS C 172 2.32 -17.99 -28.06
CA LYS C 172 1.47 -16.84 -28.32
C LYS C 172 2.19 -15.81 -29.19
N GLY C 173 3.47 -15.57 -28.91
CA GLY C 173 4.24 -14.67 -29.73
C GLY C 173 4.43 -15.16 -31.14
N GLY C 174 4.51 -16.48 -31.33
CA GLY C 174 4.57 -17.02 -32.68
C GLY C 174 3.29 -16.77 -33.45
N ILE C 175 2.14 -16.96 -32.79
CA ILE C 175 0.87 -16.64 -33.45
C ILE C 175 0.81 -15.17 -33.81
N VAL C 176 1.19 -14.31 -32.87
CA VAL C 176 1.17 -12.86 -33.13
C VAL C 176 2.11 -12.51 -34.27
N GLY C 177 3.27 -13.16 -34.32
CA GLY C 177 4.23 -12.86 -35.37
C GLY C 177 3.76 -13.28 -36.75
N MET C 178 3.13 -14.45 -36.84
CA MET C 178 2.67 -14.96 -38.12
C MET C 178 1.31 -14.42 -38.53
N THR C 179 0.65 -13.64 -37.67
CA THR C 179 -0.65 -13.10 -38.05
C THR C 179 -0.57 -12.30 -39.36
N LEU C 180 0.44 -11.46 -39.52
CA LEU C 180 0.50 -10.56 -40.67
C LEU C 180 0.98 -11.27 -41.94
N PRO C 181 2.02 -12.09 -41.87
CA PRO C 181 2.41 -12.84 -43.07
C PRO C 181 1.28 -13.63 -43.69
N ILE C 182 0.44 -14.26 -42.88
CA ILE C 182 -0.65 -15.06 -43.42
C ILE C 182 -1.74 -14.16 -43.99
N ALA C 183 -1.98 -13.01 -43.37
CA ALA C 183 -2.93 -12.06 -43.94
C ALA C 183 -2.48 -11.61 -45.32
N ARG C 184 -1.18 -11.35 -45.48
CA ARG C 184 -0.66 -10.96 -46.79
C ARG C 184 -0.70 -12.12 -47.77
N ASP C 185 -0.45 -13.35 -47.29
CA ASP C 185 -0.54 -14.51 -48.17
C ASP C 185 -1.95 -14.69 -48.72
N LEU C 186 -2.96 -14.57 -47.85
CA LEU C 186 -4.34 -14.85 -48.21
C LEU C 186 -5.09 -13.63 -48.72
N ALA C 187 -4.48 -12.45 -48.72
CA ALA C 187 -5.16 -11.28 -49.27
C ALA C 187 -5.55 -11.48 -50.73
N PRO C 188 -4.71 -12.02 -51.60
CA PRO C 188 -5.18 -12.33 -52.97
C PRO C 188 -6.41 -13.21 -53.00
N ILE C 189 -6.49 -14.21 -52.10
CA ILE C 189 -7.64 -15.11 -52.10
C ILE C 189 -8.87 -14.42 -51.55
N GLY C 190 -8.72 -13.39 -50.74
CA GLY C 190 -9.85 -12.69 -50.16
C GLY C 190 -10.24 -13.13 -48.77
N ILE C 191 -9.31 -13.69 -48.00
CA ILE C 191 -9.58 -14.17 -46.65
C ILE C 191 -8.86 -13.25 -45.67
N ARG C 192 -9.58 -12.77 -44.67
CA ARG C 192 -9.00 -11.92 -43.63
C ARG C 192 -8.53 -12.76 -42.46
N VAL C 193 -7.45 -12.30 -41.83
CA VAL C 193 -6.84 -13.00 -40.70
C VAL C 193 -6.65 -11.99 -39.57
N MET C 194 -7.18 -12.32 -38.40
CA MET C 194 -7.10 -11.45 -37.23
C MET C 194 -6.70 -12.27 -36.01
N THR C 195 -6.18 -11.58 -35.00
CA THR C 195 -5.75 -12.22 -33.77
C THR C 195 -6.31 -11.46 -32.58
N ILE C 196 -6.79 -12.20 -31.59
CA ILE C 196 -7.30 -11.65 -30.35
C ILE C 196 -6.37 -12.08 -29.22
N ALA C 197 -6.05 -11.15 -28.32
CA ALA C 197 -5.15 -11.41 -27.19
C ALA C 197 -5.93 -11.20 -25.89
N PRO C 198 -6.64 -12.22 -25.41
CA PRO C 198 -7.32 -12.10 -24.12
C PRO C 198 -6.35 -11.81 -22.99
N GLY C 199 -6.90 -11.30 -21.89
CA GLY C 199 -6.14 -11.04 -20.69
C GLY C 199 -6.37 -12.12 -19.67
N LEU C 200 -7.22 -11.85 -18.68
CA LEU C 200 -7.62 -12.85 -17.67
C LEU C 200 -9.12 -13.06 -17.80
N PHE C 201 -9.50 -14.27 -18.20
CA PHE C 201 -10.89 -14.60 -18.48
C PHE C 201 -11.37 -15.71 -17.55
N GLY C 202 -12.66 -15.66 -17.22
CA GLY C 202 -13.25 -16.63 -16.33
C GLY C 202 -13.61 -17.92 -17.03
N THR C 203 -12.59 -18.68 -17.42
CA THR C 203 -12.73 -19.97 -18.07
C THR C 203 -12.18 -21.07 -17.17
N PRO C 204 -12.36 -22.34 -17.54
CA PRO C 204 -11.87 -23.43 -16.68
C PRO C 204 -10.40 -23.32 -16.32
N LEU C 205 -9.60 -22.60 -17.11
CA LEU C 205 -8.21 -22.38 -16.74
C LEU C 205 -8.11 -21.63 -15.41
N LEU C 206 -8.95 -20.60 -15.23
CA LEU C 206 -8.87 -19.74 -14.06
C LEU C 206 -9.90 -20.05 -13.00
N THR C 207 -11.12 -20.40 -13.38
CA THR C 207 -12.19 -20.62 -12.41
C THR C 207 -11.89 -21.77 -11.47
N SER C 208 -10.96 -22.66 -11.83
CA SER C 208 -10.59 -23.76 -10.96
C SER C 208 -9.67 -23.34 -9.82
N LEU C 209 -9.06 -22.16 -9.91
CA LEU C 209 -8.10 -21.74 -8.92
C LEU C 209 -8.79 -21.38 -7.61
N PRO C 210 -8.04 -21.36 -6.50
CA PRO C 210 -8.63 -20.96 -5.21
C PRO C 210 -9.33 -19.61 -5.26
N GLU C 211 -10.25 -19.38 -4.33
CA GLU C 211 -11.02 -18.14 -4.32
C GLU C 211 -10.12 -16.94 -4.04
N LYS C 212 -9.12 -17.11 -3.16
CA LYS C 212 -8.25 -15.99 -2.82
C LYS C 212 -7.46 -15.51 -4.04
N VAL C 213 -6.90 -16.45 -4.81
CA VAL C 213 -6.12 -16.05 -5.97
C VAL C 213 -7.03 -15.51 -7.07
N CYS C 214 -8.25 -16.05 -7.20
CA CYS C 214 -9.20 -15.47 -8.14
C CYS C 214 -9.52 -14.03 -7.78
N ASN C 215 -9.73 -13.75 -6.49
CA ASN C 215 -9.99 -12.38 -6.07
C ASN C 215 -8.80 -11.49 -6.35
N PHE C 216 -7.59 -11.98 -6.10
CA PHE C 216 -6.39 -11.19 -6.39
C PHE C 216 -6.29 -10.87 -7.88
N LEU C 217 -6.50 -11.87 -8.73
CA LEU C 217 -6.43 -11.65 -10.17
C LEU C 217 -7.49 -10.66 -10.61
N ALA C 218 -8.70 -10.77 -10.07
CA ALA C 218 -9.74 -9.81 -10.41
C ALA C 218 -9.34 -8.40 -10.00
N SER C 219 -8.73 -8.26 -8.82
CA SER C 219 -8.27 -6.94 -8.39
C SER C 219 -7.10 -6.42 -9.22
N GLN C 220 -6.38 -7.31 -9.90
CA GLN C 220 -5.26 -6.85 -10.73
C GLN C 220 -5.73 -6.10 -11.97
N VAL C 221 -6.87 -6.47 -12.53
CA VAL C 221 -7.36 -5.80 -13.74
C VAL C 221 -7.72 -4.36 -13.39
N PRO C 222 -7.18 -3.35 -14.10
CA PRO C 222 -7.50 -1.96 -13.75
C PRO C 222 -8.98 -1.64 -13.82
N PHE C 223 -9.60 -1.89 -14.98
CA PHE C 223 -11.04 -1.74 -15.09
C PHE C 223 -11.56 -2.46 -16.34
N PRO C 224 -12.62 -3.27 -16.24
CA PRO C 224 -13.35 -3.63 -15.01
C PRO C 224 -12.50 -4.50 -14.10
N SER C 225 -12.66 -4.33 -12.79
CA SER C 225 -11.89 -5.09 -11.80
C SER C 225 -12.53 -6.46 -11.60
N ARG C 226 -12.51 -7.24 -12.67
CA ARG C 226 -13.08 -8.60 -12.66
C ARG C 226 -12.47 -9.37 -13.82
N LEU C 227 -12.60 -10.69 -13.74
CA LEU C 227 -12.14 -11.53 -14.83
C LEU C 227 -13.09 -11.41 -16.02
N GLY C 228 -12.53 -11.59 -17.22
CA GLY C 228 -13.32 -11.47 -18.42
C GLY C 228 -14.39 -12.54 -18.51
N ASP C 229 -15.45 -12.23 -19.25
CA ASP C 229 -16.55 -13.14 -19.49
C ASP C 229 -16.48 -13.66 -20.92
N PRO C 230 -16.49 -14.97 -21.15
CA PRO C 230 -16.37 -15.46 -22.53
C PRO C 230 -17.42 -14.91 -23.48
N ALA C 231 -18.59 -14.51 -22.97
CA ALA C 231 -19.62 -13.97 -23.85
C ALA C 231 -19.13 -12.75 -24.61
N GLU C 232 -18.30 -11.92 -23.98
CA GLU C 232 -17.83 -10.72 -24.65
C GLU C 232 -16.56 -10.97 -25.48
N TYR C 233 -15.85 -12.07 -25.22
CA TYR C 233 -14.92 -12.58 -26.24
C TYR C 233 -15.68 -12.96 -27.50
N ALA C 234 -16.82 -13.65 -27.34
CA ALA C 234 -17.65 -13.96 -28.49
C ALA C 234 -18.16 -12.69 -29.17
N HIS C 235 -18.48 -11.67 -28.36
CA HIS C 235 -18.89 -10.39 -28.91
C HIS C 235 -17.78 -9.79 -29.79
N LEU C 236 -16.55 -9.81 -29.30
CA LEU C 236 -15.44 -9.29 -30.10
C LEU C 236 -15.24 -10.11 -31.37
N VAL C 237 -15.39 -11.42 -31.27
CA VAL C 237 -15.26 -12.27 -32.45
C VAL C 237 -16.30 -11.89 -33.50
N GLN C 238 -17.55 -11.70 -33.07
CA GLN C 238 -18.60 -11.31 -34.01
C GLN C 238 -18.31 -9.93 -34.61
N ALA C 239 -17.81 -9.00 -33.79
CA ALA C 239 -17.45 -7.68 -34.30
C ALA C 239 -16.37 -7.79 -35.37
N ILE C 240 -15.39 -8.66 -35.16
CA ILE C 240 -14.37 -8.87 -36.18
C ILE C 240 -14.99 -9.45 -37.44
N ILE C 241 -15.91 -10.40 -37.28
CA ILE C 241 -16.54 -11.01 -38.46
C ILE C 241 -17.33 -9.97 -39.24
N GLU C 242 -17.90 -8.98 -38.56
CA GLU C 242 -18.79 -8.03 -39.20
C GLU C 242 -18.09 -6.80 -39.76
N ASN C 243 -16.79 -6.65 -39.55
CA ASN C 243 -16.07 -5.47 -40.03
C ASN C 243 -15.16 -5.87 -41.17
N PRO C 244 -15.47 -5.53 -42.43
CA PRO C 244 -14.65 -5.98 -43.55
C PRO C 244 -13.22 -5.45 -43.54
N PHE C 245 -12.92 -4.38 -42.80
CA PHE C 245 -11.67 -3.68 -42.94
C PHE C 245 -10.70 -3.96 -41.79
N LEU C 246 -10.99 -4.96 -40.95
CA LEU C 246 -10.08 -5.39 -39.91
C LEU C 246 -9.30 -6.60 -40.43
N ASN C 247 -8.00 -6.42 -40.64
CA ASN C 247 -7.17 -7.47 -41.20
C ASN C 247 -5.75 -7.36 -40.67
N GLY C 248 -5.16 -8.50 -40.34
CA GLY C 248 -3.75 -8.54 -39.98
C GLY C 248 -3.40 -7.70 -38.76
N GLU C 249 -4.27 -7.67 -37.77
CA GLU C 249 -4.08 -6.86 -36.57
C GLU C 249 -4.33 -7.71 -35.34
N VAL C 250 -3.69 -7.33 -34.24
CA VAL C 250 -3.86 -7.98 -32.94
C VAL C 250 -4.63 -7.03 -32.04
N ILE C 251 -5.70 -7.54 -31.43
CA ILE C 251 -6.54 -6.76 -30.51
C ILE C 251 -6.39 -7.35 -29.12
N ARG C 252 -6.12 -6.50 -28.14
CA ARG C 252 -5.93 -6.93 -26.75
C ARG C 252 -7.24 -6.73 -25.99
N LEU C 253 -7.91 -7.84 -25.68
CA LEU C 253 -9.12 -7.82 -24.87
C LEU C 253 -8.72 -8.20 -23.44
N ASP C 254 -8.11 -7.24 -22.73
CA ASP C 254 -7.50 -7.51 -21.45
C ASP C 254 -7.86 -6.49 -20.37
N GLY C 255 -8.64 -5.47 -20.68
CA GLY C 255 -9.05 -4.52 -19.67
C GLY C 255 -7.95 -3.63 -19.14
N ALA C 256 -6.91 -3.39 -19.94
CA ALA C 256 -5.78 -2.52 -19.63
C ALA C 256 -4.79 -3.14 -18.67
N ILE C 257 -4.85 -4.45 -18.45
CA ILE C 257 -3.92 -5.11 -17.53
C ILE C 257 -2.59 -5.36 -18.23
N ARG C 258 -1.50 -4.97 -17.59
CA ARG C 258 -0.16 -5.33 -18.00
C ARG C 258 0.38 -6.32 -16.98
N MET C 259 0.73 -7.52 -17.44
CA MET C 259 1.09 -8.59 -16.51
C MET C 259 2.31 -8.21 -15.69
N GLN C 260 2.21 -8.45 -14.40
CA GLN C 260 3.25 -8.18 -13.42
C GLN C 260 4.36 -9.23 -13.53
N PRO C 261 5.62 -8.85 -13.24
CA PRO C 261 6.70 -9.84 -13.34
C PRO C 261 6.41 -11.14 -12.62
N SER D 7 34.68 -4.35 -20.24
CA SER D 7 35.30 -4.85 -21.46
C SER D 7 35.02 -6.34 -21.64
N VAL D 8 35.26 -6.85 -22.85
CA VAL D 8 35.05 -8.26 -23.13
C VAL D 8 36.31 -9.09 -22.94
N LYS D 9 37.42 -8.47 -22.55
CA LYS D 9 38.66 -9.21 -22.39
C LYS D 9 38.49 -10.27 -21.31
N GLY D 10 38.87 -11.51 -21.63
CA GLY D 10 38.77 -12.61 -20.72
C GLY D 10 37.43 -13.31 -20.68
N LEU D 11 36.42 -12.76 -21.36
CA LEU D 11 35.11 -13.41 -21.39
C LEU D 11 35.14 -14.64 -22.29
N VAL D 12 34.31 -15.62 -21.93
CA VAL D 12 34.14 -16.84 -22.72
C VAL D 12 32.75 -16.79 -23.34
N ALA D 13 32.69 -16.95 -24.65
CA ALA D 13 31.44 -16.86 -25.40
C ALA D 13 31.18 -18.16 -26.14
N VAL D 14 29.90 -18.53 -26.21
CA VAL D 14 29.43 -19.67 -26.97
C VAL D 14 28.55 -19.12 -28.08
N ILE D 15 29.03 -19.15 -29.31
CA ILE D 15 28.33 -18.62 -30.46
C ILE D 15 27.71 -19.80 -31.22
N THR D 16 26.40 -19.93 -31.13
CA THR D 16 25.70 -20.96 -31.89
C THR D 16 25.66 -20.55 -33.35
N GLY D 17 25.84 -21.54 -34.24
CA GLY D 17 25.92 -21.22 -35.66
C GLY D 17 27.06 -20.27 -35.98
N GLY D 18 28.21 -20.45 -35.31
CA GLY D 18 29.34 -19.56 -35.46
C GLY D 18 30.27 -19.87 -36.61
N ALA D 19 29.94 -20.87 -37.45
CA ALA D 19 30.82 -21.19 -38.56
C ALA D 19 30.70 -20.18 -39.69
N SER D 20 29.55 -19.55 -39.86
CA SER D 20 29.33 -18.65 -40.98
C SER D 20 28.32 -17.58 -40.60
N GLY D 21 28.37 -16.47 -41.32
CA GLY D 21 27.37 -15.43 -41.21
C GLY D 21 27.56 -14.49 -40.04
N LEU D 22 26.45 -14.13 -39.40
CA LEU D 22 26.51 -13.23 -38.25
C LEU D 22 27.28 -13.87 -37.09
N GLY D 23 27.09 -15.17 -36.88
CA GLY D 23 27.80 -15.84 -35.81
C GLY D 23 29.31 -15.80 -36.01
N LEU D 24 29.77 -16.04 -37.25
CA LEU D 24 31.19 -15.99 -37.51
C LEU D 24 31.75 -14.59 -37.29
N ALA D 25 31.01 -13.57 -37.72
CA ALA D 25 31.47 -12.20 -37.49
C ALA D 25 31.56 -11.90 -36.01
N THR D 26 30.57 -12.32 -35.23
CA THR D 26 30.62 -12.11 -33.79
C THR D 26 31.82 -12.81 -33.18
N ALA D 27 32.09 -14.04 -33.60
CA ALA D 27 33.24 -14.77 -33.08
C ALA D 27 34.53 -14.05 -33.44
N GLU D 28 34.66 -13.59 -34.68
CA GLU D 28 35.86 -12.87 -35.09
C GLU D 28 36.08 -11.64 -34.20
N ARG D 29 35.03 -10.84 -34.02
CA ARG D 29 35.19 -9.62 -33.25
C ARG D 29 35.54 -9.92 -31.80
N LEU D 30 34.82 -10.86 -31.18
CA LEU D 30 35.07 -11.16 -29.78
C LEU D 30 36.47 -11.72 -29.57
N VAL D 31 36.92 -12.60 -30.46
CA VAL D 31 38.27 -13.14 -30.34
C VAL D 31 39.29 -12.02 -30.52
N GLY D 32 39.09 -11.15 -31.51
CA GLY D 32 40.03 -10.05 -31.71
C GLY D 32 40.10 -9.13 -30.52
N GLN D 33 38.98 -8.91 -29.83
CA GLN D 33 38.96 -8.02 -28.67
C GLN D 33 39.59 -8.65 -27.43
N GLY D 34 39.87 -9.94 -27.44
CA GLY D 34 40.52 -10.60 -26.32
C GLY D 34 39.69 -11.68 -25.64
N ALA D 35 38.49 -12.00 -26.12
CA ALA D 35 37.67 -13.02 -25.51
C ALA D 35 38.03 -14.40 -26.06
N SER D 36 37.30 -15.41 -25.61
CA SER D 36 37.45 -16.78 -26.09
C SER D 36 36.10 -17.26 -26.62
N ALA D 37 36.14 -18.05 -27.70
CA ALA D 37 34.93 -18.39 -28.43
C ALA D 37 34.80 -19.89 -28.62
N VAL D 38 33.56 -20.38 -28.53
CA VAL D 38 33.20 -21.74 -28.90
C VAL D 38 32.17 -21.65 -30.00
N LEU D 39 32.49 -22.25 -31.16
CA LEU D 39 31.60 -22.24 -32.31
C LEU D 39 30.77 -23.52 -32.26
N LEU D 40 29.56 -23.42 -31.74
CA LEU D 40 28.65 -24.55 -31.61
C LEU D 40 27.86 -24.67 -32.90
N ASP D 41 28.17 -25.67 -33.71
CA ASP D 41 27.58 -25.74 -35.05
C ASP D 41 27.51 -27.18 -35.52
N LEU D 42 26.98 -27.36 -36.72
CA LEU D 42 26.74 -28.68 -37.28
C LEU D 42 28.06 -29.33 -37.68
N PRO D 43 28.09 -30.67 -37.76
CA PRO D 43 29.32 -31.35 -38.18
C PRO D 43 29.81 -30.94 -39.56
N ASN D 44 28.89 -30.69 -40.50
CA ASN D 44 29.25 -30.41 -41.88
C ASN D 44 29.28 -28.92 -42.19
N SER D 45 29.15 -28.07 -41.17
CA SER D 45 29.14 -26.63 -41.41
C SER D 45 30.49 -26.10 -41.88
N GLY D 46 31.56 -26.85 -41.67
CA GLY D 46 32.89 -26.34 -41.98
C GLY D 46 33.45 -25.43 -40.90
N GLY D 47 33.01 -25.61 -39.66
CA GLY D 47 33.47 -24.75 -38.58
C GLY D 47 34.86 -25.04 -38.09
N GLU D 48 35.40 -26.23 -38.38
CA GLU D 48 36.75 -26.56 -37.93
C GLU D 48 37.77 -25.63 -38.58
N ALA D 49 37.65 -25.37 -39.88
CA ALA D 49 38.58 -24.49 -40.55
C ALA D 49 38.51 -23.08 -39.99
N GLN D 50 37.30 -22.58 -39.77
CA GLN D 50 37.14 -21.23 -39.21
C GLN D 50 37.73 -21.15 -37.80
N ALA D 51 37.50 -22.18 -36.98
CA ALA D 51 38.04 -22.19 -35.64
C ALA D 51 39.57 -22.18 -35.67
N LYS D 52 40.16 -22.95 -36.58
CA LYS D 52 41.61 -22.87 -36.75
C LYS D 52 42.04 -21.48 -37.16
N LYS D 53 41.29 -20.87 -38.08
CA LYS D 53 41.68 -19.56 -38.62
C LYS D 53 41.67 -18.50 -37.55
N LEU D 54 40.68 -18.51 -36.66
CA LEU D 54 40.55 -17.43 -35.68
C LEU D 54 41.73 -17.39 -34.72
N GLY D 55 42.14 -18.55 -34.20
CA GLY D 55 43.29 -18.60 -33.32
C GLY D 55 43.16 -19.75 -32.33
N ASN D 56 44.05 -19.72 -31.34
CA ASN D 56 44.04 -20.75 -30.29
C ASN D 56 42.89 -20.55 -29.31
N ASN D 57 42.33 -19.35 -29.23
CA ASN D 57 41.27 -19.05 -28.28
C ASN D 57 39.89 -19.42 -28.80
N CYS D 58 39.79 -19.92 -30.03
CA CYS D 58 38.52 -20.33 -30.60
C CYS D 58 38.52 -21.84 -30.83
N VAL D 59 37.51 -22.51 -30.29
CA VAL D 59 37.35 -23.95 -30.46
C VAL D 59 36.02 -24.20 -31.14
N PHE D 60 35.92 -25.32 -31.84
CA PHE D 60 34.72 -25.69 -32.58
C PHE D 60 34.08 -26.90 -31.93
N ALA D 61 32.79 -26.76 -31.59
CA ALA D 61 32.02 -27.86 -31.01
C ALA D 61 30.95 -28.30 -31.98
N PRO D 62 31.03 -29.50 -32.55
CA PRO D 62 29.93 -30.00 -33.37
C PRO D 62 28.70 -30.23 -32.50
N ALA D 63 27.54 -29.75 -32.96
CA ALA D 63 26.33 -29.91 -32.19
C ALA D 63 25.14 -29.46 -33.03
N ASP D 64 24.01 -30.10 -32.80
CA ASP D 64 22.74 -29.75 -33.43
C ASP D 64 21.83 -29.23 -32.33
N VAL D 65 21.48 -27.95 -32.39
CA VAL D 65 20.72 -27.31 -31.31
C VAL D 65 19.42 -28.04 -31.04
N THR D 66 18.93 -28.84 -31.99
CA THR D 66 17.65 -29.50 -31.84
C THR D 66 17.67 -30.61 -30.80
N SER D 67 18.85 -31.00 -30.31
CA SER D 67 18.99 -32.16 -29.43
C SER D 67 19.66 -31.78 -28.13
N GLU D 68 19.17 -32.36 -27.03
CA GLU D 68 19.77 -32.14 -25.72
C GLU D 68 21.21 -32.63 -25.68
N LYS D 69 21.45 -33.83 -26.20
CA LYS D 69 22.76 -34.46 -26.05
C LYS D 69 23.85 -33.64 -26.72
N ASP D 70 23.59 -33.15 -27.93
CA ASP D 70 24.62 -32.41 -28.66
C ASP D 70 24.98 -31.12 -27.95
N VAL D 71 23.97 -30.38 -27.50
CA VAL D 71 24.23 -29.12 -26.82
C VAL D 71 24.94 -29.38 -25.50
N GLN D 72 24.57 -30.45 -24.80
CA GLN D 72 25.23 -30.77 -23.54
C GLN D 72 26.69 -31.12 -23.77
N THR D 73 26.99 -31.90 -24.82
CA THR D 73 28.39 -32.22 -25.12
C THR D 73 29.17 -30.97 -25.48
N ALA D 74 28.55 -30.08 -26.27
CA ALA D 74 29.25 -28.85 -26.65
C ALA D 74 29.54 -27.98 -25.43
N LEU D 75 28.56 -27.87 -24.52
CA LEU D 75 28.78 -27.06 -23.32
C LEU D 75 29.82 -27.68 -22.41
N ALA D 76 29.83 -29.02 -22.30
CA ALA D 76 30.88 -29.68 -21.53
C ALA D 76 32.25 -29.43 -22.14
N LEU D 77 32.34 -29.47 -23.46
CA LEU D 77 33.60 -29.16 -24.13
C LEU D 77 34.04 -27.74 -23.83
N ALA D 78 33.11 -26.79 -23.87
CA ALA D 78 33.46 -25.40 -23.56
C ALA D 78 33.95 -25.26 -22.13
N LYS D 79 33.25 -25.88 -21.18
CA LYS D 79 33.68 -25.84 -19.79
C LYS D 79 35.06 -26.43 -19.61
N GLY D 80 35.32 -27.58 -20.24
CA GLY D 80 36.62 -28.19 -20.12
C GLY D 80 37.73 -27.34 -20.72
N LYS D 81 37.46 -26.72 -21.87
CA LYS D 81 38.50 -25.97 -22.55
C LYS D 81 38.81 -24.66 -21.86
N PHE D 82 37.79 -23.96 -21.36
CA PHE D 82 37.99 -22.63 -20.79
C PHE D 82 37.57 -22.49 -19.33
N GLY D 83 36.71 -23.36 -18.82
CA GLY D 83 36.37 -23.35 -17.41
C GLY D 83 35.22 -22.45 -17.03
N ARG D 84 34.79 -21.57 -17.91
CA ARG D 84 33.66 -20.69 -17.63
C ARG D 84 32.91 -20.42 -18.92
N VAL D 85 31.63 -20.09 -18.78
CA VAL D 85 30.80 -19.57 -19.86
C VAL D 85 30.23 -18.24 -19.39
N ASP D 86 30.53 -17.18 -20.12
CA ASP D 86 30.09 -15.83 -19.76
C ASP D 86 29.05 -15.26 -20.70
N VAL D 87 29.09 -15.61 -21.99
CA VAL D 87 28.20 -15.05 -22.98
C VAL D 87 27.70 -16.17 -23.89
N ALA D 88 26.47 -16.02 -24.35
CA ALA D 88 25.87 -16.93 -25.32
C ALA D 88 25.24 -16.11 -26.42
N VAL D 89 25.46 -16.51 -27.67
CA VAL D 89 24.93 -15.79 -28.82
C VAL D 89 24.23 -16.81 -29.72
N ASN D 90 22.90 -16.77 -29.73
CA ASN D 90 22.09 -17.68 -30.54
C ASN D 90 21.94 -17.07 -31.93
N CYS D 91 22.69 -17.62 -32.89
CA CYS D 91 22.67 -17.15 -34.27
C CYS D 91 22.35 -18.27 -35.26
N ALA D 92 21.99 -19.46 -34.79
CA ALA D 92 21.65 -20.55 -35.70
C ALA D 92 20.19 -20.43 -36.13
N GLY D 93 19.94 -20.75 -37.39
CA GLY D 93 18.58 -20.75 -37.91
C GLY D 93 18.57 -21.14 -39.37
N ILE D 94 17.36 -21.37 -39.87
CA ILE D 94 17.13 -21.69 -41.26
C ILE D 94 15.98 -20.83 -41.77
N ALA D 95 15.90 -20.73 -43.10
CA ALA D 95 14.86 -19.95 -43.75
C ALA D 95 14.09 -20.84 -44.71
N VAL D 96 12.78 -20.61 -44.81
CA VAL D 96 11.92 -21.33 -45.74
C VAL D 96 10.95 -20.34 -46.36
N ALA D 97 10.79 -20.43 -47.68
CA ALA D 97 9.86 -19.57 -48.41
C ALA D 97 8.76 -20.44 -49.00
N SER D 98 7.52 -20.20 -48.57
CA SER D 98 6.39 -20.96 -49.07
C SER D 98 5.11 -20.27 -48.62
N LYS D 99 4.12 -20.25 -49.51
CA LYS D 99 2.87 -19.56 -49.25
C LYS D 99 1.88 -20.48 -48.55
N THR D 100 1.03 -19.90 -47.72
CA THR D 100 0.07 -20.69 -46.97
C THR D 100 -0.85 -21.47 -47.89
N TYR D 101 -1.34 -20.83 -48.95
CA TYR D 101 -2.24 -21.48 -49.89
C TYR D 101 -2.18 -20.75 -51.23
N ASN D 102 -2.02 -21.52 -52.30
CA ASN D 102 -2.07 -21.00 -53.66
C ASN D 102 -3.42 -21.38 -54.26
N LEU D 103 -4.33 -20.42 -54.33
CA LEU D 103 -5.62 -20.69 -54.96
C LEU D 103 -5.46 -21.00 -56.44
N LYS D 104 -4.59 -20.25 -57.12
CA LYS D 104 -4.37 -20.50 -58.54
C LYS D 104 -3.72 -21.86 -58.77
N LYS D 105 -2.69 -22.17 -58.00
CA LYS D 105 -1.92 -23.40 -58.18
C LYS D 105 -2.45 -24.56 -57.36
N GLY D 106 -3.45 -24.34 -56.52
CA GLY D 106 -4.00 -25.42 -55.72
C GLY D 106 -2.97 -26.08 -54.82
N GLN D 107 -2.09 -25.29 -54.22
CA GLN D 107 -0.98 -25.80 -53.41
C GLN D 107 -1.10 -25.26 -52.00
N THR D 108 -0.86 -26.13 -51.02
CA THR D 108 -0.97 -25.79 -49.61
C THR D 108 0.39 -25.91 -48.95
N HIS D 109 0.64 -25.04 -47.97
CA HIS D 109 1.87 -25.12 -47.20
C HIS D 109 2.01 -26.52 -46.62
N THR D 110 3.27 -26.95 -46.49
CA THR D 110 3.55 -28.27 -45.95
C THR D 110 3.75 -28.18 -44.45
N LEU D 111 3.20 -29.15 -43.73
CA LEU D 111 3.33 -29.15 -42.27
C LEU D 111 4.75 -29.46 -41.83
N GLU D 112 5.47 -30.27 -42.61
CA GLU D 112 6.85 -30.60 -42.26
C GLU D 112 7.76 -29.37 -42.37
N ASP D 113 7.53 -28.51 -43.36
CA ASP D 113 8.33 -27.29 -43.45
C ASP D 113 8.13 -26.42 -42.23
N PHE D 114 6.86 -26.21 -41.83
CA PHE D 114 6.58 -25.44 -40.64
C PHE D 114 7.24 -26.08 -39.42
N GLN D 115 7.11 -27.41 -39.30
CA GLN D 115 7.65 -28.10 -38.14
C GLN D 115 9.16 -27.95 -38.05
N ARG D 116 9.87 -28.11 -39.18
CA ARG D 116 11.32 -28.06 -39.12
C ARG D 116 11.83 -26.64 -38.89
N VAL D 117 11.20 -25.65 -39.55
CA VAL D 117 11.59 -24.27 -39.29
C VAL D 117 11.39 -23.92 -37.83
N LEU D 118 10.24 -24.32 -37.27
CA LEU D 118 9.96 -24.03 -35.87
C LEU D 118 10.94 -24.75 -34.95
N ASP D 119 11.28 -26.00 -35.28
CA ASP D 119 12.20 -26.76 -34.44
C ASP D 119 13.58 -26.15 -34.41
N VAL D 120 14.07 -25.65 -35.56
CA VAL D 120 15.42 -25.13 -35.60
C VAL D 120 15.47 -23.71 -35.02
N ASN D 121 14.60 -22.83 -35.50
CA ASN D 121 14.68 -21.43 -35.08
C ASN D 121 14.22 -21.21 -33.65
N LEU D 122 13.11 -21.83 -33.27
CA LEU D 122 12.47 -21.54 -31.98
C LEU D 122 12.84 -22.54 -30.90
N MET D 123 12.71 -23.83 -31.17
CA MET D 123 12.95 -24.83 -30.13
C MET D 123 14.44 -24.95 -29.81
N GLY D 124 15.29 -24.91 -30.83
CA GLY D 124 16.73 -24.99 -30.59
C GLY D 124 17.23 -23.81 -29.79
N THR D 125 16.68 -22.62 -30.05
CA THR D 125 17.05 -21.44 -29.28
C THR D 125 16.72 -21.64 -27.80
N PHE D 126 15.53 -22.16 -27.50
CA PHE D 126 15.17 -22.41 -26.11
C PHE D 126 16.08 -23.47 -25.48
N ASN D 127 16.38 -24.54 -26.22
CA ASN D 127 17.27 -25.57 -25.71
C ASN D 127 18.62 -24.97 -25.31
N VAL D 128 19.21 -24.20 -26.22
CA VAL D 128 20.50 -23.58 -25.93
C VAL D 128 20.37 -22.64 -24.74
N ILE D 129 19.30 -21.83 -24.71
CA ILE D 129 19.14 -20.86 -23.63
C ILE D 129 19.10 -21.57 -22.29
N ARG D 130 18.31 -22.63 -22.18
CA ARG D 130 18.13 -23.26 -20.88
C ARG D 130 19.39 -23.99 -20.42
N LEU D 131 20.03 -24.74 -21.33
CA LEU D 131 21.25 -25.42 -20.91
C LEU D 131 22.36 -24.43 -20.57
N VAL D 132 22.48 -23.35 -21.35
CA VAL D 132 23.50 -22.35 -21.07
C VAL D 132 23.19 -21.59 -19.80
N ALA D 133 21.91 -21.38 -19.47
CA ALA D 133 21.56 -20.78 -18.19
C ALA D 133 21.96 -21.68 -17.04
N GLY D 134 21.73 -22.99 -17.19
CA GLY D 134 22.24 -23.92 -16.19
C GLY D 134 23.73 -23.82 -16.02
N GLU D 135 24.47 -23.67 -17.13
CA GLU D 135 25.91 -23.51 -17.04
C GLU D 135 26.30 -22.22 -16.34
N MET D 136 25.69 -21.10 -16.73
CA MET D 136 26.04 -19.80 -16.15
C MET D 136 25.69 -19.72 -14.68
N GLY D 137 24.65 -20.43 -14.23
CA GLY D 137 24.28 -20.36 -12.84
C GLY D 137 25.42 -20.69 -11.89
N GLN D 138 26.42 -21.42 -12.36
CA GLN D 138 27.56 -21.81 -11.54
C GLN D 138 28.59 -20.70 -11.41
N ASN D 139 28.56 -19.69 -12.28
CA ASN D 139 29.57 -18.65 -12.24
C ASN D 139 29.41 -17.77 -11.00
N GLU D 140 30.54 -17.34 -10.46
CA GLU D 140 30.51 -16.40 -9.34
C GLU D 140 29.94 -15.07 -9.80
N PRO D 141 29.08 -14.44 -9.00
CA PRO D 141 28.60 -13.11 -9.38
C PRO D 141 29.76 -12.12 -9.49
N ASP D 142 29.64 -11.21 -10.43
CA ASP D 142 30.66 -10.20 -10.66
C ASP D 142 30.40 -9.04 -9.69
N GLN D 143 31.18 -7.96 -9.78
CA GLN D 143 31.00 -6.83 -8.88
C GLN D 143 29.57 -6.28 -8.97
N GLY D 144 28.94 -6.40 -10.14
CA GLY D 144 27.56 -6.02 -10.30
C GLY D 144 26.56 -7.14 -10.09
N GLY D 145 27.01 -8.31 -9.68
CA GLY D 145 26.12 -9.44 -9.46
C GLY D 145 25.77 -10.23 -10.70
N GLN D 146 26.41 -9.95 -11.84
CA GLN D 146 26.06 -10.58 -13.09
C GLN D 146 26.79 -11.90 -13.28
N ARG D 147 26.10 -12.89 -13.83
CA ARG D 147 26.69 -14.17 -14.14
C ARG D 147 26.87 -14.42 -15.62
N GLY D 148 26.11 -13.75 -16.48
CA GLY D 148 26.31 -13.92 -17.91
C GLY D 148 25.29 -13.11 -18.70
N VAL D 149 25.41 -13.21 -20.01
CA VAL D 149 24.52 -12.54 -20.94
C VAL D 149 24.15 -13.51 -22.06
N ILE D 150 22.87 -13.53 -22.42
CA ILE D 150 22.37 -14.32 -23.53
C ILE D 150 21.79 -13.37 -24.57
N ILE D 151 22.18 -13.54 -25.82
CA ILE D 151 21.76 -12.66 -26.92
C ILE D 151 21.18 -13.55 -28.00
N ASN D 152 19.86 -13.49 -28.18
CA ASN D 152 19.19 -14.24 -29.23
C ASN D 152 19.14 -13.42 -30.50
N THR D 153 19.05 -14.12 -31.63
CA THR D 153 18.84 -13.47 -32.92
C THR D 153 17.42 -13.71 -33.39
N ALA D 154 16.75 -12.64 -33.78
CA ALA D 154 15.42 -12.68 -34.36
C ALA D 154 15.48 -11.99 -35.72
N SER D 155 14.32 -11.72 -36.30
CA SER D 155 14.26 -11.02 -37.59
C SER D 155 13.18 -9.97 -37.52
N VAL D 156 13.31 -8.96 -38.39
CA VAL D 156 12.24 -7.98 -38.55
C VAL D 156 10.98 -8.64 -39.06
N ALA D 157 11.08 -9.87 -39.59
CA ALA D 157 9.90 -10.64 -39.93
C ALA D 157 9.05 -10.93 -38.70
N ALA D 158 9.62 -10.83 -37.50
CA ALA D 158 8.83 -10.95 -36.29
C ALA D 158 7.80 -9.85 -36.18
N PHE D 159 8.02 -8.71 -36.84
CA PHE D 159 7.14 -7.56 -36.77
C PHE D 159 6.42 -7.27 -38.07
N GLU D 160 7.15 -7.13 -39.18
CA GLU D 160 6.57 -6.97 -40.50
C GLU D 160 7.07 -8.13 -41.36
N GLY D 161 6.37 -9.25 -41.31
CA GLY D 161 6.71 -10.39 -42.14
C GLY D 161 6.24 -10.21 -43.56
N GLN D 162 6.72 -11.08 -44.44
CA GLN D 162 6.50 -10.97 -45.87
C GLN D 162 5.75 -12.20 -46.39
N VAL D 163 5.15 -12.04 -47.57
CA VAL D 163 4.47 -13.16 -48.21
C VAL D 163 5.45 -14.31 -48.35
N GLY D 164 5.05 -15.49 -47.90
CA GLY D 164 5.90 -16.66 -47.93
C GLY D 164 6.74 -16.88 -46.70
N GLN D 165 6.66 -16.01 -45.70
CA GLN D 165 7.44 -16.12 -44.47
C GLN D 165 6.53 -16.39 -43.27
N ALA D 166 5.53 -17.26 -43.44
CA ALA D 166 4.66 -17.59 -42.33
C ALA D 166 5.41 -18.34 -41.24
N ALA D 167 6.18 -19.36 -41.62
CA ALA D 167 6.89 -20.17 -40.63
C ALA D 167 8.07 -19.40 -40.03
N TYR D 168 8.81 -18.68 -40.86
CA TYR D 168 9.92 -17.88 -40.36
C TYR D 168 9.41 -16.81 -39.42
N SER D 169 8.34 -16.12 -39.79
CA SER D 169 7.74 -15.13 -38.91
C SER D 169 7.25 -15.75 -37.63
N ALA D 170 6.65 -16.94 -37.72
CA ALA D 170 6.18 -17.61 -36.51
C ALA D 170 7.31 -17.89 -35.55
N SER D 171 8.41 -18.48 -36.05
CA SER D 171 9.52 -18.82 -35.16
C SER D 171 10.17 -17.56 -34.57
N LYS D 172 10.37 -16.53 -35.39
CA LYS D 172 11.05 -15.34 -34.90
C LYS D 172 10.15 -14.58 -33.92
N GLY D 173 8.85 -14.53 -34.19
CA GLY D 173 7.93 -13.96 -33.24
C GLY D 173 7.88 -14.73 -31.94
N GLY D 174 8.03 -16.05 -32.00
CA GLY D 174 8.13 -16.82 -30.77
C GLY D 174 9.36 -16.44 -29.95
N ILE D 175 10.50 -16.29 -30.62
CA ILE D 175 11.71 -15.84 -29.92
C ILE D 175 11.47 -14.48 -29.27
N VAL D 176 10.90 -13.55 -30.03
CA VAL D 176 10.68 -12.20 -29.51
C VAL D 176 9.69 -12.24 -28.34
N GLY D 177 8.69 -13.12 -28.43
CA GLY D 177 7.72 -13.21 -27.35
C GLY D 177 8.31 -13.78 -26.09
N MET D 178 9.18 -14.79 -26.20
CA MET D 178 9.76 -15.44 -25.03
C MET D 178 11.00 -14.74 -24.52
N THR D 179 11.46 -13.68 -25.18
CA THR D 179 12.63 -12.96 -24.67
C THR D 179 12.40 -12.42 -23.26
N LEU D 180 11.23 -11.84 -22.99
CA LEU D 180 11.00 -11.18 -21.71
C LEU D 180 10.67 -12.17 -20.59
N PRO D 181 9.83 -13.17 -20.80
CA PRO D 181 9.61 -14.17 -19.74
C PRO D 181 10.90 -14.77 -19.22
N ILE D 182 11.84 -15.07 -20.10
CA ILE D 182 13.11 -15.64 -19.66
C ILE D 182 13.95 -14.59 -18.95
N ALA D 183 13.90 -13.35 -19.42
CA ALA D 183 14.61 -12.27 -18.74
C ALA D 183 14.14 -12.13 -17.30
N ARG D 184 12.84 -12.32 -17.06
CA ARG D 184 12.33 -12.30 -15.69
C ARG D 184 12.65 -13.58 -14.94
N ASP D 185 12.68 -14.72 -15.62
CA ASP D 185 13.02 -15.98 -14.94
C ASP D 185 14.43 -15.94 -14.38
N LEU D 186 15.39 -15.42 -15.16
CA LEU D 186 16.79 -15.48 -14.80
C LEU D 186 17.28 -14.25 -14.05
N ALA D 187 16.41 -13.28 -13.79
CA ALA D 187 16.85 -12.09 -13.06
C ALA D 187 17.42 -12.42 -11.70
N PRO D 188 16.80 -13.28 -10.88
CA PRO D 188 17.43 -13.61 -9.59
C PRO D 188 18.82 -14.18 -9.72
N ILE D 189 19.06 -14.99 -10.75
CA ILE D 189 20.39 -15.58 -10.95
C ILE D 189 21.39 -14.49 -11.33
N GLY D 190 20.98 -13.55 -12.16
CA GLY D 190 21.85 -12.48 -12.62
C GLY D 190 22.19 -12.52 -14.09
N ILE D 191 21.43 -13.24 -14.90
CA ILE D 191 21.72 -13.39 -16.33
C ILE D 191 20.85 -12.42 -17.10
N ARG D 192 21.48 -11.65 -17.99
CA ARG D 192 20.77 -10.71 -18.84
C ARG D 192 20.44 -11.38 -20.17
N VAL D 193 19.23 -11.16 -20.65
CA VAL D 193 18.74 -11.76 -21.89
C VAL D 193 18.29 -10.63 -22.81
N MET D 194 18.84 -10.63 -24.02
CA MET D 194 18.55 -9.61 -25.01
C MET D 194 18.34 -10.27 -26.37
N THR D 195 17.71 -9.52 -27.27
CA THR D 195 17.44 -9.98 -28.62
C THR D 195 17.86 -8.91 -29.62
N ILE D 196 18.33 -9.36 -30.77
CA ILE D 196 18.64 -8.48 -31.90
C ILE D 196 17.81 -8.95 -33.08
N ALA D 197 17.18 -8.00 -33.78
CA ALA D 197 16.33 -8.29 -34.93
C ALA D 197 16.95 -7.61 -36.16
N PRO D 198 17.85 -8.28 -36.86
CA PRO D 198 18.51 -7.64 -38.01
C PRO D 198 17.62 -7.68 -39.23
N GLY D 199 18.02 -6.88 -40.23
CA GLY D 199 17.34 -6.89 -41.51
C GLY D 199 18.30 -6.87 -42.68
N LEU D 200 18.26 -7.91 -43.51
CA LEU D 200 18.95 -7.93 -44.80
C LEU D 200 20.45 -7.69 -44.62
N PHE D 201 21.09 -8.66 -43.97
CA PHE D 201 22.54 -8.67 -43.83
C PHE D 201 23.16 -9.52 -44.92
N GLY D 202 24.41 -9.19 -45.27
CA GLY D 202 25.09 -9.84 -46.37
C GLY D 202 25.73 -11.16 -45.98
N THR D 203 24.91 -12.19 -45.85
CA THR D 203 25.34 -13.53 -45.46
C THR D 203 24.82 -14.54 -46.48
N PRO D 204 25.27 -15.79 -46.40
CA PRO D 204 24.80 -16.78 -47.39
C PRO D 204 23.30 -16.97 -47.39
N LEU D 205 22.64 -16.83 -46.25
CA LEU D 205 21.19 -17.01 -46.21
C LEU D 205 20.49 -16.04 -47.16
N LEU D 206 20.87 -14.77 -47.10
CA LEU D 206 20.27 -13.78 -48.00
C LEU D 206 20.78 -13.96 -49.42
N THR D 207 22.10 -14.12 -49.59
CA THR D 207 22.68 -14.19 -50.92
C THR D 207 22.16 -15.37 -51.72
N SER D 208 21.60 -16.38 -51.07
CA SER D 208 20.98 -17.50 -51.79
C SER D 208 19.75 -17.06 -52.57
N LEU D 209 19.20 -15.88 -52.32
CA LEU D 209 18.12 -15.35 -53.11
C LEU D 209 18.64 -14.89 -54.47
N PRO D 210 17.76 -14.72 -55.45
CA PRO D 210 18.20 -14.23 -56.77
C PRO D 210 18.98 -12.92 -56.63
N GLU D 211 20.14 -12.88 -57.28
CA GLU D 211 21.04 -11.74 -57.14
C GLU D 211 20.34 -10.43 -57.43
N LYS D 212 19.43 -10.42 -58.40
CA LYS D 212 18.67 -9.22 -58.69
C LYS D 212 17.85 -8.79 -57.48
N VAL D 213 17.24 -9.76 -56.80
CA VAL D 213 16.52 -9.46 -55.57
C VAL D 213 17.49 -8.92 -54.51
N CYS D 214 18.70 -9.46 -54.46
CA CYS D 214 19.69 -8.95 -53.50
C CYS D 214 19.96 -7.48 -53.75
N ASN D 215 20.21 -7.09 -55.01
CA ASN D 215 20.48 -5.70 -55.30
C ASN D 215 19.25 -4.83 -55.01
N PHE D 216 18.06 -5.30 -55.37
CA PHE D 216 16.85 -4.51 -55.13
C PHE D 216 16.66 -4.28 -53.64
N LEU D 217 16.82 -5.32 -52.82
CA LEU D 217 16.69 -5.17 -51.38
C LEU D 217 17.76 -4.23 -50.84
N ALA D 218 18.99 -4.36 -51.31
CA ALA D 218 20.04 -3.41 -50.92
C ALA D 218 19.61 -1.99 -51.21
N SER D 219 18.90 -1.78 -52.31
CA SER D 219 18.41 -0.45 -52.65
C SER D 219 17.22 -0.03 -51.79
N GLN D 220 16.47 -0.99 -51.25
CA GLN D 220 15.27 -0.64 -50.47
C GLN D 220 15.62 -0.04 -49.12
N VAL D 221 16.79 -0.33 -48.58
CA VAL D 221 17.15 0.14 -47.24
C VAL D 221 17.26 1.66 -47.25
N PRO D 222 16.55 2.37 -46.36
CA PRO D 222 16.63 3.84 -46.38
C PRO D 222 18.04 4.37 -46.22
N PHE D 223 18.71 4.00 -45.13
CA PHE D 223 20.10 4.42 -44.92
C PHE D 223 20.75 3.59 -43.82
N PRO D 224 21.97 3.07 -44.04
CA PRO D 224 22.72 3.06 -45.30
C PRO D 224 22.00 2.22 -46.36
N SER D 225 21.96 2.71 -47.60
CA SER D 225 21.22 2.04 -48.66
C SER D 225 22.06 0.89 -49.21
N ARG D 226 22.23 -0.13 -48.35
CA ARG D 226 23.01 -1.31 -48.69
C ARG D 226 22.62 -2.42 -47.74
N LEU D 227 23.14 -3.62 -48.00
CA LEU D 227 22.95 -4.73 -47.11
C LEU D 227 23.83 -4.56 -45.86
N GLY D 228 23.36 -5.11 -44.75
CA GLY D 228 24.08 -4.99 -43.50
C GLY D 228 25.42 -5.70 -43.54
N ASP D 229 26.32 -5.23 -42.69
CA ASP D 229 27.65 -5.83 -42.56
C ASP D 229 27.71 -6.64 -41.27
N PRO D 230 27.91 -7.96 -41.33
CA PRO D 230 27.97 -8.76 -40.10
C PRO D 230 28.88 -8.18 -39.03
N ALA D 231 29.88 -7.38 -39.44
CA ALA D 231 30.71 -6.70 -38.47
C ALA D 231 29.88 -5.73 -37.63
N GLU D 232 28.84 -5.14 -38.21
CA GLU D 232 27.97 -4.25 -37.45
C GLU D 232 27.13 -5.03 -36.45
N TYR D 233 26.69 -6.23 -36.83
CA TYR D 233 26.00 -7.09 -35.88
C TYR D 233 26.92 -7.45 -34.71
N ALA D 234 28.18 -7.77 -35.01
CA ALA D 234 29.14 -8.06 -33.94
C ALA D 234 29.37 -6.85 -33.06
N HIS D 235 29.44 -5.66 -33.66
CA HIS D 235 29.60 -4.44 -32.88
C HIS D 235 28.44 -4.25 -31.91
N LEU D 236 27.21 -4.45 -32.39
CA LEU D 236 26.06 -4.31 -31.52
C LEU D 236 26.06 -5.38 -30.43
N VAL D 237 26.50 -6.59 -30.76
CA VAL D 237 26.57 -7.65 -29.77
C VAL D 237 27.53 -7.28 -28.65
N GLN D 238 28.71 -6.76 -29.02
CA GLN D 238 29.66 -6.32 -28.01
C GLN D 238 29.10 -5.18 -27.18
N ALA D 239 28.40 -4.25 -27.83
CA ALA D 239 27.78 -3.16 -27.08
C ALA D 239 26.81 -3.70 -26.04
N ILE D 240 25.99 -4.68 -26.42
CA ILE D 240 25.06 -5.29 -25.47
C ILE D 240 25.82 -5.96 -24.33
N ILE D 241 26.94 -6.61 -24.66
CA ILE D 241 27.72 -7.28 -23.62
C ILE D 241 28.24 -6.27 -22.61
N GLU D 242 28.74 -5.13 -23.08
CA GLU D 242 29.42 -4.18 -22.20
C GLU D 242 28.49 -3.22 -21.48
N ASN D 243 27.18 -3.24 -21.76
CA ASN D 243 26.26 -2.33 -21.10
C ASN D 243 25.49 -3.08 -20.02
N PRO D 244 25.71 -2.79 -18.74
CA PRO D 244 25.01 -3.55 -17.69
C PRO D 244 23.50 -3.41 -17.69
N PHE D 245 22.95 -2.33 -18.23
CA PHE D 245 21.55 -1.99 -18.01
C PHE D 245 20.65 -2.34 -19.19
N LEU D 246 21.14 -3.11 -20.16
CA LEU D 246 20.33 -3.60 -21.26
C LEU D 246 19.86 -5.01 -20.94
N ASN D 247 18.54 -5.20 -20.87
CA ASN D 247 17.99 -6.49 -20.49
C ASN D 247 16.53 -6.56 -20.91
N GLY D 248 16.14 -7.71 -21.45
CA GLY D 248 14.74 -7.93 -21.81
C GLY D 248 14.22 -6.99 -22.87
N GLU D 249 15.05 -6.66 -23.86
CA GLU D 249 14.69 -5.69 -24.89
C GLU D 249 15.06 -6.26 -26.26
N VAL D 250 14.34 -5.82 -27.28
CA VAL D 250 14.60 -6.20 -28.67
C VAL D 250 15.14 -4.98 -29.40
N ILE D 251 16.28 -5.14 -30.04
CA ILE D 251 16.92 -4.07 -30.80
C ILE D 251 16.85 -4.42 -32.28
N ARG D 252 16.36 -3.48 -33.08
CA ARG D 252 16.23 -3.67 -34.53
C ARG D 252 17.45 -3.08 -35.21
N LEU D 253 18.32 -3.95 -35.72
CA LEU D 253 19.50 -3.53 -36.48
C LEU D 253 19.19 -3.72 -37.97
N ASP D 254 18.42 -2.80 -38.52
CA ASP D 254 17.89 -2.96 -39.87
C ASP D 254 18.03 -1.71 -40.75
N GLY D 255 18.59 -0.62 -40.25
CA GLY D 255 18.77 0.55 -41.08
C GLY D 255 17.51 1.28 -41.42
N ALA D 256 16.46 1.14 -40.60
CA ALA D 256 15.18 1.82 -40.76
C ALA D 256 14.32 1.25 -41.86
N ILE D 257 14.60 0.02 -42.30
CA ILE D 257 13.81 -0.61 -43.35
C ILE D 257 12.54 -1.22 -42.76
N ARG D 258 11.45 -1.07 -43.49
CA ARG D 258 10.19 -1.76 -43.20
C ARG D 258 9.77 -2.51 -44.44
N MET D 259 9.49 -3.80 -44.29
CA MET D 259 9.21 -4.65 -45.44
C MET D 259 7.83 -4.34 -46.04
N GLN D 260 7.70 -4.65 -47.33
CA GLN D 260 6.44 -4.59 -48.04
C GLN D 260 5.86 -5.99 -48.19
N PRO D 261 4.56 -6.12 -48.49
CA PRO D 261 3.94 -7.43 -48.62
C PRO D 261 4.72 -8.39 -49.51
N PRO E 73 -16.17 -35.76 58.01
CA PRO E 73 -15.71 -36.53 59.17
C PRO E 73 -15.42 -35.67 60.39
N THR E 74 -15.67 -36.21 61.58
CA THR E 74 -15.44 -35.50 62.84
C THR E 74 -14.49 -36.21 63.78
N GLN E 75 -14.07 -37.44 63.47
CA GLN E 75 -13.21 -38.23 64.31
C GLN E 75 -12.05 -38.78 63.49
N PRO E 76 -10.89 -39.01 64.09
CA PRO E 76 -9.77 -39.56 63.32
C PRO E 76 -10.16 -40.85 62.62
N LEU E 77 -9.63 -41.03 61.41
CA LEU E 77 -10.01 -42.14 60.56
C LEU E 77 -8.82 -43.07 60.32
N ASN E 78 -9.14 -44.30 59.93
CA ASN E 78 -8.16 -45.29 59.56
C ASN E 78 -7.83 -45.18 58.08
N SER E 79 -6.69 -45.77 57.69
CA SER E 79 -6.27 -45.71 56.30
C SER E 79 -7.34 -46.25 55.37
N GLU E 80 -7.94 -47.38 55.72
CA GLU E 80 -9.03 -47.92 54.90
C GLU E 80 -10.22 -46.97 54.88
N GLU E 81 -10.52 -46.35 56.03
CA GLU E 81 -11.57 -45.35 56.06
C GLU E 81 -11.25 -44.21 55.11
N TRP E 82 -10.00 -43.74 55.12
CA TRP E 82 -9.62 -42.65 54.22
C TRP E 82 -9.77 -43.08 52.76
N ASP E 83 -9.41 -44.33 52.45
CA ASP E 83 -9.47 -44.79 51.07
C ASP E 83 -10.91 -44.92 50.58
N LYS E 84 -11.79 -45.48 51.41
CA LYS E 84 -13.19 -45.59 50.99
C LYS E 84 -13.84 -44.22 50.91
N LEU E 85 -13.48 -43.30 51.81
CA LEU E 85 -13.97 -41.94 51.72
C LEU E 85 -13.48 -41.27 50.44
N LYS E 86 -12.22 -41.52 50.07
CA LYS E 86 -11.71 -40.99 48.81
C LYS E 86 -12.51 -41.53 47.63
N GLU E 87 -12.75 -42.84 47.62
CA GLU E 87 -13.51 -43.43 46.53
C GLU E 87 -14.90 -42.81 46.43
N ASP E 88 -15.54 -42.56 47.57
CA ASP E 88 -16.88 -41.98 47.53
C ASP E 88 -16.85 -40.52 47.11
N LEU E 89 -15.91 -39.74 47.64
CA LEU E 89 -15.95 -38.29 47.50
C LEU E 89 -15.15 -37.78 46.31
N LYS E 90 -14.45 -38.65 45.57
CA LYS E 90 -13.80 -38.20 44.34
C LYS E 90 -14.83 -37.65 43.36
N GLU E 91 -16.07 -38.09 43.48
CA GLU E 91 -17.14 -37.52 42.66
C GLU E 91 -17.28 -36.02 42.90
N ASN E 92 -17.36 -35.63 44.17
CA ASN E 92 -17.52 -34.22 44.51
C ASN E 92 -16.23 -33.43 44.37
N THR E 93 -15.07 -34.09 44.54
CA THR E 93 -13.80 -33.38 44.59
C THR E 93 -13.63 -32.44 43.41
N GLY E 94 -13.94 -32.91 42.21
CA GLY E 94 -13.86 -32.04 41.03
C GLY E 94 -12.45 -31.92 40.53
N LYS E 95 -12.02 -30.67 40.29
CA LYS E 95 -10.76 -30.44 39.59
C LYS E 95 -9.56 -30.83 40.44
N THR E 96 -9.53 -30.39 41.69
CA THR E 96 -8.34 -30.57 42.51
C THR E 96 -8.31 -31.99 43.11
N SER E 97 -7.16 -32.34 43.68
CA SER E 97 -6.97 -33.65 44.26
C SER E 97 -7.83 -33.81 45.52
N PHE E 98 -8.09 -35.06 45.87
CA PHE E 98 -8.97 -35.34 47.01
C PHE E 98 -8.40 -34.77 48.29
N GLU E 99 -7.14 -35.08 48.60
CA GLU E 99 -6.58 -34.70 49.90
C GLU E 99 -6.55 -33.19 50.08
N SER E 100 -6.15 -32.45 49.04
CA SER E 100 -6.14 -31.00 49.14
C SER E 100 -7.54 -30.46 49.37
N TRP E 101 -8.53 -31.01 48.66
CA TRP E 101 -9.91 -30.55 48.82
C TRP E 101 -10.42 -30.82 50.23
N ILE E 102 -10.13 -32.01 50.77
CA ILE E 102 -10.65 -32.35 52.08
C ILE E 102 -10.00 -31.50 53.16
N ILE E 103 -8.68 -31.29 53.06
CA ILE E 103 -8.03 -30.44 54.06
C ILE E 103 -8.48 -28.99 53.89
N SER E 104 -8.79 -28.56 52.67
CA SER E 104 -9.32 -27.22 52.49
C SER E 104 -10.63 -27.05 53.22
N GLN E 105 -11.54 -28.01 53.07
CA GLN E 105 -12.80 -27.92 53.80
C GLN E 105 -12.59 -28.02 55.30
N MET E 106 -11.65 -28.85 55.75
CA MET E 106 -11.38 -28.96 57.18
C MET E 106 -10.89 -27.62 57.74
N ALA E 107 -10.00 -26.96 57.01
CA ALA E 107 -9.56 -25.63 57.41
C ALA E 107 -10.72 -24.65 57.41
N GLY E 108 -11.60 -24.77 56.42
CA GLY E 108 -12.77 -23.89 56.35
C GLY E 108 -13.66 -24.04 57.58
N CYS E 109 -13.83 -25.27 58.06
CA CYS E 109 -14.71 -25.52 59.19
C CYS E 109 -13.96 -25.72 60.51
N HIS E 110 -12.65 -25.51 60.53
CA HIS E 110 -11.85 -25.60 61.75
C HIS E 110 -12.00 -26.97 62.41
N SER E 111 -11.54 -27.99 61.69
CA SER E 111 -11.48 -29.32 62.25
C SER E 111 -10.35 -29.42 63.28
N SER E 112 -10.51 -30.36 64.20
CA SER E 112 -9.48 -30.57 65.22
C SER E 112 -8.20 -31.10 64.57
N ILE E 113 -7.06 -30.73 65.16
CA ILE E 113 -5.79 -31.04 64.53
C ILE E 113 -5.51 -32.53 64.49
N ASP E 114 -6.19 -33.32 65.33
CA ASP E 114 -5.96 -34.77 65.28
C ASP E 114 -6.47 -35.38 63.98
N VAL E 115 -7.63 -34.92 63.50
CA VAL E 115 -8.18 -35.43 62.24
C VAL E 115 -7.24 -35.08 61.09
N ALA E 116 -6.78 -33.83 61.06
CA ALA E 116 -5.85 -33.41 60.01
C ALA E 116 -4.55 -34.18 60.10
N LYS E 117 -4.07 -34.44 61.31
CA LYS E 117 -2.84 -35.21 61.47
C LYS E 117 -3.01 -36.63 60.94
N SER E 118 -4.17 -37.23 61.20
CA SER E 118 -4.46 -38.55 60.65
C SER E 118 -4.47 -38.52 59.12
N LEU E 119 -5.10 -37.50 58.54
CA LEU E 119 -5.11 -37.39 57.08
C LEU E 119 -3.70 -37.26 56.53
N LEU E 120 -2.87 -36.43 57.17
CA LEU E 120 -1.50 -36.26 56.70
C LEU E 120 -0.72 -37.56 56.83
N ALA E 121 -0.94 -38.31 57.91
CA ALA E 121 -0.26 -39.59 58.07
C ALA E 121 -0.65 -40.55 56.95
N TRP E 122 -1.94 -40.60 56.62
CA TRP E 122 -2.37 -41.46 55.52
C TRP E 122 -1.74 -41.03 54.21
N VAL E 123 -1.72 -39.73 53.93
CA VAL E 123 -1.14 -39.24 52.69
C VAL E 123 0.34 -39.59 52.61
N ALA E 124 1.07 -39.36 53.70
CA ALA E 124 2.50 -39.66 53.71
C ALA E 124 2.75 -41.16 53.52
N ALA E 125 1.96 -41.99 54.20
CA ALA E 125 2.10 -43.43 54.02
C ALA E 125 1.89 -43.82 52.56
N LYS E 126 0.87 -43.24 51.92
CA LYS E 126 0.67 -43.51 50.51
C LYS E 126 1.81 -42.99 49.65
N ASN E 127 2.48 -41.93 50.09
CA ASN E 127 3.47 -41.24 49.27
C ASN E 127 4.89 -41.35 49.84
N ASN E 128 5.20 -42.45 50.52
CA ASN E 128 6.55 -42.72 50.99
C ASN E 128 7.09 -41.58 51.84
N GLY E 129 6.27 -41.11 52.77
CA GLY E 129 6.71 -40.11 53.72
C GLY E 129 6.83 -38.70 53.19
N ILE E 130 6.24 -38.41 52.04
CA ILE E 130 6.32 -37.09 51.43
C ILE E 130 4.91 -36.51 51.43
N VAL E 131 4.74 -35.40 52.15
CA VAL E 131 3.48 -34.67 52.20
C VAL E 131 3.70 -33.33 51.48
N SER E 132 2.83 -33.04 50.52
CA SER E 132 3.02 -31.85 49.69
C SER E 132 3.06 -30.59 50.56
N TYR E 133 3.63 -29.53 49.99
CA TYR E 133 3.79 -28.29 50.74
C TYR E 133 2.44 -27.64 51.03
N ASP E 134 1.50 -27.70 50.08
CA ASP E 134 0.20 -27.08 50.29
C ASP E 134 -0.53 -27.72 51.48
N LEU E 135 -0.52 -29.05 51.55
CA LEU E 135 -1.15 -29.73 52.66
C LEU E 135 -0.52 -29.31 53.97
N LEU E 136 0.81 -29.24 54.00
CA LEU E 136 1.49 -28.88 55.23
C LEU E 136 1.20 -27.45 55.64
N VAL E 137 1.00 -26.55 54.67
CA VAL E 137 0.66 -25.17 55.01
C VAL E 137 -0.76 -25.09 55.57
N LYS E 138 -1.70 -25.83 54.98
CA LYS E 138 -3.05 -25.80 55.54
C LYS E 138 -3.10 -26.46 56.92
N TYR E 139 -2.30 -27.50 57.14
CA TYR E 139 -2.21 -28.08 58.47
C TYR E 139 -1.59 -27.09 59.46
N LEU E 140 -0.58 -26.33 59.02
CA LEU E 140 -0.04 -25.28 59.87
C LEU E 140 -1.12 -24.26 60.21
N TYR E 141 -1.96 -23.91 59.24
CA TYR E 141 -3.05 -23.00 59.52
C TYR E 141 -3.97 -23.56 60.59
N LEU E 142 -4.36 -24.83 60.44
CA LEU E 142 -5.26 -25.43 61.42
C LEU E 142 -4.64 -25.44 62.81
N CYS E 143 -3.37 -25.82 62.91
CA CYS E 143 -2.75 -25.95 64.23
C CYS E 143 -2.28 -24.60 64.78
N VAL E 144 -2.34 -23.53 64.00
CA VAL E 144 -2.15 -22.19 64.54
C VAL E 144 -3.47 -21.59 64.99
N PHE E 145 -4.55 -21.87 64.26
CA PHE E 145 -5.85 -21.36 64.64
C PHE E 145 -6.29 -21.92 66.00
N HIS E 146 -6.02 -23.21 66.24
CA HIS E 146 -6.38 -23.85 67.50
C HIS E 146 -5.33 -23.64 68.59
N MET E 147 -4.42 -22.68 68.42
CA MET E 147 -3.49 -22.31 69.47
C MET E 147 -2.69 -23.51 69.97
N GLN E 148 -2.26 -24.37 69.04
CA GLN E 148 -1.45 -25.54 69.37
C GLN E 148 -0.01 -25.22 69.00
N THR E 149 0.78 -24.81 70.00
CA THR E 149 2.14 -24.36 69.73
C THR E 149 3.10 -25.51 69.45
N SER E 150 2.89 -26.67 70.07
CA SER E 150 3.84 -27.77 69.90
C SER E 150 3.86 -28.27 68.45
N GLU E 151 2.68 -28.46 67.86
CA GLU E 151 2.65 -28.88 66.45
C GLU E 151 3.15 -27.77 65.54
N VAL E 152 2.97 -26.51 65.95
CA VAL E 152 3.57 -25.42 65.18
C VAL E 152 5.09 -25.54 65.17
N ILE E 153 5.68 -25.83 66.32
CA ILE E 153 7.14 -26.00 66.38
C ILE E 153 7.58 -27.17 65.51
N ASP E 154 6.85 -28.29 65.59
CA ASP E 154 7.23 -29.45 64.79
C ASP E 154 7.14 -29.15 63.30
N VAL E 155 6.06 -28.49 62.88
CA VAL E 155 5.93 -28.13 61.47
C VAL E 155 7.02 -27.16 61.06
N PHE E 156 7.43 -26.27 61.98
CA PHE E 156 8.53 -25.36 61.69
C PHE E 156 9.82 -26.13 61.42
N GLU E 157 10.09 -27.15 62.25
CA GLU E 157 11.28 -27.98 62.01
C GLU E 157 11.18 -28.71 60.68
N ILE E 158 10.00 -29.23 60.35
CA ILE E 158 9.82 -29.92 59.08
C ILE E 158 10.09 -28.97 57.91
N MET E 159 9.55 -27.75 57.98
CA MET E 159 9.77 -26.77 56.93
C MET E 159 11.26 -26.47 56.80
N LYS E 160 11.94 -26.25 57.92
CA LYS E 160 13.37 -25.95 57.85
C LYS E 160 14.14 -27.10 57.21
N ALA E 161 13.79 -28.34 57.56
CA ALA E 161 14.52 -29.49 57.03
C ALA E 161 14.30 -29.64 55.53
N ARG E 162 13.04 -29.63 55.07
CA ARG E 162 12.75 -30.02 53.70
C ARG E 162 12.97 -28.87 52.71
N TYR E 163 12.67 -27.64 53.10
CA TYR E 163 12.81 -26.49 52.21
C TYR E 163 13.77 -25.47 52.81
N LYS E 164 14.50 -24.79 51.93
CA LYS E 164 15.46 -23.78 52.37
C LYS E 164 14.84 -22.39 52.46
N THR E 165 13.78 -22.13 51.71
CA THR E 165 13.01 -20.91 51.83
C THR E 165 11.53 -21.24 51.71
N LEU E 166 10.70 -20.42 52.33
CA LEU E 166 9.27 -20.65 52.42
C LEU E 166 8.50 -19.57 51.69
N GLU E 167 7.20 -19.78 51.60
CA GLU E 167 6.26 -18.90 50.93
C GLU E 167 5.64 -17.92 51.93
N PRO E 168 5.29 -16.70 51.51
CA PRO E 168 4.87 -15.69 52.49
C PRO E 168 3.69 -16.10 53.37
N ARG E 169 2.74 -16.90 52.87
CA ARG E 169 1.71 -17.40 53.78
C ARG E 169 2.30 -18.37 54.79
N GLY E 170 3.23 -19.22 54.36
CA GLY E 170 3.91 -20.08 55.31
C GLY E 170 4.66 -19.29 56.36
N TYR E 171 5.40 -18.26 55.92
CA TYR E 171 6.10 -17.40 56.86
C TYR E 171 5.14 -16.69 57.79
N SER E 172 4.01 -16.22 57.26
CA SER E 172 3.05 -15.48 58.06
C SER E 172 2.45 -16.38 59.13
N LEU E 173 2.05 -17.59 58.76
CA LEU E 173 1.49 -18.51 59.74
C LEU E 173 2.53 -18.91 60.78
N LEU E 174 3.77 -19.13 60.35
CA LEU E 174 4.82 -19.48 61.30
C LEU E 174 5.05 -18.34 62.29
N ILE E 175 5.08 -17.10 61.82
CA ILE E 175 5.24 -15.97 62.71
C ILE E 175 4.06 -15.88 63.67
N ARG E 176 2.85 -16.03 63.14
CA ARG E 176 1.65 -15.92 63.95
C ARG E 176 1.60 -17.00 65.03
N GLY E 177 2.18 -18.16 64.76
CA GLY E 177 2.20 -19.23 65.73
C GLY E 177 3.36 -19.18 66.71
N LEU E 178 4.49 -18.66 66.27
CA LEU E 178 5.71 -18.67 67.07
C LEU E 178 5.80 -17.53 68.06
N ILE E 179 4.97 -16.50 67.91
CA ILE E 179 5.01 -15.38 68.85
C ILE E 179 4.67 -15.84 70.27
N HIS E 180 3.93 -16.94 70.40
CA HIS E 180 3.49 -17.40 71.72
C HIS E 180 4.55 -18.24 72.42
N SER E 181 5.33 -19.02 71.67
CA SER E 181 6.25 -19.97 72.26
C SER E 181 7.44 -19.22 72.87
N ASP E 182 8.40 -19.98 73.40
CA ASP E 182 9.64 -19.40 73.88
C ASP E 182 10.57 -19.05 72.74
N ARG E 183 10.47 -19.77 71.62
CA ARG E 183 11.26 -19.47 70.43
C ARG E 183 10.57 -18.38 69.61
N TRP E 184 10.41 -17.21 70.24
CA TRP E 184 9.74 -16.09 69.63
C TRP E 184 10.69 -15.11 68.96
N ARG E 185 11.99 -15.20 69.24
CA ARG E 185 12.97 -14.37 68.54
C ARG E 185 13.22 -14.85 67.13
N GLU E 186 12.80 -16.07 66.78
CA GLU E 186 12.93 -16.56 65.42
C GLU E 186 11.86 -15.99 64.50
N ALA E 187 10.73 -15.56 65.04
CA ALA E 187 9.71 -14.91 64.22
C ALA E 187 10.25 -13.62 63.61
N LEU E 188 11.13 -12.93 64.32
CA LEU E 188 11.78 -11.76 63.74
C LEU E 188 12.65 -12.15 62.55
N LEU E 189 13.34 -13.29 62.65
CA LEU E 189 14.12 -13.78 61.52
C LEU E 189 13.22 -14.13 60.35
N LEU E 190 12.05 -14.72 60.61
CA LEU E 190 11.13 -15.01 59.52
C LEU E 190 10.62 -13.73 58.87
N LEU E 191 10.35 -12.71 59.67
CA LEU E 191 9.95 -11.42 59.10
C LEU E 191 11.04 -10.86 58.21
N GLU E 192 12.29 -10.91 58.67
CA GLU E 192 13.40 -10.45 57.85
C GLU E 192 13.52 -11.27 56.56
N ASP E 193 13.25 -12.57 56.64
CA ASP E 193 13.30 -13.41 55.44
C ASP E 193 12.21 -13.01 54.46
N ILE E 194 11.01 -12.68 54.95
CA ILE E 194 9.97 -12.16 54.07
C ILE E 194 10.43 -10.87 53.41
N LYS E 195 11.05 -9.98 54.18
CA LYS E 195 11.39 -8.66 53.67
C LYS E 195 12.21 -8.70 52.38
N LYS E 196 12.81 -9.83 52.04
CA LYS E 196 13.71 -9.87 50.89
C LYS E 196 13.00 -9.44 49.61
N VAL E 197 11.85 -10.02 49.32
CA VAL E 197 11.21 -9.82 48.03
C VAL E 197 9.97 -8.95 48.13
N ILE E 198 9.24 -9.05 49.24
CA ILE E 198 7.98 -8.34 49.41
C ILE E 198 8.03 -7.56 50.72
N THR E 199 7.24 -6.51 50.77
CA THR E 199 7.07 -5.77 52.02
C THR E 199 6.14 -6.55 52.94
N PRO E 200 6.55 -6.82 54.19
CA PRO E 200 5.65 -7.57 55.08
C PRO E 200 4.34 -6.84 55.29
N SER E 201 3.27 -7.61 55.41
CA SER E 201 1.95 -7.02 55.60
C SER E 201 1.90 -6.29 56.94
N LYS E 202 0.77 -5.61 57.16
CA LYS E 202 0.55 -5.00 58.47
C LYS E 202 0.38 -6.05 59.55
N LYS E 203 -0.13 -7.23 59.19
CA LYS E 203 -0.40 -8.26 60.17
C LYS E 203 0.87 -8.96 60.63
N ASN E 204 1.86 -9.12 59.75
CA ASN E 204 3.13 -9.67 60.18
C ASN E 204 3.77 -8.80 61.25
N TYR E 205 3.77 -7.49 61.02
CA TYR E 205 4.30 -6.57 62.02
C TYR E 205 3.47 -6.59 63.29
N ASN E 206 2.15 -6.66 63.15
CA ASN E 206 1.29 -6.75 64.33
C ASN E 206 1.66 -7.95 65.18
N ASP E 207 1.80 -9.12 64.54
CA ASP E 207 2.11 -10.34 65.27
C ASP E 207 3.48 -10.28 65.91
N CYS E 208 4.47 -9.75 65.19
CA CYS E 208 5.80 -9.63 65.79
C CYS E 208 5.78 -8.69 66.98
N ILE E 209 5.06 -7.57 66.87
CA ILE E 209 5.01 -6.62 67.98
C ILE E 209 4.34 -7.25 69.18
N GLN E 210 3.24 -7.97 68.97
CA GLN E 210 2.58 -8.63 70.09
C GLN E 210 3.48 -9.68 70.72
N GLY E 211 4.19 -10.47 69.90
CA GLY E 211 5.11 -11.45 70.44
C GLY E 211 6.21 -10.80 71.26
N ALA E 212 6.70 -9.65 70.81
CA ALA E 212 7.74 -8.96 71.56
C ALA E 212 7.22 -8.34 72.85
N LEU E 213 5.97 -7.87 72.84
CA LEU E 213 5.41 -7.28 74.05
C LEU E 213 5.04 -8.32 75.09
N LEU E 214 4.57 -9.50 74.65
CA LEU E 214 4.23 -10.55 75.60
C LEU E 214 5.45 -11.04 76.38
N HIS E 215 6.66 -10.80 75.85
CA HIS E 215 7.89 -11.24 76.50
C HIS E 215 8.72 -10.07 77.01
N GLN E 216 8.05 -8.99 77.40
CA GLN E 216 8.70 -7.87 78.10
C GLN E 216 9.92 -7.36 77.35
N ASP E 217 9.78 -7.20 76.03
CA ASP E 217 10.83 -6.65 75.18
C ASP E 217 10.20 -5.49 74.42
N VAL E 218 10.37 -4.28 74.95
CA VAL E 218 9.70 -3.11 74.37
C VAL E 218 10.56 -2.41 73.32
N ASN E 219 11.89 -2.49 73.44
CA ASN E 219 12.74 -1.85 72.45
C ASN E 219 12.50 -2.45 71.06
N THR E 220 12.42 -3.78 70.98
CA THR E 220 12.14 -4.41 69.69
C THR E 220 10.73 -4.10 69.22
N ALA E 221 9.78 -3.99 70.14
CA ALA E 221 8.41 -3.64 69.75
C ALA E 221 8.36 -2.26 69.10
N TRP E 222 9.04 -1.28 69.70
CA TRP E 222 9.06 0.04 69.11
C TRP E 222 9.88 0.09 67.83
N ASN E 223 10.94 -0.72 67.74
CA ASN E 223 11.67 -0.79 66.48
C ASN E 223 10.79 -1.33 65.36
N LEU E 224 10.00 -2.37 65.65
CA LEU E 224 9.11 -2.91 64.63
C LEU E 224 8.02 -1.91 64.28
N TYR E 225 7.49 -1.19 65.27
CA TYR E 225 6.51 -0.15 64.98
C TYR E 225 7.10 0.91 64.07
N GLN E 226 8.34 1.31 64.34
CA GLN E 226 8.96 2.36 63.55
C GLN E 226 9.28 1.87 62.14
N GLU E 227 9.64 0.59 62.00
CA GLU E 227 9.80 0.03 60.66
C GLU E 227 8.47 0.02 59.91
N LEU E 228 7.39 -0.36 60.59
CA LEU E 228 6.08 -0.34 59.96
C LEU E 228 5.77 1.06 59.44
N LEU E 229 5.96 2.07 60.27
CA LEU E 229 5.73 3.43 59.80
C LEU E 229 6.71 3.81 58.69
N GLY E 230 7.91 3.21 58.70
CA GLY E 230 8.88 3.49 57.65
C GLY E 230 8.45 2.99 56.29
N HIS E 231 7.78 1.84 56.24
CA HIS E 231 7.26 1.32 54.99
C HIS E 231 5.94 1.94 54.57
N ASP E 232 5.56 3.06 55.19
CA ASP E 232 4.36 3.80 54.78
C ASP E 232 3.11 2.93 54.88
N ILE E 233 3.07 2.07 55.88
CA ILE E 233 1.95 1.19 56.14
C ILE E 233 1.13 1.78 57.28
N VAL E 234 -0.19 1.71 57.17
CA VAL E 234 -1.07 2.18 58.22
C VAL E 234 -1.19 1.07 59.26
N PRO E 235 -0.70 1.26 60.48
CA PRO E 235 -0.79 0.18 61.47
C PRO E 235 -2.24 -0.16 61.76
N MET E 236 -2.50 -1.44 61.96
CA MET E 236 -3.84 -1.86 62.39
C MET E 236 -4.03 -1.47 63.84
N LEU E 237 -5.24 -1.04 64.18
CA LEU E 237 -5.49 -0.47 65.49
C LEU E 237 -5.20 -1.47 66.61
N GLU E 238 -5.17 -2.76 66.30
CA GLU E 238 -4.85 -3.75 67.33
C GLU E 238 -3.44 -3.54 67.87
N THR E 239 -2.49 -3.17 67.01
CA THR E 239 -1.12 -2.97 67.47
C THR E 239 -1.01 -1.80 68.45
N LEU E 240 -1.65 -0.68 68.12
CA LEU E 240 -1.62 0.47 69.02
C LEU E 240 -2.35 0.16 70.31
N LYS E 241 -3.50 -0.51 70.21
CA LYS E 241 -4.18 -1.00 71.40
C LYS E 241 -3.28 -1.87 72.24
N ALA E 242 -2.43 -2.68 71.61
CA ALA E 242 -1.53 -3.55 72.36
C ALA E 242 -0.51 -2.72 73.13
N PHE E 243 0.06 -1.71 72.48
CA PHE E 243 0.97 -0.83 73.21
C PHE E 243 0.28 -0.22 74.43
N PHE E 244 -0.95 0.27 74.25
CA PHE E 244 -1.63 0.92 75.37
C PHE E 244 -1.98 -0.07 76.47
N ASP E 245 -2.40 -1.27 76.10
CA ASP E 245 -2.74 -2.29 77.09
C ASP E 245 -1.52 -2.70 77.90
N PHE E 246 -0.37 -2.87 77.23
CA PHE E 246 0.83 -3.26 77.95
C PHE E 246 1.42 -2.11 78.75
N GLY E 247 1.11 -0.87 78.39
CA GLY E 247 1.69 0.26 79.10
C GLY E 247 1.39 0.28 80.59
N LYS E 248 0.29 -0.35 81.01
CA LYS E 248 -0.10 -0.31 82.42
C LYS E 248 1.01 -0.87 83.31
N ASP E 249 1.64 -1.97 82.88
CA ASP E 249 2.65 -2.61 83.70
C ASP E 249 3.81 -1.66 83.99
N ILE E 250 4.27 -0.96 82.97
CA ILE E 250 5.43 -0.09 83.12
C ILE E 250 5.01 1.26 83.69
N LYS E 251 5.89 1.84 84.49
CA LYS E 251 5.78 3.22 84.97
C LYS E 251 7.07 3.92 84.57
N ASP E 252 7.10 4.43 83.34
CA ASP E 252 8.27 5.13 82.81
C ASP E 252 7.81 6.31 81.98
N ASP E 253 8.59 7.40 82.03
CA ASP E 253 8.24 8.59 81.27
C ASP E 253 8.38 8.37 79.77
N ASN E 254 9.41 7.63 79.36
CA ASN E 254 9.66 7.43 77.94
C ASN E 254 8.51 6.68 77.28
N TYR E 255 8.03 5.63 77.93
CA TYR E 255 6.92 4.87 77.38
C TYR E 255 5.66 5.73 77.29
N SER E 256 5.41 6.55 78.31
CA SER E 256 4.25 7.44 78.27
C SER E 256 4.36 8.42 77.11
N ASN E 257 5.55 8.99 76.90
CA ASN E 257 5.72 9.92 75.81
C ASN E 257 5.54 9.25 74.47
N LYS E 258 5.99 7.99 74.34
CA LYS E 258 5.78 7.27 73.09
C LYS E 258 4.29 6.97 72.86
N LEU E 259 3.56 6.67 73.93
CA LEU E 259 2.11 6.50 73.78
C LEU E 259 1.45 7.80 73.34
N LEU E 260 1.89 8.93 73.90
CA LEU E 260 1.39 10.21 73.43
C LEU E 260 1.75 10.44 71.96
N ASP E 261 2.91 9.95 71.53
CA ASP E 261 3.24 10.01 70.10
C ASP E 261 2.25 9.21 69.28
N ILE E 262 1.84 8.04 69.78
CA ILE E 262 0.82 7.26 69.07
C ILE E 262 -0.48 8.04 68.98
N LEU E 263 -0.85 8.72 70.07
CA LEU E 263 -2.05 9.55 70.03
C LEU E 263 -1.93 10.66 69.00
N SER E 264 -0.76 11.30 68.94
CA SER E 264 -0.54 12.34 67.94
C SER E 264 -0.63 11.78 66.52
N TYR E 265 -0.14 10.56 66.32
CA TYR E 265 -0.32 9.90 65.02
C TYR E 265 -1.79 9.73 64.69
N LEU E 266 -2.56 9.23 65.65
CA LEU E 266 -4.01 9.12 65.47
C LEU E 266 -4.59 10.46 65.04
N ARG E 267 -4.17 11.54 65.71
CA ARG E 267 -4.69 12.86 65.39
C ARG E 267 -4.34 13.25 63.95
N ASN E 268 -3.07 13.11 63.59
CA ASN E 268 -2.61 13.56 62.29
C ASN E 268 -3.33 12.82 61.16
N ASN E 269 -3.46 11.49 61.29
CA ASN E 269 -3.94 10.67 60.18
C ASN E 269 -5.45 10.43 60.23
N GLN E 270 -6.18 11.10 61.12
CA GLN E 270 -7.64 11.01 61.16
C GLN E 270 -8.11 9.57 61.35
N LEU E 271 -7.63 8.95 62.43
CA LEU E 271 -8.07 7.62 62.81
C LEU E 271 -8.70 7.68 64.19
N TYR E 272 -9.75 6.88 64.40
CA TYR E 272 -10.54 6.91 65.61
C TYR E 272 -10.40 5.60 66.35
N PRO E 273 -10.01 5.62 67.63
CA PRO E 273 -9.89 4.36 68.37
C PRO E 273 -11.20 3.60 68.43
N GLY E 274 -11.10 2.27 68.48
CA GLY E 274 -12.26 1.45 68.74
C GLY E 274 -12.66 1.53 70.20
N GLU E 275 -13.87 1.02 70.48
CA GLU E 275 -14.42 1.15 71.83
C GLU E 275 -13.50 0.51 72.86
N SER E 276 -13.03 -0.71 72.58
CA SER E 276 -12.07 -1.35 73.47
C SER E 276 -10.77 -0.57 73.53
N PHE E 277 -10.33 -0.05 72.38
CA PHE E 277 -9.14 0.79 72.36
C PHE E 277 -9.37 2.07 73.16
N ALA E 278 -10.57 2.63 73.08
CA ALA E 278 -10.87 3.81 73.90
C ALA E 278 -10.78 3.47 75.38
N HIS E 279 -11.31 2.33 75.78
CA HIS E 279 -11.23 1.93 77.19
C HIS E 279 -9.78 1.73 77.60
N SER E 280 -8.96 1.13 76.74
CA SER E 280 -7.55 0.96 77.05
C SER E 280 -6.86 2.30 77.24
N ILE E 281 -7.13 3.26 76.37
CA ILE E 281 -6.56 4.59 76.51
C ILE E 281 -6.97 5.20 77.84
N LYS E 282 -8.27 5.12 78.16
CA LYS E 282 -8.77 5.69 79.39
C LYS E 282 -8.08 5.09 80.60
N THR E 283 -7.95 3.76 80.62
CA THR E 283 -7.31 3.10 81.75
C THR E 283 -5.84 3.51 81.87
N TRP E 284 -5.13 3.56 80.75
CA TRP E 284 -3.73 3.93 80.82
C TRP E 284 -3.58 5.32 81.40
N PHE E 285 -4.39 6.27 80.91
CA PHE E 285 -4.29 7.63 81.42
C PHE E 285 -4.60 7.66 82.91
N GLU E 286 -5.65 6.96 83.33
CA GLU E 286 -6.03 6.95 84.73
C GLU E 286 -4.95 6.33 85.61
N SER E 287 -4.09 5.49 85.06
CA SER E 287 -3.07 4.81 85.85
C SER E 287 -1.78 5.63 86.02
N VAL E 288 -1.72 6.84 85.50
CA VAL E 288 -0.48 7.62 85.55
C VAL E 288 -0.23 8.08 86.99
N PRO E 289 1.01 8.11 87.46
CA PRO E 289 1.28 8.59 88.82
C PRO E 289 1.22 10.11 88.93
N GLY E 290 0.95 10.58 90.14
CA GLY E 290 1.09 11.98 90.48
C GLY E 290 -0.05 12.86 90.02
N LYS E 291 -0.46 12.70 88.77
CA LYS E 291 -1.52 13.51 88.16
C LYS E 291 -2.75 12.62 87.99
N GLN E 292 -3.82 12.98 88.69
CA GLN E 292 -5.00 12.13 88.77
C GLN E 292 -5.93 12.44 87.61
N TRP E 293 -5.71 11.76 86.50
CA TRP E 293 -6.58 11.91 85.34
C TRP E 293 -7.99 11.43 85.68
N LYS E 294 -8.98 12.09 85.09
CA LYS E 294 -10.38 11.69 85.19
C LYS E 294 -10.90 11.51 83.77
N GLY E 295 -11.47 10.34 83.50
CA GLY E 295 -11.95 10.00 82.18
C GLY E 295 -13.46 9.85 82.15
N GLN E 296 -14.06 10.25 81.04
CA GLN E 296 -15.51 10.15 80.89
C GLN E 296 -15.84 9.88 79.43
N PHE E 297 -16.98 9.24 79.21
CA PHE E 297 -17.50 9.01 77.87
C PHE E 297 -18.67 9.97 77.65
N THR E 298 -18.45 10.96 76.80
CA THR E 298 -19.37 12.07 76.65
C THR E 298 -19.75 12.28 75.20
N THR E 299 -20.44 13.38 74.91
CA THR E 299 -20.77 13.79 73.56
C THR E 299 -20.61 15.30 73.48
N VAL E 300 -20.56 15.82 72.25
CA VAL E 300 -20.30 17.23 72.01
C VAL E 300 -21.60 17.91 71.64
N ARG E 301 -21.89 19.02 72.32
CA ARG E 301 -23.10 19.78 72.10
C ARG E 301 -23.00 20.56 70.79
N LYS E 302 -24.17 20.91 70.25
CA LYS E 302 -24.22 21.57 68.95
C LYS E 302 -23.33 22.80 68.90
N SER E 303 -23.19 23.51 70.03
CA SER E 303 -22.37 24.70 70.10
C SER E 303 -20.88 24.37 70.20
N GLY E 304 -20.48 23.13 69.95
CA GLY E 304 -19.09 22.74 70.03
C GLY E 304 -18.54 22.73 71.44
N GLN E 305 -19.28 22.15 72.38
CA GLN E 305 -18.82 22.01 73.76
C GLN E 305 -19.22 20.63 74.27
N CYS E 306 -18.25 19.87 74.77
CA CYS E 306 -18.57 18.52 75.22
C CYS E 306 -19.24 18.57 76.58
N SER E 307 -20.13 17.61 76.81
CA SER E 307 -20.94 17.62 78.02
C SER E 307 -20.11 17.39 79.27
N GLY E 308 -18.98 16.69 79.14
CA GLY E 308 -18.22 16.32 80.32
C GLY E 308 -17.73 17.50 81.12
N CYS E 309 -17.29 18.56 80.44
CA CYS E 309 -16.75 19.73 81.11
C CYS E 309 -17.21 21.07 80.55
N GLY E 310 -17.78 21.11 79.34
CA GLY E 310 -18.18 22.35 78.73
C GLY E 310 -17.13 23.05 77.91
N LYS E 311 -15.89 22.57 77.93
CA LYS E 311 -14.85 23.17 77.10
C LYS E 311 -15.20 23.05 75.63
N THR E 312 -14.70 23.98 74.83
CA THR E 312 -15.02 24.04 73.41
C THR E 312 -14.05 23.17 72.61
N ILE E 313 -14.59 22.32 71.74
CA ILE E 313 -13.79 21.50 70.84
C ILE E 313 -13.10 22.43 69.86
N GLU E 314 -12.09 21.93 69.16
CA GLU E 314 -11.36 22.74 68.19
C GLU E 314 -12.27 23.17 67.05
N SER E 315 -11.96 24.33 66.48
CA SER E 315 -12.75 24.89 65.39
C SER E 315 -12.48 24.16 64.08
N ILE E 316 -13.50 24.12 63.23
CA ILE E 316 -13.38 23.46 61.94
C ILE E 316 -12.55 24.29 60.96
N GLN E 317 -12.34 25.57 61.23
CA GLN E 317 -11.60 26.42 60.31
C GLN E 317 -10.13 26.01 60.26
N LEU E 318 -9.53 26.18 59.08
CA LEU E 318 -8.14 25.80 58.87
C LEU E 318 -7.21 26.81 59.52
N SER E 319 -6.02 26.34 59.87
CA SER E 319 -4.98 27.23 60.38
C SER E 319 -4.47 28.13 59.26
N PRO E 320 -4.02 29.34 59.60
CA PRO E 320 -3.55 30.25 58.54
C PRO E 320 -2.46 29.65 57.64
N GLU E 321 -1.47 28.98 58.21
CA GLU E 321 -0.43 28.36 57.38
C GLU E 321 -1.04 27.28 56.49
N GLU E 322 -1.91 26.45 57.05
CA GLU E 322 -2.56 25.42 56.27
C GLU E 322 -3.44 26.03 55.19
N TYR E 323 -4.12 27.12 55.51
CA TYR E 323 -4.97 27.77 54.52
C TYR E 323 -4.14 28.30 53.35
N GLU E 324 -2.99 28.92 53.67
CA GLU E 324 -2.11 29.41 52.61
C GLU E 324 -1.60 28.27 51.73
N CYS E 325 -1.15 27.18 52.35
CA CYS E 325 -0.61 26.09 51.53
C CYS E 325 -1.71 25.44 50.72
N LEU E 326 -2.95 25.43 51.22
CA LEU E 326 -4.04 24.87 50.44
C LEU E 326 -4.40 25.75 49.26
N LYS E 327 -4.39 27.08 49.44
CA LYS E 327 -4.57 27.96 48.29
C LYS E 327 -3.50 27.67 47.23
N GLY E 328 -2.25 27.63 47.65
CA GLY E 328 -1.16 27.38 46.72
C GLY E 328 -1.32 26.06 45.99
N LYS E 329 -1.52 24.98 46.75
CA LYS E 329 -1.58 23.65 46.16
C LYS E 329 -2.86 23.39 45.38
N ILE E 330 -3.89 24.21 45.53
CA ILE E 330 -5.03 24.12 44.62
C ILE E 330 -4.76 24.89 43.34
N MET E 331 -4.28 26.13 43.45
CA MET E 331 -3.96 26.87 42.23
C MET E 331 -3.00 26.08 41.36
N ARG E 332 -1.82 25.75 41.90
CA ARG E 332 -0.74 25.18 41.10
C ARG E 332 -1.02 23.76 40.64
N ASP E 333 -2.05 23.09 41.16
CA ASP E 333 -2.27 21.70 40.80
C ASP E 333 -3.61 21.44 40.12
N VAL E 334 -4.71 21.91 40.72
CA VAL E 334 -6.02 21.58 40.17
C VAL E 334 -6.31 22.42 38.93
N ILE E 335 -5.82 23.65 38.89
CA ILE E 335 -6.15 24.56 37.80
C ILE E 335 -5.13 24.46 36.69
N ASP E 336 -3.88 24.85 36.97
CA ASP E 336 -2.80 24.80 35.99
C ASP E 336 -1.80 23.71 36.40
N GLY E 337 -2.19 22.47 36.15
CA GLY E 337 -1.36 21.33 36.51
C GLY E 337 -0.19 21.11 35.57
N GLY E 338 0.59 22.17 35.33
CA GLY E 338 1.71 22.09 34.42
C GLY E 338 1.35 22.14 32.95
N ASP E 339 0.06 22.23 32.63
CA ASP E 339 -0.40 22.32 31.25
C ASP E 339 -1.04 23.69 30.98
N GLN E 340 -2.00 24.10 31.81
CA GLN E 340 -2.70 25.37 31.69
C GLN E 340 -3.57 25.43 30.44
N TYR E 341 -3.75 24.31 29.75
CA TYR E 341 -4.67 24.22 28.62
C TYR E 341 -5.67 23.09 28.77
N ARG E 342 -5.51 22.20 29.75
CA ARG E 342 -6.44 21.09 29.92
C ARG E 342 -7.77 21.60 30.46
N LYS E 343 -7.76 22.22 31.63
CA LYS E 343 -8.98 22.76 32.21
C LYS E 343 -9.45 24.00 31.47
N THR E 344 -8.55 24.95 31.26
CA THR E 344 -8.89 26.26 30.72
C THR E 344 -7.71 26.81 29.95
N THR E 345 -7.97 27.81 29.11
CA THR E 345 -6.91 28.47 28.39
C THR E 345 -6.22 29.51 29.27
N PRO E 346 -4.94 29.81 29.00
CA PRO E 346 -4.25 30.83 29.82
C PRO E 346 -4.97 32.16 29.83
N GLN E 347 -5.65 32.50 28.73
CA GLN E 347 -6.39 33.75 28.68
C GLN E 347 -7.46 33.78 29.76
N GLU E 348 -8.18 32.67 29.93
CA GLU E 348 -9.21 32.62 30.96
C GLU E 348 -8.61 32.70 32.36
N LEU E 349 -7.47 32.06 32.59
CA LEU E 349 -6.81 32.20 33.87
C LEU E 349 -6.49 33.65 34.17
N LYS E 350 -5.85 34.33 33.23
CA LYS E 350 -5.49 35.72 33.46
C LYS E 350 -6.72 36.59 33.67
N ARG E 351 -7.75 36.38 32.85
CA ARG E 351 -8.96 37.18 32.95
C ARG E 351 -9.65 36.98 34.29
N PHE E 352 -9.83 35.72 34.70
CA PHE E 352 -10.45 35.42 35.98
C PHE E 352 -9.64 35.98 37.13
N GLU E 353 -8.32 35.85 37.08
CA GLU E 353 -7.48 36.34 38.16
C GLU E 353 -7.57 37.85 38.29
N ASN E 354 -7.55 38.57 37.16
CA ASN E 354 -7.73 40.01 37.21
C ASN E 354 -9.11 40.37 37.76
N PHE E 355 -10.15 39.66 37.32
CA PHE E 355 -11.49 39.93 37.80
C PHE E 355 -11.58 39.74 39.30
N ILE E 356 -10.96 38.68 39.82
CA ILE E 356 -11.01 38.42 41.26
C ILE E 356 -10.28 39.50 42.02
N LYS E 357 -9.07 39.85 41.59
CA LYS E 357 -8.33 40.89 42.31
C LYS E 357 -8.99 42.26 42.17
N SER E 358 -9.89 42.44 41.21
CA SER E 358 -10.61 43.71 41.10
C SER E 358 -11.66 43.84 42.19
N ARG E 359 -12.46 42.80 42.40
CA ARG E 359 -13.57 42.89 43.34
C ARG E 359 -13.09 42.57 44.77
N PRO E 360 -13.53 43.33 45.77
CA PRO E 360 -13.22 42.97 47.16
C PRO E 360 -13.80 41.61 47.51
N PRO E 361 -13.31 40.98 48.58
CA PRO E 361 -13.74 39.62 48.90
C PRO E 361 -15.26 39.46 48.90
N PHE E 362 -15.70 38.23 48.66
CA PHE E 362 -17.11 37.87 48.58
C PHE E 362 -17.52 37.08 49.81
N ASP E 363 -18.84 36.97 49.99
CA ASP E 363 -19.42 36.20 51.08
C ASP E 363 -19.98 34.85 50.64
N VAL E 364 -20.47 34.75 49.40
CA VAL E 364 -20.96 33.50 48.85
C VAL E 364 -20.44 33.38 47.43
N VAL E 365 -20.29 32.14 46.96
CA VAL E 365 -19.82 31.85 45.62
C VAL E 365 -20.71 30.74 45.07
N ILE E 366 -21.66 31.10 44.25
CA ILE E 366 -22.67 30.17 43.76
C ILE E 366 -22.16 29.51 42.49
N ASP E 367 -22.55 28.25 42.31
CA ASP E 367 -22.26 27.49 41.09
C ASP E 367 -23.54 27.45 40.26
N GLY E 368 -23.59 28.29 39.22
CA GLY E 368 -24.85 28.49 38.52
C GLY E 368 -25.43 27.22 37.93
N LEU E 369 -24.58 26.43 37.26
CA LEU E 369 -25.09 25.26 36.55
C LEU E 369 -25.50 24.15 37.51
N ASN E 370 -24.91 24.10 38.70
CA ASN E 370 -25.30 23.08 39.67
C ASN E 370 -26.63 23.43 40.31
N VAL E 371 -26.84 24.70 40.68
CA VAL E 371 -28.08 25.08 41.35
C VAL E 371 -29.22 25.24 40.35
N ALA E 372 -28.92 25.47 39.07
CA ALA E 372 -29.97 25.57 38.07
C ALA E 372 -30.52 24.19 37.69
N LYS E 373 -29.66 23.17 37.70
CA LYS E 373 -30.02 21.85 37.23
C LYS E 373 -30.64 20.96 38.30
N MET E 374 -30.85 21.47 39.52
CA MET E 374 -31.36 20.62 40.58
C MET E 374 -32.70 20.00 40.21
N PHE E 375 -33.71 20.84 39.98
CA PHE E 375 -35.06 20.35 39.74
C PHE E 375 -35.33 20.34 38.24
N PRO E 376 -35.48 19.17 37.60
CA PRO E 376 -35.75 19.17 36.15
C PRO E 376 -37.10 19.73 35.76
N LYS E 377 -37.95 20.08 36.72
CA LYS E 377 -39.28 20.57 36.44
C LYS E 377 -39.34 22.09 36.33
N VAL E 378 -38.21 22.77 36.49
CA VAL E 378 -38.15 24.23 36.44
C VAL E 378 -37.10 24.65 35.43
N ARG E 379 -37.32 25.81 34.81
CA ARG E 379 -36.33 26.37 33.91
C ARG E 379 -35.06 26.74 34.68
N GLU E 380 -33.91 26.52 34.06
CA GLU E 380 -32.64 26.69 34.76
C GLU E 380 -32.48 28.12 35.24
N SER E 381 -32.76 29.10 34.38
CA SER E 381 -32.65 30.50 34.79
C SER E 381 -33.61 30.83 35.91
N GLN E 382 -34.79 30.20 35.91
CA GLN E 382 -35.76 30.44 36.97
C GLN E 382 -35.21 30.03 38.33
N LEU E 383 -34.68 28.81 38.43
CA LEU E 383 -34.09 28.36 39.68
C LEU E 383 -32.91 29.23 40.08
N LEU E 384 -32.06 29.57 39.11
CA LEU E 384 -30.92 30.40 39.44
C LEU E 384 -31.37 31.73 40.03
N LEU E 385 -32.39 32.35 39.43
CA LEU E 385 -32.88 33.61 39.94
C LEU E 385 -33.48 33.46 41.33
N ASN E 386 -34.24 32.39 41.56
CA ASN E 386 -34.83 32.19 42.88
C ASN E 386 -33.75 32.10 43.95
N VAL E 387 -32.75 31.23 43.71
CA VAL E 387 -31.69 31.07 44.71
C VAL E 387 -30.94 32.38 44.91
N VAL E 388 -30.60 33.07 43.82
CA VAL E 388 -29.81 34.27 43.94
C VAL E 388 -30.57 35.36 44.70
N SER E 389 -31.87 35.51 44.42
CA SER E 389 -32.66 36.51 45.13
C SER E 389 -32.78 36.18 46.60
N GLN E 390 -33.03 34.91 46.92
CA GLN E 390 -33.18 34.51 48.31
C GLN E 390 -31.88 34.72 49.09
N LEU E 391 -30.73 34.50 48.43
CA LEU E 391 -29.47 34.80 49.10
C LEU E 391 -29.20 36.30 49.14
N ALA E 392 -29.69 37.05 48.16
CA ALA E 392 -29.43 38.48 48.12
C ALA E 392 -30.15 39.20 49.24
N LYS E 393 -31.38 38.79 49.55
CA LYS E 393 -32.13 39.54 50.55
C LYS E 393 -31.40 39.59 51.88
N ARG E 394 -30.52 38.62 52.14
CA ARG E 394 -29.79 38.52 53.40
C ARG E 394 -28.64 39.52 53.51
N ASN E 395 -28.39 40.31 52.48
CA ASN E 395 -27.31 41.30 52.43
C ASN E 395 -25.95 40.67 52.19
N LEU E 396 -25.91 39.44 51.70
CA LEU E 396 -24.65 38.80 51.36
C LEU E 396 -24.17 39.27 50.00
N ARG E 397 -22.84 39.35 49.85
CA ARG E 397 -22.25 39.72 48.57
C ARG E 397 -21.95 38.45 47.78
N LEU E 398 -22.57 38.33 46.61
CA LEU E 398 -22.59 37.07 45.88
C LEU E 398 -21.55 37.06 44.76
N LEU E 399 -21.41 35.88 44.16
CA LEU E 399 -20.57 35.70 42.97
C LEU E 399 -21.06 34.45 42.26
N VAL E 400 -21.51 34.61 41.02
CA VAL E 400 -22.20 33.55 40.30
C VAL E 400 -21.28 33.10 39.17
N LEU E 401 -20.58 31.99 39.40
CA LEU E 401 -19.81 31.37 38.33
C LEU E 401 -20.74 30.69 37.34
N GLY E 402 -20.30 30.60 36.10
CA GLY E 402 -21.09 29.95 35.08
C GLY E 402 -20.36 29.87 33.77
N ARG E 403 -21.12 29.54 32.72
CA ARG E 403 -20.56 29.34 31.40
C ARG E 403 -21.19 30.33 30.43
N LYS E 404 -20.47 30.62 29.35
CA LYS E 404 -20.93 31.64 28.40
C LYS E 404 -22.26 31.26 27.77
N HIS E 405 -22.48 29.97 27.51
CA HIS E 405 -23.73 29.56 26.88
C HIS E 405 -24.94 29.93 27.74
N MET E 406 -24.73 30.17 29.02
CA MET E 406 -25.83 30.60 29.88
C MET E 406 -26.39 31.94 29.42
N LEU E 407 -25.53 32.80 28.86
CA LEU E 407 -25.98 34.13 28.47
C LEU E 407 -26.87 34.10 27.25
N ARG E 408 -26.49 33.33 26.22
CA ARG E 408 -27.27 33.31 24.99
C ARG E 408 -28.65 32.74 25.25
N ARG E 409 -29.67 33.43 24.75
CA ARG E 409 -31.05 33.06 25.07
C ARG E 409 -31.37 31.68 24.53
N SER E 410 -32.23 30.97 25.26
CA SER E 410 -32.69 29.65 24.88
C SER E 410 -34.06 29.42 25.50
N SER E 411 -34.59 28.22 25.30
CA SER E 411 -35.81 27.85 26.03
C SER E 411 -35.52 27.77 27.51
N GLN E 412 -34.39 27.17 27.89
CA GLN E 412 -34.05 27.04 29.30
C GLN E 412 -33.67 28.39 29.91
N TRP E 413 -32.89 29.19 29.19
CA TRP E 413 -32.34 30.43 29.70
C TRP E 413 -32.99 31.62 29.01
N SER E 414 -33.27 32.67 29.77
CA SER E 414 -33.91 33.87 29.24
C SER E 414 -33.18 35.09 29.77
N ARG E 415 -33.03 36.11 28.91
CA ARG E 415 -32.21 37.25 29.27
C ARG E 415 -32.78 38.03 30.45
N ASP E 416 -34.10 38.07 30.60
CA ASP E 416 -34.68 38.83 31.70
C ASP E 416 -34.18 38.31 33.05
N GLU E 417 -34.25 37.00 33.24
CA GLU E 417 -33.84 36.42 34.52
C GLU E 417 -32.34 36.52 34.73
N MET E 418 -31.55 36.36 33.67
CA MET E 418 -30.11 36.52 33.81
C MET E 418 -29.74 37.97 34.09
N GLU E 419 -30.50 38.94 33.60
CA GLU E 419 -30.24 40.33 33.94
C GLU E 419 -30.61 40.61 35.39
N GLU E 420 -31.70 40.03 35.87
CA GLU E 420 -31.98 40.12 37.30
C GLU E 420 -30.84 39.52 38.11
N VAL E 421 -30.26 38.41 37.64
CA VAL E 421 -29.14 37.82 38.36
C VAL E 421 -27.94 38.75 38.37
N GLN E 422 -27.62 39.35 37.23
CA GLN E 422 -26.44 40.22 37.16
C GLN E 422 -26.66 41.57 37.84
N LYS E 423 -27.89 41.94 38.18
CA LYS E 423 -28.08 43.08 39.07
C LYS E 423 -28.03 42.68 40.53
N GLN E 424 -28.53 41.49 40.87
CA GLN E 424 -28.49 41.01 42.25
C GLN E 424 -27.11 40.48 42.64
N ALA E 425 -26.34 39.99 41.67
CA ALA E 425 -25.07 39.32 41.97
C ALA E 425 -23.94 39.90 41.13
N SER E 426 -22.79 39.24 41.15
CA SER E 426 -21.64 39.63 40.34
C SER E 426 -21.13 38.36 39.67
N CYS E 427 -21.39 38.23 38.37
CA CYS E 427 -21.23 36.96 37.69
C CYS E 427 -19.87 36.87 36.99
N PHE E 428 -19.48 35.64 36.67
CA PHE E 428 -18.31 35.37 35.87
C PHE E 428 -18.60 34.18 34.97
N PHE E 429 -18.47 34.38 33.67
CA PHE E 429 -18.82 33.36 32.69
C PHE E 429 -17.55 32.88 31.98
N ALA E 430 -17.34 31.58 32.00
CA ALA E 430 -16.18 30.96 31.38
C ALA E 430 -16.59 30.36 30.03
N ASP E 431 -15.61 29.79 29.35
CA ASP E 431 -15.87 29.14 28.07
C ASP E 431 -16.64 27.83 28.28
N ASP E 432 -17.52 27.53 27.33
CA ASP E 432 -18.37 26.35 27.46
C ASP E 432 -17.56 25.06 27.53
N ILE E 433 -16.30 25.08 27.09
CA ILE E 433 -15.43 23.92 27.19
C ILE E 433 -14.56 23.94 28.44
N SER E 434 -14.54 25.04 29.18
CA SER E 434 -13.76 25.14 30.40
C SER E 434 -14.48 24.47 31.55
N GLU E 435 -13.73 24.19 32.61
CA GLU E 435 -14.25 23.56 33.81
C GLU E 435 -14.52 24.61 34.88
N ASP E 436 -15.75 24.63 35.40
CA ASP E 436 -16.14 25.69 36.33
C ASP E 436 -15.56 25.47 37.72
N ASP E 437 -15.57 24.23 38.20
CA ASP E 437 -15.33 23.97 39.62
C ASP E 437 -14.03 24.58 40.13
N PRO E 438 -12.88 24.43 39.46
CA PRO E 438 -11.66 25.03 40.00
C PRO E 438 -11.77 26.53 40.20
N PHE E 439 -12.48 27.22 39.32
CA PHE E 439 -12.72 28.64 39.51
C PHE E 439 -13.50 28.90 40.78
N LEU E 440 -14.52 28.06 41.04
CA LEU E 440 -15.27 28.17 42.29
C LEU E 440 -14.34 28.02 43.49
N LEU E 441 -13.52 26.97 43.48
CA LEU E 441 -12.64 26.73 44.62
C LEU E 441 -11.70 27.90 44.84
N TYR E 442 -11.10 28.43 43.78
CA TYR E 442 -10.13 29.49 43.98
C TYR E 442 -10.80 30.81 44.36
N ALA E 443 -11.97 31.10 43.81
CA ALA E 443 -12.67 32.31 44.23
C ALA E 443 -12.98 32.25 45.72
N THR E 444 -13.52 31.11 46.17
CA THR E 444 -13.86 30.98 47.58
C THR E 444 -12.63 31.09 48.45
N LEU E 445 -11.54 30.43 48.06
CA LEU E 445 -10.33 30.46 48.88
C LEU E 445 -9.71 31.85 48.90
N HIS E 446 -9.74 32.54 47.76
CA HIS E 446 -9.18 33.89 47.71
C HIS E 446 -9.96 34.84 48.59
N SER E 447 -11.30 34.70 48.62
CA SER E 447 -12.10 35.58 49.46
C SER E 447 -11.62 35.54 50.91
N GLY E 448 -11.51 34.34 51.49
CA GLY E 448 -11.03 34.18 52.84
C GLY E 448 -11.80 33.09 53.56
N ASN E 449 -11.59 33.02 54.88
CA ASN E 449 -12.25 31.98 55.68
C ASN E 449 -13.75 32.18 55.72
N HIS E 450 -14.21 33.42 55.80
CA HIS E 450 -15.63 33.70 55.97
C HIS E 450 -16.44 33.30 54.75
N CYS E 451 -15.81 33.06 53.60
CA CYS E 451 -16.53 32.81 52.38
C CYS E 451 -17.06 31.38 52.34
N ARG E 452 -18.14 31.19 51.58
CA ARG E 452 -18.79 29.90 51.44
C ARG E 452 -19.25 29.76 50.00
N PHE E 453 -19.47 28.52 49.57
CA PHE E 453 -19.91 28.25 48.20
C PHE E 453 -21.11 27.30 48.21
N ILE E 454 -22.00 27.50 47.24
CA ILE E 454 -23.25 26.75 47.14
C ILE E 454 -23.10 25.76 45.99
N THR E 455 -23.07 24.48 46.31
CA THR E 455 -22.99 23.45 45.28
C THR E 455 -23.28 22.10 45.89
N ARG E 456 -23.97 21.26 45.12
CA ARG E 456 -24.21 19.87 45.52
C ARG E 456 -23.10 18.93 45.10
N ASP E 457 -22.23 19.36 44.18
CA ASP E 457 -21.09 18.55 43.78
C ASP E 457 -20.19 18.31 44.98
N LEU E 458 -19.73 17.06 45.12
CA LEU E 458 -18.82 16.70 46.20
C LEU E 458 -17.36 16.88 45.81
N MET E 459 -17.07 17.14 44.53
CA MET E 459 -15.72 17.46 44.07
C MET E 459 -14.72 16.36 44.44
N ARG E 460 -15.11 15.11 44.19
CA ARG E 460 -14.18 14.01 44.41
C ARG E 460 -13.04 14.05 43.41
N ASP E 461 -13.33 14.42 42.16
CA ASP E 461 -12.30 14.41 41.13
C ASP E 461 -11.25 15.48 41.37
N HIS E 462 -11.66 16.68 41.82
CA HIS E 462 -10.68 17.73 42.09
C HIS E 462 -9.85 17.40 43.32
N LYS E 463 -10.46 16.80 44.33
CA LYS E 463 -9.69 16.32 45.47
C LYS E 463 -8.70 15.23 45.06
N ALA E 464 -9.09 14.40 44.09
CA ALA E 464 -8.19 13.34 43.64
C ALA E 464 -6.92 13.91 43.04
N CYS E 465 -7.04 14.96 42.23
CA CYS E 465 -5.89 15.56 41.55
C CYS E 465 -5.16 16.53 42.48
N LEU E 466 -4.75 15.99 43.63
CA LEU E 466 -3.95 16.70 44.61
C LEU E 466 -2.70 15.89 44.92
N PRO E 467 -1.60 16.54 45.30
CA PRO E 467 -0.31 15.84 45.37
C PRO E 467 -0.31 14.65 46.31
N ASP E 468 -0.60 14.87 47.60
CA ASP E 468 -0.46 13.83 48.62
C ASP E 468 -1.74 13.75 49.44
N ALA E 469 -1.75 12.81 50.39
CA ALA E 469 -2.95 12.54 51.17
C ALA E 469 -3.21 13.64 52.19
N LYS E 470 -2.15 14.22 52.77
CA LYS E 470 -2.35 15.28 53.75
C LYS E 470 -3.08 16.46 53.14
N THR E 471 -2.71 16.85 51.92
CA THR E 471 -3.38 17.94 51.25
C THR E 471 -4.84 17.59 50.96
N GLN E 472 -5.11 16.34 50.61
CA GLN E 472 -6.48 15.93 50.36
C GLN E 472 -7.32 15.99 51.63
N ARG E 473 -6.74 15.61 52.78
CA ARG E 473 -7.48 15.71 54.03
C ARG E 473 -7.70 17.16 54.42
N LEU E 474 -6.72 18.03 54.16
CA LEU E 474 -6.94 19.47 54.38
C LEU E 474 -8.08 19.98 53.52
N PHE E 475 -8.10 19.58 52.24
CA PHE E 475 -9.19 19.98 51.36
C PHE E 475 -10.52 19.49 51.88
N PHE E 476 -10.57 18.26 52.37
CA PHE E 476 -11.82 17.70 52.87
C PHE E 476 -12.31 18.45 54.10
N LYS E 477 -11.39 18.78 55.02
CA LYS E 477 -11.75 19.57 56.18
C LYS E 477 -12.32 20.93 55.78
N TRP E 478 -11.62 21.62 54.88
CA TRP E 478 -12.08 22.93 54.44
C TRP E 478 -13.42 22.83 53.74
N GLN E 479 -13.62 21.79 52.94
CA GLN E 479 -14.88 21.58 52.25
C GLN E 479 -16.02 21.40 53.25
N GLN E 480 -15.80 20.56 54.27
CA GLN E 480 -16.81 20.43 55.32
C GLN E 480 -17.13 21.77 55.94
N GLY E 481 -16.08 22.52 56.29
CA GLY E 481 -16.29 23.79 56.97
C GLY E 481 -17.06 24.79 56.15
N HIS E 482 -16.84 24.81 54.83
CA HIS E 482 -17.26 25.92 54.00
C HIS E 482 -18.27 25.59 52.91
N GLN E 483 -18.66 24.32 52.74
CA GLN E 483 -19.58 23.97 51.67
C GLN E 483 -21.02 24.03 52.16
N LEU E 484 -21.88 24.60 51.32
CA LEU E 484 -23.33 24.62 51.56
C LEU E 484 -24.02 23.82 50.48
N ALA E 485 -24.82 22.84 50.88
CA ALA E 485 -25.53 21.97 49.96
C ALA E 485 -27.03 22.16 50.13
N ILE E 486 -27.73 22.28 49.01
CA ILE E 486 -29.18 22.47 49.03
C ILE E 486 -29.82 21.13 49.38
N VAL E 487 -30.35 21.01 50.60
CA VAL E 487 -31.16 19.86 50.97
C VAL E 487 -32.58 19.98 50.42
N ASN E 488 -32.99 21.19 50.05
CA ASN E 488 -34.33 21.39 49.54
C ASN E 488 -34.57 20.50 48.32
N ARG E 489 -35.78 19.95 48.25
CA ARG E 489 -36.10 18.89 47.30
C ARG E 489 -37.33 19.20 46.46
N PHE E 490 -37.88 20.41 46.56
CA PHE E 490 -38.99 20.84 45.73
C PHE E 490 -38.87 22.33 45.54
N PRO E 491 -39.20 22.87 44.36
CA PRO E 491 -38.98 24.30 44.13
C PRO E 491 -39.75 25.20 45.08
N GLY E 492 -40.97 24.80 45.46
CA GLY E 492 -41.81 25.69 46.26
C GLY E 492 -41.27 25.93 47.66
N SER E 493 -40.73 24.89 48.29
CA SER E 493 -40.30 24.99 49.67
C SER E 493 -39.19 26.03 49.80
N LYS E 494 -38.98 26.50 51.04
CA LYS E 494 -38.01 27.53 51.31
C LYS E 494 -36.58 26.98 51.23
N LEU E 495 -35.64 27.87 51.00
CA LEU E 495 -34.25 27.48 50.83
C LEU E 495 -33.64 27.10 52.17
N THR E 496 -33.11 25.88 52.26
CA THR E 496 -32.44 25.41 53.47
C THR E 496 -31.19 24.64 53.06
N PHE E 497 -30.10 24.88 53.78
CA PHE E 497 -28.83 24.21 53.54
C PHE E 497 -28.59 23.16 54.60
N GLN E 498 -27.88 22.10 54.21
CA GLN E 498 -27.48 21.08 55.17
C GLN E 498 -26.60 21.71 56.23
N ARG E 499 -26.71 21.19 57.46
CA ARG E 499 -26.00 21.78 58.58
C ARG E 499 -24.50 21.70 58.38
N ILE E 500 -23.80 22.71 58.87
CA ILE E 500 -22.33 22.75 58.88
C ILE E 500 -21.90 22.75 60.34
N LEU E 501 -21.12 21.74 60.72
CA LEU E 501 -20.59 21.69 62.07
C LEU E 501 -19.60 22.81 62.30
N SER E 502 -19.59 23.34 63.51
CA SER E 502 -18.67 24.41 63.88
C SER E 502 -17.36 23.89 64.45
N TYR E 503 -17.25 22.60 64.71
CA TYR E 503 -16.09 22.00 65.35
C TYR E 503 -15.65 20.79 64.56
N ASP E 504 -14.37 20.44 64.70
CA ASP E 504 -13.79 19.31 64.01
C ASP E 504 -13.66 18.13 64.98
N THR E 505 -14.06 16.96 64.51
CA THR E 505 -13.97 15.74 65.29
C THR E 505 -12.63 15.08 65.02
N VAL E 506 -11.72 15.19 65.98
CA VAL E 506 -10.37 14.63 65.83
C VAL E 506 -9.72 14.53 67.20
N VAL E 507 -8.82 13.56 67.36
CA VAL E 507 -8.04 13.47 68.59
C VAL E 507 -7.33 14.79 68.80
N GLN E 508 -7.53 15.39 69.96
CA GLN E 508 -7.03 16.75 70.18
C GLN E 508 -6.66 16.94 71.64
N THR E 509 -5.72 17.85 71.85
CA THR E 509 -5.22 18.18 73.18
C THR E 509 -5.44 19.66 73.46
N THR E 510 -5.70 19.97 74.73
CA THR E 510 -5.74 21.34 75.22
C THR E 510 -4.84 21.35 76.45
N GLY E 511 -3.54 21.51 76.21
CA GLY E 511 -2.59 21.42 77.31
C GLY E 511 -2.74 20.09 78.03
N ASP E 512 -3.33 20.14 79.23
CA ASP E 512 -3.58 18.92 79.98
C ASP E 512 -4.72 18.11 79.38
N SER E 513 -5.82 18.75 79.03
CA SER E 513 -7.02 18.01 78.62
C SER E 513 -6.77 17.24 77.33
N TRP E 514 -7.44 16.09 77.22
CA TRP E 514 -7.39 15.23 76.03
C TRP E 514 -8.80 14.89 75.62
N HIS E 515 -9.16 15.16 74.36
CA HIS E 515 -10.45 14.77 73.82
C HIS E 515 -10.23 13.84 72.65
N ILE E 516 -10.84 12.66 72.71
CA ILE E 516 -10.56 11.57 71.77
C ILE E 516 -11.87 10.95 71.31
N PRO E 517 -12.29 11.13 70.07
CA PRO E 517 -13.48 10.40 69.59
C PRO E 517 -13.20 8.91 69.56
N TYR E 518 -14.26 8.14 69.31
CA TYR E 518 -14.11 6.70 69.14
C TYR E 518 -15.38 6.15 68.50
N ASP E 519 -15.29 4.91 68.03
CA ASP E 519 -16.40 4.23 67.37
C ASP E 519 -16.98 3.18 68.30
N GLU E 520 -18.31 3.10 68.33
CA GLU E 520 -18.99 2.09 69.12
C GLU E 520 -18.96 0.76 68.39
N ASP E 521 -18.58 -0.30 69.11
CA ASP E 521 -18.36 -1.60 68.47
C ASP E 521 -19.61 -2.07 67.74
N LEU E 522 -20.76 -2.01 68.40
CA LEU E 522 -22.00 -2.52 67.82
C LEU E 522 -22.76 -1.45 67.05
N VAL E 523 -22.07 -0.73 66.16
CA VAL E 523 -22.70 0.21 65.24
C VAL E 523 -22.00 0.06 63.90
N GLU E 524 -22.41 0.85 62.91
CA GLU E 524 -21.68 0.97 61.66
C GLU E 524 -21.62 2.44 61.26
N ARG E 525 -20.60 2.79 60.48
CA ARG E 525 -20.33 4.18 60.17
C ARG E 525 -20.20 4.31 58.66
N CYS E 526 -19.87 5.51 58.19
CA CYS E 526 -19.41 5.72 56.83
C CYS E 526 -18.30 6.77 56.87
N SER E 527 -17.42 6.71 55.88
CA SER E 527 -16.35 7.71 55.79
C SER E 527 -16.91 9.12 55.64
N CYS E 528 -18.16 9.26 55.21
CA CYS E 528 -18.81 10.56 55.17
C CYS E 528 -18.95 11.15 56.56
N GLU E 529 -19.73 10.49 57.43
CA GLU E 529 -20.01 11.02 58.75
C GLU E 529 -18.92 10.54 59.71
N VAL E 530 -18.87 11.13 60.90
CA VAL E 530 -17.68 11.02 61.75
C VAL E 530 -18.17 10.65 63.15
N PRO E 531 -17.34 10.05 64.01
CA PRO E 531 -17.88 9.54 65.28
C PRO E 531 -18.55 10.61 66.12
N THR E 532 -19.56 10.19 66.87
CA THR E 532 -20.35 11.05 67.74
C THR E 532 -19.91 10.98 69.20
N LYS E 533 -19.58 9.80 69.70
CA LYS E 533 -19.11 9.66 71.06
C LYS E 533 -17.74 10.31 71.22
N TRP E 534 -17.38 10.61 72.46
CA TRP E 534 -16.11 11.22 72.77
C TRP E 534 -15.60 10.66 74.09
N LEU E 535 -14.29 10.72 74.28
CA LEU E 535 -13.64 10.38 75.54
C LEU E 535 -12.92 11.62 76.02
N CYS E 536 -13.31 12.12 77.19
CA CYS E 536 -12.78 13.36 77.74
C CYS E 536 -11.93 13.01 78.95
N LEU E 537 -10.67 13.46 78.95
CA LEU E 537 -9.70 13.15 80.00
C LEU E 537 -9.12 14.45 80.54
N HIS E 538 -9.25 14.67 81.85
CA HIS E 538 -8.74 15.88 82.49
C HIS E 538 -7.72 15.55 83.55
N GLN E 539 -6.60 16.27 83.53
CA GLN E 539 -5.51 16.05 84.44
C GLN E 539 -5.93 16.38 85.88
N ALA F 56 17.99 -16.44 42.92
CA ALA F 56 18.40 -17.24 44.05
C ALA F 56 17.26 -17.37 45.06
N ALA F 57 17.20 -16.46 46.04
CA ALA F 57 16.10 -16.47 46.99
C ALA F 57 14.78 -16.16 46.30
N THR F 58 14.79 -15.16 45.42
CA THR F 58 13.58 -14.80 44.69
C THR F 58 13.10 -15.95 43.83
N ARG F 59 14.03 -16.65 43.17
CA ARG F 59 13.65 -17.75 42.30
C ARG F 59 13.12 -18.94 43.08
N GLU F 60 13.34 -18.95 44.40
CA GLU F 60 12.79 -19.97 45.28
C GLU F 60 11.45 -19.55 45.88
N PHE F 61 11.31 -18.26 46.15
CA PHE F 61 9.99 -17.76 46.58
C PHE F 61 9.05 -18.07 45.44
N ILE F 62 9.41 -17.72 44.21
CA ILE F 62 8.48 -17.92 43.08
C ILE F 62 8.14 -19.38 42.87
N GLU F 63 9.05 -20.29 43.21
CA GLU F 63 8.74 -21.71 43.08
C GLU F 63 7.78 -22.15 44.18
N MET F 64 8.01 -21.67 45.41
CA MET F 64 7.10 -21.97 46.51
C MET F 64 5.72 -21.36 46.26
N TRP F 65 5.64 -20.27 45.53
CA TRP F 65 4.30 -19.77 45.16
C TRP F 65 3.77 -20.69 44.08
N ARG F 66 4.59 -21.19 43.15
CA ARG F 66 4.03 -22.07 42.13
C ARG F 66 3.43 -23.31 42.77
N LEU F 67 4.10 -23.86 43.78
CA LEU F 67 3.61 -25.09 44.42
C LEU F 67 2.26 -24.88 45.09
N LEU F 68 2.04 -23.70 45.66
CA LEU F 68 0.79 -23.42 46.37
C LEU F 68 -0.37 -23.09 45.43
N GLY F 69 -0.18 -23.22 44.13
CA GLY F 69 -1.24 -22.93 43.19
C GLY F 69 -1.41 -21.46 42.85
N ARG F 70 -0.40 -20.63 43.16
CA ARG F 70 -0.47 -19.23 42.80
C ARG F 70 -0.17 -19.04 41.32
N GLU F 71 -0.62 -17.92 40.77
CA GLU F 71 -0.42 -17.59 39.37
C GLU F 71 0.97 -16.98 39.21
N VAL F 72 1.97 -17.84 39.03
CA VAL F 72 3.35 -17.40 38.82
C VAL F 72 3.98 -18.23 37.72
N PRO F 73 4.95 -17.67 37.01
CA PRO F 73 5.58 -18.42 35.93
C PRO F 73 6.33 -19.63 36.46
N GLU F 74 6.31 -20.71 35.67
CA GLU F 74 7.06 -21.91 36.04
C GLU F 74 8.56 -21.66 35.90
N HIS F 75 8.97 -21.01 34.82
CA HIS F 75 10.38 -20.69 34.57
C HIS F 75 10.51 -19.19 34.43
N ILE F 76 11.53 -18.62 35.07
CA ILE F 76 11.77 -17.19 35.04
C ILE F 76 13.22 -16.96 34.65
N THR F 77 13.48 -15.81 34.02
CA THR F 77 14.82 -15.46 33.55
C THR F 77 15.34 -14.27 34.33
N GLU F 78 16.63 -13.96 34.12
CA GLU F 78 17.30 -12.96 34.93
C GLU F 78 16.78 -11.55 34.65
N GLU F 79 16.59 -11.21 33.37
CA GLU F 79 16.13 -9.87 33.05
C GLU F 79 14.75 -9.59 33.62
N GLU F 80 13.84 -10.56 33.52
CA GLU F 80 12.51 -10.36 34.07
C GLU F 80 12.51 -10.45 35.60
N LEU F 81 13.47 -11.16 36.19
CA LEU F 81 13.65 -11.07 37.64
C LEU F 81 14.05 -9.65 38.05
N LYS F 82 14.96 -9.03 37.29
CA LYS F 82 15.31 -7.64 37.54
C LYS F 82 14.09 -6.75 37.38
N THR F 83 13.29 -6.99 36.35
CA THR F 83 12.06 -6.22 36.16
C THR F 83 11.15 -6.35 37.37
N LEU F 84 10.96 -7.58 37.86
CA LEU F 84 10.17 -7.80 39.06
C LEU F 84 10.70 -6.96 40.22
N MET F 85 12.01 -7.02 40.45
CA MET F 85 12.59 -6.24 41.54
C MET F 85 12.49 -4.74 41.30
N GLU F 86 12.26 -4.31 40.06
CA GLU F 86 12.02 -2.89 39.81
C GLU F 86 10.57 -2.48 40.03
N CYS F 87 9.68 -3.43 40.29
CA CYS F 87 8.29 -3.09 40.61
C CYS F 87 8.23 -2.48 42.00
N VAL F 88 7.48 -1.39 42.13
CA VAL F 88 7.53 -0.59 43.35
C VAL F 88 6.87 -1.32 44.51
N SER F 89 5.69 -1.91 44.29
CA SER F 89 4.84 -2.40 45.36
C SER F 89 4.52 -3.87 45.17
N ASN F 90 3.85 -4.44 46.18
CA ASN F 90 3.47 -5.84 46.13
C ASN F 90 2.46 -6.10 45.01
N THR F 91 1.49 -5.21 44.85
CA THR F 91 0.47 -5.40 43.82
C THR F 91 1.09 -5.39 42.43
N ALA F 92 2.07 -4.50 42.21
CA ALA F 92 2.76 -4.49 40.92
C ALA F 92 3.49 -5.80 40.68
N LYS F 93 4.14 -6.34 41.71
CA LYS F 93 4.82 -7.62 41.56
C LYS F 93 3.83 -8.72 41.22
N LYS F 94 2.69 -8.75 41.89
CA LYS F 94 1.67 -9.76 41.60
C LYS F 94 1.18 -9.64 40.16
N LYS F 95 0.92 -8.41 39.70
CA LYS F 95 0.44 -8.23 38.34
C LYS F 95 1.46 -8.67 37.32
N TYR F 96 2.73 -8.31 37.52
CA TYR F 96 3.77 -8.69 36.56
C TYR F 96 3.94 -10.20 36.56
N LEU F 97 3.86 -10.84 37.72
CA LEU F 97 3.98 -12.29 37.79
C LEU F 97 2.83 -12.96 37.08
N LYS F 98 1.61 -12.45 37.24
CA LYS F 98 0.47 -13.02 36.51
C LYS F 98 0.66 -12.86 35.01
N TYR F 99 1.18 -11.71 34.58
CA TYR F 99 1.44 -11.52 33.15
C TYR F 99 2.44 -12.54 32.63
N LEU F 100 3.52 -12.78 33.37
CA LEU F 100 4.48 -13.80 32.97
C LEU F 100 3.83 -15.18 32.93
N TYR F 101 2.99 -15.48 33.92
CA TYR F 101 2.34 -16.78 33.99
C TYR F 101 1.45 -17.02 32.78
N THR F 102 0.66 -16.02 32.40
CA THR F 102 -0.21 -16.18 31.24
C THR F 102 0.59 -16.23 29.94
N LYS F 103 1.70 -15.47 29.85
CA LYS F 103 2.57 -15.60 28.68
C LYS F 103 3.07 -17.04 28.54
N GLU F 104 3.52 -17.62 29.66
CA GLU F 104 3.99 -19.01 29.62
C GLU F 104 2.87 -19.94 29.19
N LYS F 105 1.67 -19.77 29.74
CA LYS F 105 0.56 -20.64 29.36
C LYS F 105 0.31 -20.58 27.87
N VAL F 106 0.24 -19.37 27.30
CA VAL F 106 -0.11 -19.25 25.89
C VAL F 106 1.02 -19.80 25.01
N LYS F 107 2.28 -19.54 25.40
CA LYS F 107 3.39 -20.06 24.61
C LYS F 107 3.40 -21.58 24.59
N LYS F 108 3.23 -22.21 25.75
CA LYS F 108 3.24 -23.67 25.78
C LYS F 108 2.02 -24.25 25.08
N ALA F 109 0.87 -23.58 25.15
CA ALA F 109 -0.30 -24.06 24.43
C ALA F 109 -0.04 -24.05 22.92
N ARG F 110 0.51 -22.95 22.41
CA ARG F 110 0.78 -22.89 20.97
C ARG F 110 1.88 -23.86 20.57
N GLN F 111 2.87 -24.10 21.44
CA GLN F 111 3.88 -25.09 21.11
C GLN F 111 3.29 -26.50 21.06
N ILE F 112 2.37 -26.81 21.99
CA ILE F 112 1.70 -28.10 21.94
C ILE F 112 0.90 -28.23 20.65
N LYS F 113 0.24 -27.15 20.24
CA LYS F 113 -0.48 -27.19 18.96
C LYS F 113 0.47 -27.36 17.78
N LYS F 114 1.67 -26.77 17.86
CA LYS F 114 2.68 -27.00 16.83
C LYS F 114 3.04 -28.49 16.75
N GLU F 115 3.25 -29.11 17.91
CA GLU F 115 3.57 -30.54 17.91
C GLU F 115 2.42 -31.36 17.34
N MET F 116 1.19 -31.00 17.70
CA MET F 116 0.02 -31.70 17.16
C MET F 116 -0.02 -31.58 15.64
N LYS F 117 0.17 -30.37 15.12
CA LYS F 117 0.12 -30.18 13.68
C LYS F 117 1.24 -30.94 12.98
N ALA F 118 2.45 -30.92 13.56
CA ALA F 118 3.55 -31.65 12.96
C ALA F 118 3.28 -33.15 12.93
N ALA F 119 2.77 -33.70 14.03
CA ALA F 119 2.47 -35.12 14.07
C ALA F 119 1.36 -35.47 13.09
N ALA F 120 0.31 -34.66 13.05
CA ALA F 120 -0.82 -34.91 12.15
C ALA F 120 -0.47 -34.54 10.72
N LYS F 139 -0.05 -32.12 -15.49
CA LYS F 139 -1.29 -31.37 -15.63
C LYS F 139 -0.97 -29.99 -16.20
N ASN F 140 -1.98 -29.30 -16.73
CA ASN F 140 -1.79 -28.07 -17.49
C ASN F 140 -2.18 -26.88 -16.60
N PHE F 141 -1.19 -26.08 -16.25
CA PHE F 141 -1.37 -24.92 -15.39
C PHE F 141 -0.98 -23.65 -16.14
N LEU F 142 -1.58 -22.53 -15.73
CA LEU F 142 -1.24 -21.23 -16.30
C LEU F 142 -0.25 -20.45 -15.44
N PHE F 143 -0.43 -20.46 -14.12
CA PHE F 143 0.41 -19.70 -13.21
C PHE F 143 1.15 -20.63 -12.27
N LEU F 144 2.41 -20.32 -12.00
CA LEU F 144 3.11 -20.93 -10.88
C LEU F 144 2.55 -20.38 -9.57
N ARG F 145 2.60 -21.19 -8.53
CA ARG F 145 2.06 -20.80 -7.23
C ARG F 145 3.08 -19.92 -6.53
N LEU F 146 3.05 -18.63 -6.87
CA LEU F 146 3.91 -17.60 -6.31
C LEU F 146 3.07 -16.43 -5.82
N TRP F 147 1.91 -16.74 -5.24
CA TRP F 147 0.86 -15.74 -5.09
C TRP F 147 1.20 -14.70 -4.03
N ASP F 148 1.81 -15.13 -2.92
CA ASP F 148 2.06 -14.19 -1.83
C ASP F 148 3.04 -13.10 -2.25
N ARG F 149 4.11 -13.47 -2.96
CA ARG F 149 5.06 -12.46 -3.43
C ARG F 149 4.40 -11.48 -4.37
N ASN F 150 3.55 -11.98 -5.28
CA ASN F 150 2.87 -11.10 -6.22
C ASN F 150 1.95 -10.15 -5.49
N MET F 151 1.24 -10.64 -4.48
CA MET F 151 0.37 -9.77 -3.69
C MET F 151 1.18 -8.69 -2.99
N ASP F 152 2.32 -9.07 -2.41
CA ASP F 152 3.16 -8.09 -1.73
C ASP F 152 3.65 -7.02 -2.69
N ILE F 153 4.08 -7.42 -3.89
CA ILE F 153 4.61 -6.45 -4.84
C ILE F 153 3.50 -5.54 -5.36
N ALA F 154 2.31 -6.09 -5.60
CA ALA F 154 1.19 -5.25 -5.99
C ALA F 154 0.85 -4.23 -4.91
N MET F 155 0.84 -4.67 -3.64
CA MET F 155 0.62 -3.76 -2.54
C MET F 155 1.70 -2.68 -2.51
N GLY F 156 2.94 -3.04 -2.82
CA GLY F 156 3.99 -2.05 -2.86
C GLY F 156 3.80 -1.02 -3.95
N TRP F 157 3.36 -1.46 -5.14
CA TRP F 157 3.08 -0.52 -6.22
C TRP F 157 1.97 0.45 -5.81
N LYS F 158 0.89 -0.09 -5.23
CA LYS F 158 -0.18 0.79 -4.79
C LYS F 158 0.27 1.71 -3.66
N GLY F 159 1.17 1.24 -2.81
CA GLY F 159 1.68 2.10 -1.75
C GLY F 159 2.51 3.25 -2.27
N ALA F 160 3.33 2.99 -3.30
CA ALA F 160 4.06 4.07 -3.94
C ALA F 160 3.11 5.07 -4.59
N GLN F 161 2.08 4.57 -5.27
CA GLN F 161 1.10 5.47 -5.88
C GLN F 161 0.39 6.30 -4.81
N ALA F 162 0.13 5.71 -3.64
CA ALA F 162 -0.47 6.46 -2.54
C ALA F 162 0.49 7.52 -2.00
N MET F 163 1.76 7.15 -1.83
CA MET F 163 2.76 8.14 -1.44
C MET F 163 2.73 9.35 -2.35
N GLN F 164 2.53 9.11 -3.65
CA GLN F 164 2.53 10.23 -4.59
C GLN F 164 1.22 11.01 -4.55
N PHE F 165 0.08 10.33 -4.66
CA PHE F 165 -1.21 11.00 -4.82
C PHE F 165 -2.24 10.57 -3.76
N GLY F 166 -1.78 10.05 -2.62
CA GLY F 166 -2.71 9.61 -1.60
C GLY F 166 -3.09 10.70 -0.62
N GLN F 167 -4.24 10.52 0.03
CA GLN F 167 -4.67 11.48 1.03
C GLN F 167 -3.85 11.30 2.31
N PRO F 168 -3.43 12.39 2.95
CA PRO F 168 -2.63 12.24 4.18
C PRO F 168 -3.46 11.78 5.37
N LEU F 169 -2.87 10.88 6.16
CA LEU F 169 -3.42 10.47 7.45
C LEU F 169 -2.29 10.50 8.46
N VAL F 170 -2.43 11.33 9.49
CA VAL F 170 -1.36 11.56 10.44
C VAL F 170 -1.58 10.74 11.69
N PHE F 171 -0.47 10.33 12.30
CA PHE F 171 -0.45 9.66 13.60
C PHE F 171 0.47 10.47 14.49
N ASP F 172 -0.11 11.17 15.46
CA ASP F 172 0.67 12.00 16.36
C ASP F 172 1.35 11.11 17.41
N MET F 173 2.66 11.27 17.54
CA MET F 173 3.47 10.45 18.43
C MET F 173 3.97 11.22 19.63
N ALA F 174 3.21 12.23 20.06
CA ALA F 174 3.63 13.10 21.16
C ALA F 174 3.15 12.62 22.52
N TYR F 175 2.47 11.48 22.60
CA TYR F 175 1.94 10.96 23.85
C TYR F 175 2.90 10.00 24.53
N GLU F 176 4.14 9.90 24.07
CA GLU F 176 5.08 8.98 24.68
C GLU F 176 5.31 9.28 26.15
N ASN F 177 5.08 10.52 26.58
CA ASN F 177 5.23 10.87 27.99
C ASN F 177 4.07 10.39 28.83
N TYR F 178 2.87 10.30 28.25
CA TYR F 178 1.67 9.94 28.98
C TYR F 178 1.38 8.45 28.96
N MET F 179 2.36 7.63 28.61
CA MET F 179 2.17 6.19 28.48
C MET F 179 3.28 5.45 29.22
N LYS F 180 2.91 4.42 29.96
CA LYS F 180 3.87 3.50 30.55
C LYS F 180 4.19 2.40 29.54
N ARG F 181 5.09 1.49 29.92
CA ARG F 181 5.61 0.54 28.94
C ARG F 181 4.51 -0.35 28.38
N LYS F 182 3.60 -0.82 29.23
CA LYS F 182 2.52 -1.68 28.77
C LYS F 182 1.76 -1.05 27.61
N GLU F 183 1.21 0.14 27.84
CA GLU F 183 0.40 0.78 26.81
C GLU F 183 1.22 1.30 25.65
N LEU F 184 2.50 1.58 25.86
CA LEU F 184 3.37 1.95 24.74
C LEU F 184 3.55 0.76 23.79
N GLN F 185 3.81 -0.42 24.34
CA GLN F 185 3.93 -1.61 23.51
C GLN F 185 2.61 -1.92 22.82
N ASN F 186 1.50 -1.76 23.53
CA ASN F 186 0.20 -2.02 22.90
C ASN F 186 -0.07 -1.02 21.79
N THR F 187 0.34 0.24 21.97
CA THR F 187 0.22 1.24 20.92
C THR F 187 1.01 0.83 19.69
N VAL F 188 2.23 0.32 19.90
CA VAL F 188 3.03 -0.14 18.76
C VAL F 188 2.33 -1.28 18.04
N SER F 189 1.75 -2.21 18.79
CA SER F 189 1.02 -3.31 18.16
C SER F 189 -0.14 -2.80 17.32
N GLN F 190 -0.91 -1.87 17.86
CA GLN F 190 -2.04 -1.32 17.12
C GLN F 190 -1.59 -0.54 15.90
N LEU F 191 -0.45 0.15 15.98
CA LEU F 191 0.09 0.85 14.81
C LEU F 191 0.47 -0.14 13.73
N LEU F 192 1.10 -1.25 14.11
CA LEU F 192 1.46 -2.27 13.13
C LEU F 192 0.21 -2.81 12.44
N GLU F 193 -0.84 -3.10 13.21
CA GLU F 193 -2.05 -3.63 12.60
C GLU F 193 -2.74 -2.58 11.72
N SER F 194 -2.71 -1.31 12.13
CA SER F 194 -3.31 -0.26 11.32
C SER F 194 -2.60 -0.12 9.98
N GLU F 195 -1.27 -0.12 10.00
CA GLU F 195 -0.52 -0.03 8.76
C GLU F 195 -0.79 -1.24 7.88
N GLY F 196 -0.84 -2.43 8.48
CA GLY F 196 -1.17 -3.61 7.70
C GLY F 196 -2.51 -3.50 7.01
N TRP F 197 -3.53 -3.03 7.74
CA TRP F 197 -4.85 -2.86 7.13
C TRP F 197 -4.80 -1.82 6.02
N ASN F 198 -4.06 -0.74 6.22
CA ASN F 198 -3.98 0.30 5.20
C ASN F 198 -3.36 -0.24 3.91
N ARG F 199 -2.30 -1.05 4.03
CA ARG F 199 -1.62 -1.55 2.83
C ARG F 199 -2.56 -2.35 1.94
N ARG F 200 -3.42 -3.18 2.55
CA ARG F 200 -4.28 -4.07 1.78
C ARG F 200 -5.41 -3.35 1.05
N ASN F 201 -5.63 -2.06 1.31
CA ASN F 201 -6.81 -1.40 0.80
C ASN F 201 -6.65 -1.05 -0.68
N VAL F 202 -7.79 -0.86 -1.34
CA VAL F 202 -7.79 -0.50 -2.76
C VAL F 202 -7.24 0.91 -2.96
N ASP F 203 -7.55 1.83 -2.06
CA ASP F 203 -7.11 3.22 -2.13
C ASP F 203 -6.48 3.59 -0.80
N PRO F 204 -5.23 3.18 -0.57
CA PRO F 204 -4.61 3.44 0.75
C PRO F 204 -4.41 4.93 1.00
N PHE F 205 -4.44 5.30 2.28
CA PHE F 205 -4.00 6.62 2.68
C PHE F 205 -2.50 6.75 2.47
N HIS F 206 -2.00 7.97 2.59
CA HIS F 206 -0.57 8.23 2.71
C HIS F 206 -0.30 8.57 4.18
N ILE F 207 0.38 7.68 4.87
CA ILE F 207 0.45 7.74 6.33
C ILE F 207 1.67 8.56 6.74
N TYR F 208 1.49 9.31 7.82
CA TYR F 208 2.54 10.11 8.44
C TYR F 208 2.67 9.70 9.89
N PHE F 209 3.90 9.61 10.39
CA PHE F 209 4.18 9.39 11.81
C PHE F 209 4.82 10.68 12.32
N CYS F 210 4.01 11.59 12.83
CA CYS F 210 4.50 12.90 13.22
C CYS F 210 4.91 12.92 14.69
N ASN F 211 5.86 13.81 15.01
CA ASN F 211 6.42 13.94 16.35
C ASN F 211 7.12 12.66 16.82
N LEU F 212 7.52 11.81 15.88
CA LEU F 212 8.23 10.58 16.22
C LEU F 212 9.71 10.90 16.41
N LYS F 213 10.16 10.90 17.66
CA LYS F 213 11.55 11.20 17.96
C LYS F 213 12.42 9.99 17.65
N ILE F 214 13.58 10.24 17.05
CA ILE F 214 14.43 9.16 16.58
C ILE F 214 14.96 8.33 17.75
N ASP F 215 15.27 8.98 18.87
CA ASP F 215 15.82 8.31 20.04
C ASP F 215 14.74 7.90 21.05
N GLY F 216 13.47 8.08 20.71
CA GLY F 216 12.40 7.78 21.63
C GLY F 216 12.15 6.29 21.77
N ALA F 217 11.22 5.96 22.68
CA ALA F 217 10.86 4.57 22.90
C ALA F 217 9.98 4.03 21.78
N LEU F 218 9.04 4.84 21.28
CA LEU F 218 8.21 4.40 20.16
C LEU F 218 9.06 4.08 18.95
N HIS F 219 10.04 4.93 18.64
CA HIS F 219 10.90 4.66 17.49
C HIS F 219 11.67 3.36 17.67
N ARG F 220 12.20 3.12 18.87
CA ARG F 220 12.93 1.89 19.12
C ARG F 220 12.03 0.67 18.94
N GLU F 221 10.82 0.73 19.49
CA GLU F 221 9.93 -0.42 19.39
C GLU F 221 9.48 -0.65 17.96
N LEU F 222 9.27 0.43 17.20
CA LEU F 222 8.86 0.25 15.81
C LEU F 222 10.00 -0.31 14.95
N VAL F 223 11.23 0.14 15.19
CA VAL F 223 12.36 -0.41 14.46
C VAL F 223 12.73 -1.81 14.94
N LYS F 224 12.22 -2.23 16.09
CA LYS F 224 12.40 -3.60 16.56
C LYS F 224 11.31 -4.54 16.06
N ARG F 225 10.11 -4.03 15.81
CA ARG F 225 9.01 -4.86 15.31
C ARG F 225 9.04 -4.99 13.80
N TYR F 226 9.30 -3.89 13.09
CA TYR F 226 9.38 -3.94 11.64
C TYR F 226 10.73 -4.46 11.16
N GLN F 227 11.78 -4.26 11.96
CA GLN F 227 13.11 -4.78 11.67
C GLN F 227 13.71 -4.04 10.47
N GLU F 228 14.09 -4.74 9.40
CA GLU F 228 14.70 -4.11 8.25
C GLU F 228 13.68 -3.67 7.21
N LYS F 229 12.39 -3.84 7.50
CA LYS F 229 11.33 -3.29 6.67
C LYS F 229 11.02 -1.85 7.05
N TRP F 230 11.54 -1.38 8.18
CA TRP F 230 11.22 -0.03 8.64
C TRP F 230 11.64 1.01 7.62
N ASP F 231 12.83 0.86 7.03
CA ASP F 231 13.31 1.81 6.04
C ASP F 231 12.73 1.52 4.65
N LYS F 232 12.01 0.42 4.49
CA LYS F 232 11.35 0.07 3.24
C LYS F 232 9.83 0.23 3.33
N LEU F 233 9.37 1.03 4.28
CA LEU F 233 7.95 1.23 4.52
C LEU F 233 7.48 2.46 3.76
N LEU F 234 6.41 2.30 2.98
CA LEU F 234 5.93 3.37 2.12
C LEU F 234 5.04 4.32 2.92
N LEU F 235 5.69 4.99 3.87
CA LEU F 235 5.03 6.00 4.69
C LEU F 235 6.07 7.03 5.10
N THR F 236 5.60 8.20 5.50
CA THR F 236 6.47 9.29 5.91
C THR F 236 6.61 9.28 7.41
N SER F 237 7.84 9.13 7.89
CA SER F 237 8.16 9.25 9.31
C SER F 237 8.97 10.51 9.49
N THR F 238 8.46 11.44 10.30
CA THR F 238 9.05 12.75 10.46
C THR F 238 9.13 13.08 11.95
N GLU F 239 10.20 13.79 12.33
CA GLU F 239 10.38 14.26 13.68
C GLU F 239 9.78 15.66 13.88
N LYS F 240 8.96 16.11 12.94
CA LYS F 240 8.32 17.41 12.98
C LYS F 240 6.82 17.22 13.25
N SER F 241 6.14 18.33 13.46
CA SER F 241 4.73 18.32 13.82
C SER F 241 3.83 18.44 12.60
N HIS F 242 2.62 17.93 12.73
CA HIS F 242 1.63 18.01 11.67
C HIS F 242 1.12 19.43 11.46
N VAL F 243 1.42 20.36 12.38
CA VAL F 243 1.11 21.77 12.15
C VAL F 243 2.17 22.44 11.30
N ASP F 244 3.29 21.77 11.04
CA ASP F 244 4.34 22.27 10.17
C ASP F 244 4.28 21.69 8.77
N LEU F 245 3.77 20.47 8.63
CA LEU F 245 3.74 19.81 7.33
C LEU F 245 2.52 20.23 6.51
N PHE F 246 1.40 20.53 7.14
CA PHE F 246 0.14 20.80 6.47
C PHE F 246 -0.43 22.14 6.90
N PRO F 247 -1.32 22.72 6.10
CA PRO F 247 -2.00 23.96 6.54
C PRO F 247 -2.78 23.73 7.81
N LYS F 248 -2.76 24.73 8.70
CA LYS F 248 -3.42 24.59 9.99
C LYS F 248 -4.93 24.42 9.84
N ASP F 249 -5.53 25.08 8.85
CA ASP F 249 -6.98 25.05 8.71
C ASP F 249 -7.49 23.77 8.06
N SER F 250 -6.61 22.99 7.41
CA SER F 250 -7.02 21.72 6.83
C SER F 250 -7.00 20.58 7.83
N ILE F 251 -6.25 20.74 8.93
CA ILE F 251 -6.09 19.65 9.89
C ILE F 251 -7.35 19.50 10.73
N ILE F 252 -7.82 18.27 10.86
CA ILE F 252 -8.90 17.90 11.77
C ILE F 252 -8.36 16.82 12.70
N TYR F 253 -8.47 17.06 14.00
CA TYR F 253 -7.86 16.19 15.01
C TYR F 253 -8.96 15.32 15.61
N LEU F 254 -8.84 14.01 15.46
CA LEU F 254 -9.89 13.09 15.89
C LEU F 254 -9.69 12.71 17.35
N THR F 255 -10.73 12.91 18.15
CA THR F 255 -10.68 12.58 19.57
C THR F 255 -12.09 12.37 20.07
N ALA F 256 -12.25 11.39 20.97
CA ALA F 256 -13.57 11.07 21.49
C ALA F 256 -14.16 12.20 22.34
N ASP F 257 -13.31 13.06 22.90
CA ASP F 257 -13.76 14.17 23.74
C ASP F 257 -14.19 15.38 22.94
N SER F 258 -14.07 15.36 21.62
CA SER F 258 -14.38 16.53 20.83
C SER F 258 -15.87 16.87 20.94
N PRO F 259 -16.24 18.11 21.27
CA PRO F 259 -17.66 18.47 21.26
C PRO F 259 -18.31 18.34 19.89
N ASN F 260 -17.53 18.53 18.83
CA ASN F 260 -18.05 18.46 17.47
C ASN F 260 -18.06 17.03 16.97
N VAL F 261 -19.03 16.72 16.12
CA VAL F 261 -19.23 15.36 15.60
C VAL F 261 -18.91 15.35 14.12
N MET F 262 -18.47 14.19 13.64
CA MET F 262 -18.08 14.01 12.24
C MET F 262 -19.30 13.56 11.44
N THR F 263 -19.92 14.51 10.73
CA THR F 263 -21.09 14.17 9.92
C THR F 263 -20.69 13.37 8.68
N THR F 264 -19.65 13.81 7.98
CA THR F 264 -19.24 13.19 6.73
C THR F 264 -17.72 13.22 6.63
N PHE F 265 -17.20 12.35 5.76
CA PHE F 265 -15.77 12.23 5.53
C PHE F 265 -15.36 13.19 4.42
N ARG F 266 -14.61 14.22 4.77
CA ARG F 266 -14.12 15.18 3.78
C ARG F 266 -12.82 14.68 3.17
N HIS F 267 -12.71 14.79 1.85
CA HIS F 267 -11.57 14.28 1.11
C HIS F 267 -10.44 15.29 0.95
N ASP F 268 -10.63 16.53 1.42
CA ASP F 268 -9.61 17.55 1.35
C ASP F 268 -9.00 17.86 2.71
N LYS F 269 -9.32 17.06 3.73
CA LYS F 269 -8.89 17.32 5.09
C LYS F 269 -7.87 16.28 5.53
N VAL F 270 -6.88 16.71 6.28
CA VAL F 270 -5.90 15.83 6.89
C VAL F 270 -6.40 15.43 8.28
N TYR F 271 -6.57 14.14 8.51
CA TYR F 271 -7.09 13.64 9.77
C TYR F 271 -5.94 13.18 10.64
N VAL F 272 -5.94 13.62 11.91
CA VAL F 272 -4.87 13.32 12.84
C VAL F 272 -5.41 12.40 13.92
N ILE F 273 -4.79 11.24 14.08
CA ILE F 273 -5.17 10.25 15.07
C ILE F 273 -4.06 10.15 16.11
N GLY F 274 -4.41 10.27 17.37
CA GLY F 274 -3.42 10.17 18.43
C GLY F 274 -3.03 8.73 18.70
N SER F 275 -1.76 8.41 18.45
CA SER F 275 -1.22 7.09 18.78
C SER F 275 -1.07 7.04 20.29
N PHE F 276 -2.15 6.66 20.97
CA PHE F 276 -2.24 6.84 22.42
C PHE F 276 -3.26 5.85 22.96
N VAL F 277 -2.79 4.89 23.75
CA VAL F 277 -3.67 4.03 24.54
C VAL F 277 -3.78 4.70 25.91
N ASP F 278 -4.98 5.20 26.23
CA ASP F 278 -5.17 6.05 27.40
C ASP F 278 -5.57 5.19 28.58
N LYS F 279 -4.60 4.90 29.44
CA LYS F 279 -4.84 4.20 30.70
C LYS F 279 -4.41 5.06 31.88
N SER F 280 -4.41 6.38 31.69
CA SER F 280 -4.24 7.33 32.78
C SER F 280 -5.62 7.80 33.23
N MET F 281 -5.68 8.25 34.48
CA MET F 281 -6.92 8.73 35.07
C MET F 281 -7.05 10.24 34.97
N GLN F 282 -6.26 10.85 34.09
CA GLN F 282 -6.33 12.27 33.80
C GLN F 282 -6.87 12.43 32.39
N PRO F 283 -8.14 12.77 32.21
CA PRO F 283 -8.75 12.70 30.88
C PRO F 283 -8.58 13.99 30.07
N GLY F 284 -8.79 13.84 28.77
CA GLY F 284 -8.74 14.96 27.85
C GLY F 284 -7.33 15.46 27.58
N THR F 285 -6.44 14.55 27.19
CA THR F 285 -5.09 14.94 26.81
C THR F 285 -5.02 15.31 25.33
N SER F 286 -5.69 14.54 24.48
CA SER F 286 -5.73 14.88 23.06
C SER F 286 -6.41 16.23 22.84
N LEU F 287 -7.48 16.51 23.60
CA LEU F 287 -8.14 17.80 23.48
C LEU F 287 -7.22 18.93 23.93
N ALA F 288 -6.42 18.70 24.98
CA ALA F 288 -5.46 19.71 25.41
C ALA F 288 -4.42 19.95 24.33
N LYS F 289 -3.94 18.89 23.68
CA LYS F 289 -3.00 19.06 22.58
C LYS F 289 -3.62 19.86 21.45
N ALA F 290 -4.88 19.56 21.12
CA ALA F 290 -5.55 20.26 20.02
C ALA F 290 -5.84 21.72 20.37
N LYS F 291 -6.07 22.01 21.64
CA LYS F 291 -6.30 23.40 22.04
C LYS F 291 -5.01 24.20 22.07
N ARG F 292 -3.93 23.62 22.59
CA ARG F 292 -2.67 24.37 22.67
C ARG F 292 -2.28 24.92 21.30
N LEU F 293 -2.42 24.10 20.26
CA LEU F 293 -2.26 24.53 18.88
C LEU F 293 -3.66 24.55 18.26
N ASN F 294 -4.19 25.74 18.03
CA ASN F 294 -5.59 25.87 17.61
C ASN F 294 -5.88 24.99 16.41
N LEU F 295 -6.72 23.98 16.60
CA LEU F 295 -7.06 23.03 15.55
C LEU F 295 -8.51 22.61 15.69
N ALA F 296 -9.13 22.25 14.57
CA ALA F 296 -10.47 21.70 14.61
C ALA F 296 -10.44 20.29 15.16
N THR F 297 -11.55 19.89 15.77
CA THR F 297 -11.67 18.57 16.38
C THR F 297 -13.00 17.95 15.99
N GLU F 298 -13.03 16.62 15.96
CA GLU F 298 -14.23 15.89 15.62
C GLU F 298 -14.19 14.53 16.31
N CYS F 299 -15.37 13.93 16.46
CA CYS F 299 -15.49 12.62 17.08
C CYS F 299 -16.44 11.78 16.25
N LEU F 300 -16.27 10.46 16.32
CA LEU F 300 -17.12 9.56 15.58
C LEU F 300 -18.54 9.61 16.13
N PRO F 301 -19.57 9.57 15.26
CA PRO F 301 -20.96 9.60 15.72
C PRO F 301 -21.47 8.27 16.26
N LEU F 302 -20.72 7.69 17.20
CA LEU F 302 -21.09 6.39 17.73
C LEU F 302 -22.45 6.44 18.41
N ASP F 303 -22.66 7.44 19.25
CA ASP F 303 -23.93 7.53 19.99
C ASP F 303 -25.11 7.70 19.05
N LYS F 304 -24.94 8.45 17.97
CA LYS F 304 -26.05 8.71 17.06
C LYS F 304 -26.48 7.45 16.33
N TYR F 305 -25.53 6.55 16.02
CA TYR F 305 -25.80 5.43 15.13
C TYR F 305 -25.89 4.09 15.86
N LEU F 306 -25.45 4.01 17.10
CA LEU F 306 -25.39 2.75 17.82
C LEU F 306 -26.08 2.88 19.17
N GLN F 307 -26.54 1.74 19.68
CA GLN F 307 -27.12 1.65 21.03
C GLN F 307 -26.02 1.21 21.98
N TRP F 308 -25.21 2.17 22.41
CA TRP F 308 -24.05 1.87 23.25
C TRP F 308 -24.50 1.31 24.59
N GLU F 309 -23.83 0.25 25.03
CA GLU F 309 -24.11 -0.35 26.33
C GLU F 309 -22.90 -0.35 27.26
N ILE F 310 -21.74 -0.80 26.78
CA ILE F 310 -20.56 -0.92 27.62
C ILE F 310 -19.33 -0.45 26.86
N GLY F 311 -18.25 -0.21 27.60
CA GLY F 311 -16.98 0.13 26.99
C GLY F 311 -16.84 1.62 26.75
N ASN F 312 -15.60 2.09 26.73
CA ASN F 312 -15.31 3.48 26.46
C ASN F 312 -15.41 3.78 24.97
N LYS F 313 -15.69 5.05 24.67
CA LYS F 313 -15.86 5.45 23.28
C LYS F 313 -14.54 5.41 22.50
N ASN F 314 -13.40 5.51 23.18
CA ASN F 314 -12.12 5.40 22.50
C ASN F 314 -12.01 4.05 21.82
N LEU F 315 -11.69 4.08 20.53
CA LEU F 315 -11.51 2.87 19.74
C LEU F 315 -10.03 2.66 19.47
N THR F 316 -9.66 1.40 19.23
CA THR F 316 -8.30 1.08 18.88
C THR F 316 -7.94 1.72 17.53
N LEU F 317 -6.64 1.92 17.33
CA LEU F 317 -6.19 2.63 16.13
C LEU F 317 -6.57 1.88 14.86
N ASP F 318 -6.49 0.55 14.87
CA ASP F 318 -6.82 -0.22 13.68
C ASP F 318 -8.30 -0.11 13.34
N GLN F 319 -9.17 -0.12 14.36
CA GLN F 319 -10.58 0.10 14.10
C GLN F 319 -10.83 1.48 13.52
N MET F 320 -10.13 2.49 14.04
CA MET F 320 -10.28 3.84 13.50
C MET F 320 -9.88 3.90 12.04
N ILE F 321 -8.74 3.30 11.69
CA ILE F 321 -8.27 3.38 10.30
C ILE F 321 -9.20 2.58 9.39
N ARG F 322 -9.71 1.44 9.86
CA ARG F 322 -10.66 0.70 9.04
C ARG F 322 -11.94 1.49 8.80
N ILE F 323 -12.45 2.16 9.84
CA ILE F 323 -13.64 2.98 9.67
C ILE F 323 -13.37 4.10 8.67
N LEU F 324 -12.22 4.76 8.80
CA LEU F 324 -11.89 5.83 7.88
C LEU F 324 -11.71 5.33 6.45
N LEU F 325 -11.17 4.11 6.28
CA LEU F 325 -11.02 3.55 4.95
C LEU F 325 -12.38 3.22 4.34
N CYS F 326 -13.28 2.64 5.14
CA CYS F 326 -14.62 2.35 4.64
C CYS F 326 -15.34 3.63 4.24
N LEU F 327 -15.24 4.68 5.06
CA LEU F 327 -15.86 5.95 4.70
C LEU F 327 -15.22 6.55 3.46
N LYS F 328 -13.89 6.43 3.34
CA LYS F 328 -13.18 7.01 2.21
C LYS F 328 -13.64 6.40 0.89
N ASN F 329 -13.82 5.08 0.87
CA ASN F 329 -14.26 4.38 -0.33
C ASN F 329 -15.78 4.37 -0.46
N ASN F 330 -16.38 5.55 -0.33
CA ASN F 330 -17.81 5.75 -0.57
C ASN F 330 -18.65 4.70 0.17
N GLY F 331 -18.48 4.69 1.49
CA GLY F 331 -19.22 3.77 2.36
C GLY F 331 -20.15 4.55 3.28
N ASN F 332 -21.34 4.01 3.50
CA ASN F 332 -22.28 4.61 4.42
C ASN F 332 -21.80 4.42 5.86
N TRP F 333 -22.52 5.05 6.79
CA TRP F 333 -22.06 5.04 8.18
C TRP F 333 -22.29 3.69 8.85
N GLN F 334 -23.31 2.95 8.45
CA GLN F 334 -23.53 1.63 9.04
C GLN F 334 -22.42 0.66 8.63
N GLU F 335 -22.10 0.61 7.34
CA GLU F 335 -21.02 -0.24 6.90
C GLU F 335 -19.71 0.16 7.55
N ALA F 336 -19.47 1.47 7.69
CA ALA F 336 -18.25 1.95 8.35
C ALA F 336 -18.20 1.49 9.79
N LEU F 337 -19.30 1.65 10.52
CA LEU F 337 -19.35 1.32 11.94
C LEU F 337 -19.53 -0.17 12.19
N GLN F 338 -19.57 -0.99 11.14
CA GLN F 338 -19.49 -2.43 11.35
C GLN F 338 -18.22 -2.83 12.08
N PHE F 339 -17.18 -2.00 12.07
CA PHE F 339 -15.92 -2.33 12.71
C PHE F 339 -15.89 -1.98 14.20
N VAL F 340 -16.88 -1.27 14.70
CA VAL F 340 -16.99 -1.05 16.15
C VAL F 340 -17.26 -2.39 16.82
N PRO F 341 -16.60 -2.73 17.93
CA PRO F 341 -16.82 -4.05 18.53
C PRO F 341 -18.28 -4.26 18.89
N LYS F 342 -18.76 -5.48 18.66
CA LYS F 342 -20.16 -5.80 18.94
C LYS F 342 -20.45 -5.87 20.43
N ARG F 343 -19.44 -6.17 21.24
CA ARG F 343 -19.67 -6.25 22.68
C ARG F 343 -20.00 -4.88 23.28
N LYS F 344 -19.57 -3.80 22.63
CA LYS F 344 -19.71 -2.47 23.20
C LYS F 344 -21.07 -1.86 22.94
N HIS F 345 -21.79 -2.30 21.91
CA HIS F 345 -23.10 -1.76 21.58
C HIS F 345 -24.09 -2.89 21.40
N THR F 346 -25.37 -2.56 21.59
CA THR F 346 -26.44 -3.54 21.51
C THR F 346 -26.93 -3.76 20.08
N GLY F 347 -26.98 -2.71 19.27
CA GLY F 347 -27.43 -2.85 17.90
C GLY F 347 -27.42 -1.51 17.20
N PHE F 348 -27.83 -1.54 15.94
CA PHE F 348 -27.91 -0.33 15.13
C PHE F 348 -29.28 0.32 15.26
N LEU F 349 -29.32 1.63 15.07
CA LEU F 349 -30.56 2.39 15.08
C LEU F 349 -31.05 2.61 13.66
PA NAD H . 17.73 16.52 -15.53
O1A NAD H . 16.49 17.03 -14.87
O2A NAD H . 18.90 16.15 -14.68
O5B NAD H . 18.19 17.58 -16.65
C5B NAD H . 18.40 18.95 -16.21
C4B NAD H . 18.89 19.78 -17.36
O4B NAD H . 17.80 20.03 -18.28
C3B NAD H . 19.46 21.16 -16.99
O3B NAD H . 20.75 21.32 -17.56
C2B NAD H . 18.46 22.13 -17.62
O2B NAD H . 18.99 23.39 -17.96
C1B NAD H . 18.01 21.32 -18.82
N9A NAD H . 16.77 21.79 -19.43
C8A NAD H . 15.49 21.49 -19.02
N7A NAD H . 14.57 22.08 -19.75
C5A NAD H . 15.28 22.81 -20.68
C6A NAD H . 14.87 23.65 -21.73
N6A NAD H . 13.60 23.91 -22.02
N1A NAD H . 15.85 24.22 -22.48
C2A NAD H . 17.12 23.97 -22.18
N3A NAD H . 17.62 23.20 -21.21
C4A NAD H . 16.63 22.64 -20.49
O3 NAD H . 17.34 15.28 -16.46
PN NAD H . 18.07 13.91 -16.84
O1N NAD H . 17.93 12.96 -15.69
O2N NAD H . 19.44 14.21 -17.34
O5D NAD H . 17.17 13.42 -18.06
C5D NAD H . 17.32 14.11 -19.32
C4D NAD H . 16.31 13.58 -20.31
O4D NAD H . 16.12 12.17 -20.06
C3D NAD H . 14.91 14.19 -20.24
O3D NAD H . 14.35 14.26 -21.55
C2D NAD H . 14.17 13.14 -19.42
O2D NAD H . 12.75 13.20 -19.53
C1D NAD H . 14.75 11.86 -20.02
N1N NAD H . 14.56 10.69 -19.13
C2N NAD H . 15.25 10.63 -17.95
C3N NAD H . 15.02 9.65 -17.01
C7N NAD H . 15.70 9.80 -15.71
O7N NAD H . 16.52 10.70 -15.54
N7N NAD H . 15.37 8.95 -14.74
C4N NAD H . 14.12 8.53 -17.36
C5N NAD H . 13.49 8.65 -18.69
C6N NAD H . 13.71 9.68 -19.48
PA NAD I . -11.37 15.67 -41.79
O1A NAD I . -10.21 16.52 -42.21
O2A NAD I . -12.45 15.40 -42.79
O5B NAD I . -12.01 16.30 -40.47
C5B NAD I . -12.40 17.69 -40.51
C4B NAD I . -13.15 18.06 -39.24
O4B NAD I . -12.20 18.44 -38.22
C3B NAD I . -14.15 19.22 -39.36
O3B NAD I . -15.36 18.90 -38.69
C2B NAD I . -13.43 20.34 -38.60
O2B NAD I . -14.29 21.36 -38.12
C1B NAD I . -12.77 19.51 -37.50
N9A NAD I . -11.73 20.23 -36.78
C8A NAD I . -10.43 20.42 -37.18
N7A NAD I . -9.72 21.11 -36.33
C5A NAD I . -10.60 21.41 -35.30
C6A NAD I . -10.45 22.12 -34.10
N6A NAD I . -9.32 22.70 -33.71
N1A NAD I . -11.54 22.22 -33.30
C2A NAD I . -12.68 21.64 -33.68
N3A NAD I . -12.94 20.95 -34.79
C4A NAD I . -11.84 20.87 -35.57
O3 NAD I . -10.81 14.28 -41.22
PN NAD I . -11.47 12.82 -41.09
O1N NAD I . -11.30 12.10 -42.38
O2N NAD I . -12.85 12.97 -40.54
O5D NAD I . -10.53 12.18 -39.96
C5D NAD I . -10.79 12.56 -38.60
C4D NAD I . -9.66 12.07 -37.71
O4D NAD I . -9.19 10.80 -38.24
C3D NAD I . -8.42 12.97 -37.63
O3D NAD I . -7.87 12.92 -36.33
C2D NAD I . -7.49 12.27 -38.62
O2D NAD I . -6.13 12.61 -38.45
C1D NAD I . -7.79 10.81 -38.31
N1N NAD I . -7.38 9.93 -39.43
C2N NAD I . -8.11 9.91 -40.59
C3N NAD I . -7.74 9.18 -41.69
C7N NAD I . -8.54 9.33 -42.92
O7N NAD I . -9.58 9.99 -42.89
N7N NAD I . -8.09 8.77 -44.02
C4N NAD I . -6.56 8.27 -41.57
C5N NAD I . -5.88 8.31 -40.27
C6N NAD I . -6.29 9.10 -39.31
PA NAD J . -10.01 -24.24 -22.19
O1A NAD J . -8.95 -24.94 -21.42
O2A NAD J . -11.32 -23.98 -21.52
O5B NAD J . -10.25 -25.01 -23.57
C5B NAD J . -10.60 -26.41 -23.49
C4B NAD J . -10.82 -26.96 -24.88
O4B NAD J . -9.55 -27.08 -25.57
C3B NAD J . -11.47 -28.36 -24.96
O3B NAD J . -12.59 -28.33 -25.84
C2B NAD J . -10.35 -29.22 -25.54
O2B NAD J . -10.79 -30.37 -26.24
C1B NAD J . -9.64 -28.20 -26.42
N9A NAD J . -8.30 -28.61 -26.81
C8A NAD J . -7.15 -28.49 -26.07
N7A NAD J . -6.08 -28.96 -26.68
C5A NAD J . -6.57 -29.43 -27.89
C6A NAD J . -5.93 -30.04 -28.99
N6A NAD J . -4.63 -30.31 -29.04
N1A NAD J . -6.71 -30.38 -30.05
C2A NAD J . -8.02 -30.11 -29.99
N3A NAD J . -8.72 -29.55 -29.02
C4A NAD J . -7.93 -29.22 -27.99
O3 NAD J . -9.42 -22.85 -22.73
PN NAD J . -10.03 -21.37 -22.81
O1N NAD J . -10.05 -20.80 -21.43
O2N NAD J . -11.31 -21.41 -23.58
O5D NAD J . -8.91 -20.64 -23.69
C5D NAD J . -8.88 -20.92 -25.10
C4D NAD J . -7.61 -20.34 -25.70
O4D NAD J . -7.44 -19.00 -25.16
C3D NAD J . -6.32 -21.08 -25.37
O3D NAD J . -5.42 -20.94 -26.46
C2D NAD J . -5.81 -20.26 -24.19
O2D NAD J . -4.44 -20.46 -23.89
C1D NAD J . -6.12 -18.85 -24.68
N1N NAD J . -6.15 -17.88 -23.55
C2N NAD J . -7.16 -17.94 -22.63
C3N NAD J . -7.17 -17.18 -21.50
C7N NAD J . -8.23 -17.45 -20.52
O7N NAD J . -9.15 -18.21 -20.81
N7N NAD J . -8.13 -16.88 -19.32
C4N NAD J . -6.13 -16.12 -21.35
C5N NAD J . -5.16 -16.05 -22.45
C6N NAD J . -5.20 -16.89 -23.46
PA NAD K . 23.43 -18.51 -42.47
O1A NAD K . 22.54 -19.12 -43.49
O2A NAD K . 24.86 -18.27 -42.85
O5B NAD K . 23.40 -19.40 -41.14
C5B NAD K . 23.87 -20.77 -41.27
C4B NAD K . 24.41 -21.26 -39.95
O4B NAD K . 23.35 -21.92 -39.21
C3B NAD K . 25.56 -22.29 -40.03
O3B NAD K . 26.53 -22.02 -39.03
C2B NAD K . 24.83 -23.59 -39.70
O2B NAD K . 25.69 -24.63 -39.26
C1B NAD K . 23.89 -23.08 -38.63
N9A NAD K . 22.81 -24.00 -38.32
C8A NAD K . 21.64 -24.19 -39.02
N7A NAD K . 20.86 -25.09 -38.49
C5A NAD K . 21.55 -25.54 -37.37
C6A NAD K . 21.25 -26.49 -36.38
N6A NAD K . 20.12 -27.22 -36.37
N1A NAD K . 22.16 -26.69 -35.40
C2A NAD K . 23.27 -25.96 -35.41
N3A NAD K . 23.66 -25.04 -36.28
C4A NAD K . 22.75 -24.86 -37.25
O3 NAD K . 22.80 -17.12 -41.97
PN NAD K . 23.19 -16.09 -40.81
O1N NAD K . 23.00 -14.70 -41.33
O2N NAD K . 24.50 -16.47 -40.22
O5D NAD K . 22.03 -16.40 -39.74
C5D NAD K . 22.24 -15.98 -38.36
C4D NAD K . 20.90 -15.72 -37.72
O4D NAD K . 20.41 -14.45 -38.18
C3D NAD K . 19.78 -16.73 -38.05
O3D NAD K . 19.00 -16.97 -36.90
C2D NAD K . 18.98 -15.94 -39.09
O2D NAD K . 17.64 -16.41 -39.25
C1D NAD K . 19.05 -14.54 -38.50
N1N NAD K . 18.73 -13.49 -39.51
C2N NAD K . 19.66 -13.19 -40.48
C3N NAD K . 19.42 -12.29 -41.47
C7N NAD K . 20.46 -12.15 -42.52
O7N NAD K . 21.60 -12.58 -42.32
N7N NAD K . 20.11 -11.59 -43.66
C4N NAD K . 18.16 -11.50 -41.43
C5N NAD K . 17.26 -11.85 -40.32
C6N NAD K . 17.55 -12.80 -39.46
ZN ZN L . -14.18 18.03 77.83
MG MG M . -17.35 18.31 39.21
#